data_6XTB
# 
_entry.id   6XTB 
# 
_audit_conform.dict_name       mmcif_pdbx.dic 
_audit_conform.dict_version    5.392 
_audit_conform.dict_location   http://mmcif.pdb.org/dictionaries/ascii/mmcif_pdbx.dic 
# 
loop_
_database_2.database_id 
_database_2.database_code 
_database_2.pdbx_database_accession 
_database_2.pdbx_DOI 
PDB   6XTB         pdb_00006xtb 10.2210/pdb6xtb/pdb 
WWPDB D_1292106265 ?            ?                   
EMDB  EMD-10618    ?            ?                   
# 
loop_
_pdbx_audit_revision_history.ordinal 
_pdbx_audit_revision_history.data_content_type 
_pdbx_audit_revision_history.major_revision 
_pdbx_audit_revision_history.minor_revision 
_pdbx_audit_revision_history.revision_date 
1 'Structure model' 1 0 2020-02-19 
2 'Structure model' 1 1 2020-07-29 
3 'Structure model' 1 2 2024-05-22 
# 
_pdbx_audit_revision_details.ordinal             1 
_pdbx_audit_revision_details.revision_ordinal    1 
_pdbx_audit_revision_details.data_content_type   'Structure model' 
_pdbx_audit_revision_details.provider            repository 
_pdbx_audit_revision_details.type                'Initial release' 
_pdbx_audit_revision_details.description         ? 
_pdbx_audit_revision_details.details             ? 
# 
loop_
_pdbx_audit_revision_group.ordinal 
_pdbx_audit_revision_group.revision_ordinal 
_pdbx_audit_revision_group.data_content_type 
_pdbx_audit_revision_group.group 
1 2 'Structure model' 'Data collection'     
2 3 'Structure model' 'Data collection'     
3 3 'Structure model' 'Database references' 
# 
loop_
_pdbx_audit_revision_category.ordinal 
_pdbx_audit_revision_category.revision_ordinal 
_pdbx_audit_revision_category.data_content_type 
_pdbx_audit_revision_category.category 
1 2 'Structure model' em_imaging_optics 
2 3 'Structure model' chem_comp_atom    
3 3 'Structure model' chem_comp_bond    
4 3 'Structure model' database_2        
# 
loop_
_pdbx_audit_revision_item.ordinal 
_pdbx_audit_revision_item.revision_ordinal 
_pdbx_audit_revision_item.data_content_type 
_pdbx_audit_revision_item.item 
1 2 'Structure model' '_em_imaging_optics.phase_plate'      
2 3 'Structure model' '_database_2.pdbx_DOI'                
3 3 'Structure model' '_database_2.pdbx_database_accession' 
# 
_pdbx_database_status.status_code                     REL 
_pdbx_database_status.status_code_sf                  ? 
_pdbx_database_status.status_code_mr                  ? 
_pdbx_database_status.entry_id                        6XTB 
_pdbx_database_status.recvd_initial_deposition_date   2020-01-15 
_pdbx_database_status.SG_entry                        N 
_pdbx_database_status.deposit_site                    PDBE 
_pdbx_database_status.process_site                    PDBE 
_pdbx_database_status.status_code_cs                  ? 
_pdbx_database_status.status_code_nmr_data            ? 
_pdbx_database_status.methods_development_category    ? 
_pdbx_database_status.pdb_format_compatible           Y 
# 
loop_
_pdbx_database_related.db_name 
_pdbx_database_related.details 
_pdbx_database_related.db_id 
_pdbx_database_related.content_type 
PDB  
;6XT9 contains the subunits BBS1,4,8,9 and 18 of the core BBSome complex, which are also present in this sample but were refined against a higher resolved map
;
6XT9      unspecified            
EMDB 
;EMD-10617 is a higher resolved map of the same sample of the human core BBSome complex, but the subunit BBS5 is not visible in that map
;
EMD-10617 'other EM volume'      
EMDB 'Subunit BBS 5 of the human core BBSome complex' EMD-10618 'associated EM volume' 
# 
loop_
_audit_author.name 
_audit_author.pdbx_ordinal 
_audit_author.identifier_ORCID 
'Klink, B.U.'      1 0000-0002-0946-4456 
'Raunser, S.'      2 0000-0001-9373-3016 
'Gatsogiannis, C.' 3 0000-0002-4922-4545 
# 
_citation.abstract                  ? 
_citation.abstract_id_CAS           ? 
_citation.book_id_ISBN              ? 
_citation.book_publisher            ? 
_citation.book_publisher_city       ? 
_citation.book_title                ? 
_citation.coordinate_linkage        ? 
_citation.country                   US 
_citation.database_id_Medline       ? 
_citation.details                   ? 
_citation.id                        primary 
_citation.journal_abbrev            Elife 
_citation.journal_id_ASTM           ? 
_citation.journal_id_CSD            ? 
_citation.journal_id_ISSN           2050-084X 
_citation.journal_full              ? 
_citation.journal_issue             ? 
_citation.journal_volume            9 
_citation.language                  ? 
_citation.page_first                ? 
_citation.page_last                 ? 
_citation.title                     'Structure of the human BBSome core complex.' 
_citation.year                      2020 
_citation.database_id_CSD           ? 
_citation.pdbx_database_id_DOI      10.7554/eLife.53910 
_citation.pdbx_database_id_PubMed   31951201 
_citation.unpublished_flag          ? 
# 
loop_
_citation_author.citation_id 
_citation_author.name 
_citation_author.ordinal 
_citation_author.identifier_ORCID 
primary 'Klink, B.U.'      1 0000-0002-0946-4456 
primary 'Gatsogiannis, C.' 2 0000-0002-4922-4545 
primary 'Hofnagel, O.'     3 ?                   
primary 'Wittinghofer, A.' 4 0000-0002-5800-0236 
primary 'Raunser, S.'      5 0000-0001-9373-3016 
# 
_entity.id                         1 
_entity.type                       polymer 
_entity.src_method                 man 
_entity.pdbx_description           'Bardet-Biedl syndrome 5 protein' 
_entity.formula_weight             38797.926 
_entity.pdbx_number_of_molecules   1 
_entity.pdbx_ec                    ? 
_entity.pdbx_mutation              ? 
_entity.pdbx_fragment              ? 
_entity.details                    ? 
# 
_entity_poly.entity_id                      1 
_entity_poly.type                           'polypeptide(L)' 
_entity_poly.nstd_linkage                   no 
_entity_poly.nstd_monomer                   no 
_entity_poly.pdbx_seq_one_letter_code       
;MSVLDALWEDRDVRFDLSAQQMKTRPGEVLIDCLDSIEDTKGNNGDRGRLLVTNLRILWHSLALSRVNVSVGYNCILNIT
TRTANSKLRGQTEALYILTKCNSTRFEFIFTNLVPGSPRLFTSVMAVHRAYETSKMYRDFKLRSALIQNKQLRLLPQEHV
YDKINGVWNLSSDQGNLGTFFITNVRIVWHANMNDSFNVSIPYLQIRSIKIRDSKFGLALVIESSQQSGGYVLGFKIDPV
EKLQESVKEINSLHKVYSASPIFGVDYEMEEKPQPLEALTVEQIQDDVEIDSDGHTDAFVAYFADGNKQQDREPVFSEEL
GLAIEKLKDGFTLQGLWEVMS
;
_entity_poly.pdbx_seq_one_letter_code_can   
;MSVLDALWEDRDVRFDLSAQQMKTRPGEVLIDCLDSIEDTKGNNGDRGRLLVTNLRILWHSLALSRVNVSVGYNCILNIT
TRTANSKLRGQTEALYILTKCNSTRFEFIFTNLVPGSPRLFTSVMAVHRAYETSKMYRDFKLRSALIQNKQLRLLPQEHV
YDKINGVWNLSSDQGNLGTFFITNVRIVWHANMNDSFNVSIPYLQIRSIKIRDSKFGLALVIESSQQSGGYVLGFKIDPV
EKLQESVKEINSLHKVYSASPIFGVDYEMEEKPQPLEALTVEQIQDDVEIDSDGHTDAFVAYFADGNKQQDREPVFSEEL
GLAIEKLKDGFTLQGLWEVMS
;
_entity_poly.pdbx_strand_id                 E 
_entity_poly.pdbx_target_identifier         ? 
# 
loop_
_entity_poly_seq.entity_id 
_entity_poly_seq.num 
_entity_poly_seq.mon_id 
_entity_poly_seq.hetero 
1 1   MET n 
1 2   SER n 
1 3   VAL n 
1 4   LEU n 
1 5   ASP n 
1 6   ALA n 
1 7   LEU n 
1 8   TRP n 
1 9   GLU n 
1 10  ASP n 
1 11  ARG n 
1 12  ASP n 
1 13  VAL n 
1 14  ARG n 
1 15  PHE n 
1 16  ASP n 
1 17  LEU n 
1 18  SER n 
1 19  ALA n 
1 20  GLN n 
1 21  GLN n 
1 22  MET n 
1 23  LYS n 
1 24  THR n 
1 25  ARG n 
1 26  PRO n 
1 27  GLY n 
1 28  GLU n 
1 29  VAL n 
1 30  LEU n 
1 31  ILE n 
1 32  ASP n 
1 33  CYS n 
1 34  LEU n 
1 35  ASP n 
1 36  SER n 
1 37  ILE n 
1 38  GLU n 
1 39  ASP n 
1 40  THR n 
1 41  LYS n 
1 42  GLY n 
1 43  ASN n 
1 44  ASN n 
1 45  GLY n 
1 46  ASP n 
1 47  ARG n 
1 48  GLY n 
1 49  ARG n 
1 50  LEU n 
1 51  LEU n 
1 52  VAL n 
1 53  THR n 
1 54  ASN n 
1 55  LEU n 
1 56  ARG n 
1 57  ILE n 
1 58  LEU n 
1 59  TRP n 
1 60  HIS n 
1 61  SER n 
1 62  LEU n 
1 63  ALA n 
1 64  LEU n 
1 65  SER n 
1 66  ARG n 
1 67  VAL n 
1 68  ASN n 
1 69  VAL n 
1 70  SER n 
1 71  VAL n 
1 72  GLY n 
1 73  TYR n 
1 74  ASN n 
1 75  CYS n 
1 76  ILE n 
1 77  LEU n 
1 78  ASN n 
1 79  ILE n 
1 80  THR n 
1 81  THR n 
1 82  ARG n 
1 83  THR n 
1 84  ALA n 
1 85  ASN n 
1 86  SER n 
1 87  LYS n 
1 88  LEU n 
1 89  ARG n 
1 90  GLY n 
1 91  GLN n 
1 92  THR n 
1 93  GLU n 
1 94  ALA n 
1 95  LEU n 
1 96  TYR n 
1 97  ILE n 
1 98  LEU n 
1 99  THR n 
1 100 LYS n 
1 101 CYS n 
1 102 ASN n 
1 103 SER n 
1 104 THR n 
1 105 ARG n 
1 106 PHE n 
1 107 GLU n 
1 108 PHE n 
1 109 ILE n 
1 110 PHE n 
1 111 THR n 
1 112 ASN n 
1 113 LEU n 
1 114 VAL n 
1 115 PRO n 
1 116 GLY n 
1 117 SER n 
1 118 PRO n 
1 119 ARG n 
1 120 LEU n 
1 121 PHE n 
1 122 THR n 
1 123 SER n 
1 124 VAL n 
1 125 MET n 
1 126 ALA n 
1 127 VAL n 
1 128 HIS n 
1 129 ARG n 
1 130 ALA n 
1 131 TYR n 
1 132 GLU n 
1 133 THR n 
1 134 SER n 
1 135 LYS n 
1 136 MET n 
1 137 TYR n 
1 138 ARG n 
1 139 ASP n 
1 140 PHE n 
1 141 LYS n 
1 142 LEU n 
1 143 ARG n 
1 144 SER n 
1 145 ALA n 
1 146 LEU n 
1 147 ILE n 
1 148 GLN n 
1 149 ASN n 
1 150 LYS n 
1 151 GLN n 
1 152 LEU n 
1 153 ARG n 
1 154 LEU n 
1 155 LEU n 
1 156 PRO n 
1 157 GLN n 
1 158 GLU n 
1 159 HIS n 
1 160 VAL n 
1 161 TYR n 
1 162 ASP n 
1 163 LYS n 
1 164 ILE n 
1 165 ASN n 
1 166 GLY n 
1 167 VAL n 
1 168 TRP n 
1 169 ASN n 
1 170 LEU n 
1 171 SER n 
1 172 SER n 
1 173 ASP n 
1 174 GLN n 
1 175 GLY n 
1 176 ASN n 
1 177 LEU n 
1 178 GLY n 
1 179 THR n 
1 180 PHE n 
1 181 PHE n 
1 182 ILE n 
1 183 THR n 
1 184 ASN n 
1 185 VAL n 
1 186 ARG n 
1 187 ILE n 
1 188 VAL n 
1 189 TRP n 
1 190 HIS n 
1 191 ALA n 
1 192 ASN n 
1 193 MET n 
1 194 ASN n 
1 195 ASP n 
1 196 SER n 
1 197 PHE n 
1 198 ASN n 
1 199 VAL n 
1 200 SER n 
1 201 ILE n 
1 202 PRO n 
1 203 TYR n 
1 204 LEU n 
1 205 GLN n 
1 206 ILE n 
1 207 ARG n 
1 208 SER n 
1 209 ILE n 
1 210 LYS n 
1 211 ILE n 
1 212 ARG n 
1 213 ASP n 
1 214 SER n 
1 215 LYS n 
1 216 PHE n 
1 217 GLY n 
1 218 LEU n 
1 219 ALA n 
1 220 LEU n 
1 221 VAL n 
1 222 ILE n 
1 223 GLU n 
1 224 SER n 
1 225 SER n 
1 226 GLN n 
1 227 GLN n 
1 228 SER n 
1 229 GLY n 
1 230 GLY n 
1 231 TYR n 
1 232 VAL n 
1 233 LEU n 
1 234 GLY n 
1 235 PHE n 
1 236 LYS n 
1 237 ILE n 
1 238 ASP n 
1 239 PRO n 
1 240 VAL n 
1 241 GLU n 
1 242 LYS n 
1 243 LEU n 
1 244 GLN n 
1 245 GLU n 
1 246 SER n 
1 247 VAL n 
1 248 LYS n 
1 249 GLU n 
1 250 ILE n 
1 251 ASN n 
1 252 SER n 
1 253 LEU n 
1 254 HIS n 
1 255 LYS n 
1 256 VAL n 
1 257 TYR n 
1 258 SER n 
1 259 ALA n 
1 260 SER n 
1 261 PRO n 
1 262 ILE n 
1 263 PHE n 
1 264 GLY n 
1 265 VAL n 
1 266 ASP n 
1 267 TYR n 
1 268 GLU n 
1 269 MET n 
1 270 GLU n 
1 271 GLU n 
1 272 LYS n 
1 273 PRO n 
1 274 GLN n 
1 275 PRO n 
1 276 LEU n 
1 277 GLU n 
1 278 ALA n 
1 279 LEU n 
1 280 THR n 
1 281 VAL n 
1 282 GLU n 
1 283 GLN n 
1 284 ILE n 
1 285 GLN n 
1 286 ASP n 
1 287 ASP n 
1 288 VAL n 
1 289 GLU n 
1 290 ILE n 
1 291 ASP n 
1 292 SER n 
1 293 ASP n 
1 294 GLY n 
1 295 HIS n 
1 296 THR n 
1 297 ASP n 
1 298 ALA n 
1 299 PHE n 
1 300 VAL n 
1 301 ALA n 
1 302 TYR n 
1 303 PHE n 
1 304 ALA n 
1 305 ASP n 
1 306 GLY n 
1 307 ASN n 
1 308 LYS n 
1 309 GLN n 
1 310 GLN n 
1 311 ASP n 
1 312 ARG n 
1 313 GLU n 
1 314 PRO n 
1 315 VAL n 
1 316 PHE n 
1 317 SER n 
1 318 GLU n 
1 319 GLU n 
1 320 LEU n 
1 321 GLY n 
1 322 LEU n 
1 323 ALA n 
1 324 ILE n 
1 325 GLU n 
1 326 LYS n 
1 327 LEU n 
1 328 LYS n 
1 329 ASP n 
1 330 GLY n 
1 331 PHE n 
1 332 THR n 
1 333 LEU n 
1 334 GLN n 
1 335 GLY n 
1 336 LEU n 
1 337 TRP n 
1 338 GLU n 
1 339 VAL n 
1 340 MET n 
1 341 SER n 
# 
_entity_src_gen.entity_id                          1 
_entity_src_gen.pdbx_src_id                        1 
_entity_src_gen.pdbx_alt_source_flag               sample 
_entity_src_gen.pdbx_seq_type                      'Biological sequence' 
_entity_src_gen.pdbx_beg_seq_num                   1 
_entity_src_gen.pdbx_end_seq_num                   341 
_entity_src_gen.gene_src_common_name               Human 
_entity_src_gen.gene_src_genus                     ? 
_entity_src_gen.pdbx_gene_src_gene                 BBS5 
_entity_src_gen.gene_src_species                   ? 
_entity_src_gen.gene_src_strain                    ? 
_entity_src_gen.gene_src_tissue                    ? 
_entity_src_gen.gene_src_tissue_fraction           ? 
_entity_src_gen.gene_src_details                   ? 
_entity_src_gen.pdbx_gene_src_fragment             ? 
_entity_src_gen.pdbx_gene_src_scientific_name      'Homo sapiens' 
_entity_src_gen.pdbx_gene_src_ncbi_taxonomy_id     9606 
_entity_src_gen.pdbx_gene_src_variant              ? 
_entity_src_gen.pdbx_gene_src_cell_line            ? 
_entity_src_gen.pdbx_gene_src_atcc                 ? 
_entity_src_gen.pdbx_gene_src_organ                ? 
_entity_src_gen.pdbx_gene_src_organelle            ? 
_entity_src_gen.pdbx_gene_src_cell                 ? 
_entity_src_gen.pdbx_gene_src_cellular_location    ? 
_entity_src_gen.host_org_common_name               'cabbage looper' 
_entity_src_gen.pdbx_host_org_scientific_name      'Trichoplusia ni' 
_entity_src_gen.pdbx_host_org_ncbi_taxonomy_id     7111 
_entity_src_gen.host_org_genus                     ? 
_entity_src_gen.pdbx_host_org_gene                 ? 
_entity_src_gen.pdbx_host_org_organ                ? 
_entity_src_gen.host_org_species                   ? 
_entity_src_gen.pdbx_host_org_tissue               ? 
_entity_src_gen.pdbx_host_org_tissue_fraction      ? 
_entity_src_gen.pdbx_host_org_strain               ? 
_entity_src_gen.pdbx_host_org_variant              ? 
_entity_src_gen.pdbx_host_org_cell_line            Hi5 
_entity_src_gen.pdbx_host_org_atcc                 ? 
_entity_src_gen.pdbx_host_org_culture_collection   ? 
_entity_src_gen.pdbx_host_org_cell                 ? 
_entity_src_gen.pdbx_host_org_organelle            ? 
_entity_src_gen.pdbx_host_org_cellular_location    ? 
_entity_src_gen.pdbx_host_org_vector_type          ACEMBL 
_entity_src_gen.pdbx_host_org_vector               ? 
_entity_src_gen.host_org_details                   ? 
_entity_src_gen.expression_system_id               ? 
_entity_src_gen.plasmid_name                       ? 
_entity_src_gen.plasmid_details                    ? 
_entity_src_gen.pdbx_description                   ? 
# 
loop_
_chem_comp.id 
_chem_comp.type 
_chem_comp.mon_nstd_flag 
_chem_comp.name 
_chem_comp.pdbx_synonyms 
_chem_comp.formula 
_chem_comp.formula_weight 
ALA 'L-peptide linking' y ALANINE         ? 'C3 H7 N O2'     89.093  
ARG 'L-peptide linking' y ARGININE        ? 'C6 H15 N4 O2 1' 175.209 
ASN 'L-peptide linking' y ASPARAGINE      ? 'C4 H8 N2 O3'    132.118 
ASP 'L-peptide linking' y 'ASPARTIC ACID' ? 'C4 H7 N O4'     133.103 
CYS 'L-peptide linking' y CYSTEINE        ? 'C3 H7 N O2 S'   121.158 
GLN 'L-peptide linking' y GLUTAMINE       ? 'C5 H10 N2 O3'   146.144 
GLU 'L-peptide linking' y 'GLUTAMIC ACID' ? 'C5 H9 N O4'     147.129 
GLY 'peptide linking'   y GLYCINE         ? 'C2 H5 N O2'     75.067  
HIS 'L-peptide linking' y HISTIDINE       ? 'C6 H10 N3 O2 1' 156.162 
ILE 'L-peptide linking' y ISOLEUCINE      ? 'C6 H13 N O2'    131.173 
LEU 'L-peptide linking' y LEUCINE         ? 'C6 H13 N O2'    131.173 
LYS 'L-peptide linking' y LYSINE          ? 'C6 H15 N2 O2 1' 147.195 
MET 'L-peptide linking' y METHIONINE      ? 'C5 H11 N O2 S'  149.211 
PHE 'L-peptide linking' y PHENYLALANINE   ? 'C9 H11 N O2'    165.189 
PRO 'L-peptide linking' y PROLINE         ? 'C5 H9 N O2'     115.130 
SER 'L-peptide linking' y SERINE          ? 'C3 H7 N O3'     105.093 
THR 'L-peptide linking' y THREONINE       ? 'C4 H9 N O3'     119.119 
TRP 'L-peptide linking' y TRYPTOPHAN      ? 'C11 H12 N2 O2'  204.225 
TYR 'L-peptide linking' y TYROSINE        ? 'C9 H11 N O3'    181.189 
VAL 'L-peptide linking' y VALINE          ? 'C5 H11 N O2'    117.146 
# 
loop_
_pdbx_poly_seq_scheme.asym_id 
_pdbx_poly_seq_scheme.entity_id 
_pdbx_poly_seq_scheme.seq_id 
_pdbx_poly_seq_scheme.mon_id 
_pdbx_poly_seq_scheme.ndb_seq_num 
_pdbx_poly_seq_scheme.pdb_seq_num 
_pdbx_poly_seq_scheme.auth_seq_num 
_pdbx_poly_seq_scheme.pdb_mon_id 
_pdbx_poly_seq_scheme.auth_mon_id 
_pdbx_poly_seq_scheme.pdb_strand_id 
_pdbx_poly_seq_scheme.pdb_ins_code 
_pdbx_poly_seq_scheme.hetero 
A 1 1   MET 1   1   ?   ?   ?   E . n 
A 1 2   SER 2   2   ?   ?   ?   E . n 
A 1 3   VAL 3   3   ?   ?   ?   E . n 
A 1 4   LEU 4   4   ?   ?   ?   E . n 
A 1 5   ASP 5   5   5   ASP ALA E . n 
A 1 6   ALA 6   6   6   ALA ALA E . n 
A 1 7   LEU 7   7   7   LEU ALA E . n 
A 1 8   TRP 8   8   8   TRP ALA E . n 
A 1 9   GLU 9   9   9   GLU ALA E . n 
A 1 10  ASP 10  10  10  ASP ALA E . n 
A 1 11  ARG 11  11  11  ARG ALA E . n 
A 1 12  ASP 12  12  12  ASP ALA E . n 
A 1 13  VAL 13  13  13  VAL ALA E . n 
A 1 14  ARG 14  14  14  ARG ALA E . n 
A 1 15  PHE 15  15  15  PHE ALA E . n 
A 1 16  ASP 16  16  16  ASP ALA E . n 
A 1 17  LEU 17  17  17  LEU ALA E . n 
A 1 18  SER 18  18  18  SER ALA E . n 
A 1 19  ALA 19  19  19  ALA ALA E . n 
A 1 20  GLN 20  20  20  GLN ALA E . n 
A 1 21  GLN 21  21  21  GLN ALA E . n 
A 1 22  MET 22  22  22  MET ALA E . n 
A 1 23  LYS 23  23  23  LYS ALA E . n 
A 1 24  THR 24  24  24  THR ALA E . n 
A 1 25  ARG 25  25  25  ARG ALA E . n 
A 1 26  PRO 26  26  26  PRO ALA E . n 
A 1 27  GLY 27  27  27  GLY ALA E . n 
A 1 28  GLU 28  28  28  GLU ALA E . n 
A 1 29  VAL 29  29  29  VAL ALA E . n 
A 1 30  LEU 30  30  30  LEU ALA E . n 
A 1 31  ILE 31  31  31  ILE ALA E . n 
A 1 32  ASP 32  32  32  ASP ALA E . n 
A 1 33  CYS 33  33  33  CYS ALA E . n 
A 1 34  LEU 34  34  34  LEU ALA E . n 
A 1 35  ASP 35  35  35  ASP ALA E . n 
A 1 36  SER 36  36  36  SER ALA E . n 
A 1 37  ILE 37  37  37  ILE ALA E . n 
A 1 38  GLU 38  38  38  GLU ALA E . n 
A 1 39  ASP 39  39  39  ASP ALA E . n 
A 1 40  THR 40  40  40  THR ALA E . n 
A 1 41  LYS 41  41  41  LYS ALA E . n 
A 1 42  GLY 42  42  42  GLY ALA E . n 
A 1 43  ASN 43  43  43  ASN ALA E . n 
A 1 44  ASN 44  44  44  ASN ALA E . n 
A 1 45  GLY 45  45  45  GLY ALA E . n 
A 1 46  ASP 46  46  46  ASP ALA E . n 
A 1 47  ARG 47  47  47  ARG ALA E . n 
A 1 48  GLY 48  48  48  GLY ALA E . n 
A 1 49  ARG 49  49  49  ARG ALA E . n 
A 1 50  LEU 50  50  50  LEU ALA E . n 
A 1 51  LEU 51  51  51  LEU ALA E . n 
A 1 52  VAL 52  52  52  VAL ALA E . n 
A 1 53  THR 53  53  53  THR ALA E . n 
A 1 54  ASN 54  54  54  ASN ALA E . n 
A 1 55  LEU 55  55  55  LEU ALA E . n 
A 1 56  ARG 56  56  56  ARG ALA E . n 
A 1 57  ILE 57  57  57  ILE ALA E . n 
A 1 58  LEU 58  58  58  LEU ALA E . n 
A 1 59  TRP 59  59  59  TRP ALA E . n 
A 1 60  HIS 60  60  60  HIS ALA E . n 
A 1 61  SER 61  61  61  SER ALA E . n 
A 1 62  LEU 62  62  62  LEU ALA E . n 
A 1 63  ALA 63  63  63  ALA ALA E . n 
A 1 64  LEU 64  64  64  LEU ALA E . n 
A 1 65  SER 65  65  65  SER ALA E . n 
A 1 66  ARG 66  66  66  ARG ALA E . n 
A 1 67  VAL 67  67  67  VAL ALA E . n 
A 1 68  ASN 68  68  68  ASN ALA E . n 
A 1 69  VAL 69  69  69  VAL ALA E . n 
A 1 70  SER 70  70  70  SER ALA E . n 
A 1 71  VAL 71  71  71  VAL ALA E . n 
A 1 72  GLY 72  72  72  GLY ALA E . n 
A 1 73  TYR 73  73  73  TYR ALA E . n 
A 1 74  ASN 74  74  74  ASN ALA E . n 
A 1 75  CYS 75  75  75  CYS ALA E . n 
A 1 76  ILE 76  76  76  ILE ALA E . n 
A 1 77  LEU 77  77  77  LEU ALA E . n 
A 1 78  ASN 78  78  78  ASN ALA E . n 
A 1 79  ILE 79  79  79  ILE ALA E . n 
A 1 80  THR 80  80  80  THR ALA E . n 
A 1 81  THR 81  81  81  THR ALA E . n 
A 1 82  ARG 82  82  82  ARG ALA E . n 
A 1 83  THR 83  83  83  THR ALA E . n 
A 1 84  ALA 84  84  84  ALA ALA E . n 
A 1 85  ASN 85  85  85  ASN ALA E . n 
A 1 86  SER 86  86  86  SER ALA E . n 
A 1 87  LYS 87  87  87  LYS ALA E . n 
A 1 88  LEU 88  88  88  LEU ALA E . n 
A 1 89  ARG 89  89  89  ARG ALA E . n 
A 1 90  GLY 90  90  90  GLY ALA E . n 
A 1 91  GLN 91  91  91  GLN ALA E . n 
A 1 92  THR 92  92  92  THR ALA E . n 
A 1 93  GLU 93  93  93  GLU ALA E . n 
A 1 94  ALA 94  94  94  ALA ALA E . n 
A 1 95  LEU 95  95  95  LEU ALA E . n 
A 1 96  TYR 96  96  96  TYR ALA E . n 
A 1 97  ILE 97  97  97  ILE ALA E . n 
A 1 98  LEU 98  98  98  LEU ALA E . n 
A 1 99  THR 99  99  99  THR ALA E . n 
A 1 100 LYS 100 100 100 LYS ALA E . n 
A 1 101 CYS 101 101 101 CYS ALA E . n 
A 1 102 ASN 102 102 102 ASN ALA E . n 
A 1 103 SER 103 103 103 SER ALA E . n 
A 1 104 THR 104 104 104 THR ALA E . n 
A 1 105 ARG 105 105 105 ARG ALA E . n 
A 1 106 PHE 106 106 106 PHE ALA E . n 
A 1 107 GLU 107 107 107 GLU ALA E . n 
A 1 108 PHE 108 108 108 PHE ALA E . n 
A 1 109 ILE 109 109 109 ILE ALA E . n 
A 1 110 PHE 110 110 110 PHE ALA E . n 
A 1 111 THR 111 111 111 THR ALA E . n 
A 1 112 ASN 112 112 112 ASN ALA E . n 
A 1 113 LEU 113 113 113 LEU ALA E . n 
A 1 114 VAL 114 114 114 VAL ALA E . n 
A 1 115 PRO 115 115 115 PRO ALA E . n 
A 1 116 GLY 116 116 116 GLY ALA E . n 
A 1 117 SER 117 117 117 SER ALA E . n 
A 1 118 PRO 118 118 118 PRO ALA E . n 
A 1 119 ARG 119 119 119 ARG ALA E . n 
A 1 120 LEU 120 120 120 LEU ALA E . n 
A 1 121 PHE 121 121 121 PHE ALA E . n 
A 1 122 THR 122 122 122 THR ALA E . n 
A 1 123 SER 123 123 123 SER ALA E . n 
A 1 124 VAL 124 124 124 VAL ALA E . n 
A 1 125 MET 125 125 125 MET ALA E . n 
A 1 126 ALA 126 126 126 ALA ALA E . n 
A 1 127 VAL 127 127 127 VAL ALA E . n 
A 1 128 HIS 128 128 128 HIS ALA E . n 
A 1 129 ARG 129 129 129 ARG ALA E . n 
A 1 130 ALA 130 130 130 ALA ALA E . n 
A 1 131 TYR 131 131 131 TYR ALA E . n 
A 1 132 GLU 132 132 132 GLU ALA E . n 
A 1 133 THR 133 133 133 THR ALA E . n 
A 1 134 SER 134 134 134 SER ALA E . n 
A 1 135 LYS 135 135 ?   ?   ?   E . n 
A 1 136 MET 136 136 ?   ?   ?   E . n 
A 1 137 TYR 137 137 ?   ?   ?   E . n 
A 1 138 ARG 138 138 ?   ?   ?   E . n 
A 1 139 ASP 139 139 ?   ?   ?   E . n 
A 1 140 PHE 140 140 ?   ?   ?   E . n 
A 1 141 LYS 141 141 ?   ?   ?   E . n 
A 1 142 LEU 142 142 ?   ?   ?   E . n 
A 1 143 ARG 143 143 ?   ?   ?   E . n 
A 1 144 SER 144 144 ?   ?   ?   E . n 
A 1 145 ALA 145 145 ?   ?   ?   E . n 
A 1 146 LEU 146 146 ?   ?   ?   E . n 
A 1 147 ILE 147 147 ?   ?   ?   E . n 
A 1 148 GLN 148 148 ?   ?   ?   E . n 
A 1 149 ASN 149 149 149 ASN ALA E . n 
A 1 150 LYS 150 150 150 LYS ALA E . n 
A 1 151 GLN 151 151 151 GLN ALA E . n 
A 1 152 LEU 152 152 152 LEU ALA E . n 
A 1 153 ARG 153 153 153 ARG ALA E . n 
A 1 154 LEU 154 154 154 LEU ALA E . n 
A 1 155 LEU 155 155 155 LEU ALA E . n 
A 1 156 PRO 156 156 156 PRO ALA E . n 
A 1 157 GLN 157 157 157 GLN ALA E . n 
A 1 158 GLU 158 158 158 GLU ALA E . n 
A 1 159 HIS 159 159 159 HIS ALA E . n 
A 1 160 VAL 160 160 160 VAL ALA E . n 
A 1 161 TYR 161 161 161 TYR ALA E . n 
A 1 162 ASP 162 162 162 ASP ALA E . n 
A 1 163 LYS 163 163 163 LYS ALA E . n 
A 1 164 ILE 164 164 164 ILE ALA E . n 
A 1 165 ASN 165 165 165 ASN ALA E . n 
A 1 166 GLY 166 166 166 GLY ALA E . n 
A 1 167 VAL 167 167 167 VAL ALA E . n 
A 1 168 TRP 168 168 168 TRP ALA E . n 
A 1 169 ASN 169 169 169 ASN ALA E . n 
A 1 170 LEU 170 170 170 LEU ALA E . n 
A 1 171 SER 171 171 171 SER ALA E . n 
A 1 172 SER 172 172 172 SER ALA E . n 
A 1 173 ASP 173 173 173 ASP ALA E . n 
A 1 174 GLN 174 174 174 GLN ALA E . n 
A 1 175 GLY 175 175 175 GLY ALA E . n 
A 1 176 ASN 176 176 176 ASN ALA E . n 
A 1 177 LEU 177 177 177 LEU ALA E . n 
A 1 178 GLY 178 178 178 GLY ALA E . n 
A 1 179 THR 179 179 179 THR ALA E . n 
A 1 180 PHE 180 180 180 PHE ALA E . n 
A 1 181 PHE 181 181 181 PHE ALA E . n 
A 1 182 ILE 182 182 182 ILE ALA E . n 
A 1 183 THR 183 183 183 THR ALA E . n 
A 1 184 ASN 184 184 184 ASN ALA E . n 
A 1 185 VAL 185 185 185 VAL ALA E . n 
A 1 186 ARG 186 186 186 ARG ALA E . n 
A 1 187 ILE 187 187 187 ILE ALA E . n 
A 1 188 VAL 188 188 188 VAL ALA E . n 
A 1 189 TRP 189 189 189 TRP ALA E . n 
A 1 190 HIS 190 190 190 HIS ALA E . n 
A 1 191 ALA 191 191 191 ALA ALA E . n 
A 1 192 ASN 192 192 192 ASN ALA E . n 
A 1 193 MET 193 193 193 MET ALA E . n 
A 1 194 ASN 194 194 194 ASN ALA E . n 
A 1 195 ASP 195 195 195 ASP ALA E . n 
A 1 196 SER 196 196 196 SER ALA E . n 
A 1 197 PHE 197 197 197 PHE ALA E . n 
A 1 198 ASN 198 198 198 ASN ALA E . n 
A 1 199 VAL 199 199 199 VAL ALA E . n 
A 1 200 SER 200 200 200 SER ALA E . n 
A 1 201 ILE 201 201 201 ILE ALA E . n 
A 1 202 PRO 202 202 202 PRO ALA E . n 
A 1 203 TYR 203 203 203 TYR ALA E . n 
A 1 204 LEU 204 204 204 LEU ALA E . n 
A 1 205 GLN 205 205 205 GLN ALA E . n 
A 1 206 ILE 206 206 206 ILE ALA E . n 
A 1 207 ARG 207 207 207 ARG ALA E . n 
A 1 208 SER 208 208 208 SER ALA E . n 
A 1 209 ILE 209 209 209 ILE ALA E . n 
A 1 210 LYS 210 210 210 LYS ALA E . n 
A 1 211 ILE 211 211 211 ILE ALA E . n 
A 1 212 ARG 212 212 212 ARG ALA E . n 
A 1 213 ASP 213 213 213 ASP ALA E . n 
A 1 214 SER 214 214 214 SER ALA E . n 
A 1 215 LYS 215 215 215 LYS ALA E . n 
A 1 216 PHE 216 216 216 PHE ALA E . n 
A 1 217 GLY 217 217 217 GLY ALA E . n 
A 1 218 LEU 218 218 218 LEU ALA E . n 
A 1 219 ALA 219 219 219 ALA ALA E . n 
A 1 220 LEU 220 220 220 LEU ALA E . n 
A 1 221 VAL 221 221 221 VAL ALA E . n 
A 1 222 ILE 222 222 222 ILE ALA E . n 
A 1 223 GLU 223 223 223 GLU ALA E . n 
A 1 224 SER 224 224 224 SER ALA E . n 
A 1 225 SER 225 225 225 SER ALA E . n 
A 1 226 GLN 226 226 226 GLN ALA E . n 
A 1 227 GLN 227 227 227 GLN ALA E . n 
A 1 228 SER 228 228 228 SER ALA E . n 
A 1 229 GLY 229 229 229 GLY ALA E . n 
A 1 230 GLY 230 230 230 GLY ALA E . n 
A 1 231 TYR 231 231 231 TYR ALA E . n 
A 1 232 VAL 232 232 232 VAL ALA E . n 
A 1 233 LEU 233 233 233 LEU ALA E . n 
A 1 234 GLY 234 234 234 GLY ALA E . n 
A 1 235 PHE 235 235 235 PHE ALA E . n 
A 1 236 LYS 236 236 236 LYS ALA E . n 
A 1 237 ILE 237 237 237 ILE ALA E . n 
A 1 238 ASP 238 238 238 ASP ALA E . n 
A 1 239 PRO 239 239 239 PRO ALA E . n 
A 1 240 VAL 240 240 240 VAL ALA E . n 
A 1 241 GLU 241 241 241 GLU ALA E . n 
A 1 242 LYS 242 242 242 LYS ALA E . n 
A 1 243 LEU 243 243 243 LEU ALA E . n 
A 1 244 GLN 244 244 244 GLN ALA E . n 
A 1 245 GLU 245 245 245 GLU ALA E . n 
A 1 246 SER 246 246 246 SER ALA E . n 
A 1 247 VAL 247 247 247 VAL ALA E . n 
A 1 248 LYS 248 248 248 LYS ALA E . n 
A 1 249 GLU 249 249 249 GLU ALA E . n 
A 1 250 ILE 250 250 250 ILE ALA E . n 
A 1 251 ASN 251 251 251 ASN ALA E . n 
A 1 252 SER 252 252 252 SER ALA E . n 
A 1 253 LEU 253 253 253 LEU ALA E . n 
A 1 254 HIS 254 254 ?   ?   ?   E . n 
A 1 255 LYS 255 255 ?   ?   ?   E . n 
A 1 256 VAL 256 256 ?   ?   ?   E . n 
A 1 257 TYR 257 257 ?   ?   ?   E . n 
A 1 258 SER 258 258 ?   ?   ?   E . n 
A 1 259 ALA 259 259 ?   ?   ?   E . n 
A 1 260 SER 260 260 ?   ?   ?   E . n 
A 1 261 PRO 261 261 ?   ?   ?   E . n 
A 1 262 ILE 262 262 ?   ?   ?   E . n 
A 1 263 PHE 263 263 ?   ?   ?   E . n 
A 1 264 GLY 264 264 ?   ?   ?   E . n 
A 1 265 VAL 265 265 ?   ?   ?   E . n 
A 1 266 ASP 266 266 ?   ?   ?   E . n 
A 1 267 TYR 267 267 ?   ?   ?   E . n 
A 1 268 GLU 268 268 ?   ?   ?   E . n 
A 1 269 MET 269 269 ?   ?   ?   E . n 
A 1 270 GLU 270 270 ?   ?   ?   E . n 
A 1 271 GLU 271 271 ?   ?   ?   E . n 
A 1 272 LYS 272 272 ?   ?   ?   E . n 
A 1 273 PRO 273 273 ?   ?   ?   E . n 
A 1 274 GLN 274 274 ?   ?   ?   E . n 
A 1 275 PRO 275 275 ?   ?   ?   E . n 
A 1 276 LEU 276 276 ?   ?   ?   E . n 
A 1 277 GLU 277 277 ?   ?   ?   E . n 
A 1 278 ALA 278 278 ?   ?   ?   E . n 
A 1 279 LEU 279 279 ?   ?   ?   E . n 
A 1 280 THR 280 280 ?   ?   ?   E . n 
A 1 281 VAL 281 281 ?   ?   ?   E . n 
A 1 282 GLU 282 282 ?   ?   ?   E . n 
A 1 283 GLN 283 283 ?   ?   ?   E . n 
A 1 284 ILE 284 284 ?   ?   ?   E . n 
A 1 285 GLN 285 285 ?   ?   ?   E . n 
A 1 286 ASP 286 286 ?   ?   ?   E . n 
A 1 287 ASP 287 287 ?   ?   ?   E . n 
A 1 288 VAL 288 288 ?   ?   ?   E . n 
A 1 289 GLU 289 289 ?   ?   ?   E . n 
A 1 290 ILE 290 290 ?   ?   ?   E . n 
A 1 291 ASP 291 291 ?   ?   ?   E . n 
A 1 292 SER 292 292 ?   ?   ?   E . n 
A 1 293 ASP 293 293 ?   ?   ?   E . n 
A 1 294 GLY 294 294 ?   ?   ?   E . n 
A 1 295 HIS 295 295 ?   ?   ?   E . n 
A 1 296 THR 296 296 ?   ?   ?   E . n 
A 1 297 ASP 297 297 ?   ?   ?   E . n 
A 1 298 ALA 298 298 ?   ?   ?   E . n 
A 1 299 PHE 299 299 ?   ?   ?   E . n 
A 1 300 VAL 300 300 ?   ?   ?   E . n 
A 1 301 ALA 301 301 ?   ?   ?   E . n 
A 1 302 TYR 302 302 ?   ?   ?   E . n 
A 1 303 PHE 303 303 ?   ?   ?   E . n 
A 1 304 ALA 304 304 ?   ?   ?   E . n 
A 1 305 ASP 305 305 ?   ?   ?   E . n 
A 1 306 GLY 306 306 ?   ?   ?   E . n 
A 1 307 ASN 307 307 ?   ?   ?   E . n 
A 1 308 LYS 308 308 ?   ?   ?   E . n 
A 1 309 GLN 309 309 ?   ?   ?   E . n 
A 1 310 GLN 310 310 ?   ?   ?   E . n 
A 1 311 ASP 311 311 ?   ?   ?   E . n 
A 1 312 ARG 312 312 ?   ?   ?   E . n 
A 1 313 GLU 313 313 ?   ?   ?   E . n 
A 1 314 PRO 314 314 ?   ?   ?   E . n 
A 1 315 VAL 315 315 ?   ?   ?   E . n 
A 1 316 PHE 316 316 ?   ?   ?   E . n 
A 1 317 SER 317 317 ?   ?   ?   E . n 
A 1 318 GLU 318 318 ?   ?   ?   E . n 
A 1 319 GLU 319 319 ?   ?   ?   E . n 
A 1 320 LEU 320 320 ?   ?   ?   E . n 
A 1 321 GLY 321 321 ?   ?   ?   E . n 
A 1 322 LEU 322 322 ?   ?   ?   E . n 
A 1 323 ALA 323 323 ?   ?   ?   E . n 
A 1 324 ILE 324 324 ?   ?   ?   E . n 
A 1 325 GLU 325 325 ?   ?   ?   E . n 
A 1 326 LYS 326 326 ?   ?   ?   E . n 
A 1 327 LEU 327 327 ?   ?   ?   E . n 
A 1 328 LYS 328 328 ?   ?   ?   E . n 
A 1 329 ASP 329 329 ?   ?   ?   E . n 
A 1 330 GLY 330 330 ?   ?   ?   E . n 
A 1 331 PHE 331 331 ?   ?   ?   E . n 
A 1 332 THR 332 332 ?   ?   ?   E . n 
A 1 333 LEU 333 333 ?   ?   ?   E . n 
A 1 334 GLN 334 334 ?   ?   ?   E . n 
A 1 335 GLY 335 335 ?   ?   ?   E . n 
A 1 336 LEU 336 336 ?   ?   ?   E . n 
A 1 337 TRP 337 337 ?   ?   ?   E . n 
A 1 338 GLU 338 338 ?   ?   ?   E . n 
A 1 339 VAL 339 339 ?   ?   ?   E . n 
A 1 340 MET 340 340 ?   ?   ?   E . n 
A 1 341 SER 341 341 ?   ?   ?   E . n 
# 
loop_
_pdbx_unobs_or_zero_occ_atoms.id 
_pdbx_unobs_or_zero_occ_atoms.PDB_model_num 
_pdbx_unobs_or_zero_occ_atoms.polymer_flag 
_pdbx_unobs_or_zero_occ_atoms.occupancy_flag 
_pdbx_unobs_or_zero_occ_atoms.auth_asym_id 
_pdbx_unobs_or_zero_occ_atoms.auth_comp_id 
_pdbx_unobs_or_zero_occ_atoms.auth_seq_id 
_pdbx_unobs_or_zero_occ_atoms.PDB_ins_code 
_pdbx_unobs_or_zero_occ_atoms.auth_atom_id 
_pdbx_unobs_or_zero_occ_atoms.label_alt_id 
_pdbx_unobs_or_zero_occ_atoms.label_asym_id 
_pdbx_unobs_or_zero_occ_atoms.label_comp_id 
_pdbx_unobs_or_zero_occ_atoms.label_seq_id 
_pdbx_unobs_or_zero_occ_atoms.label_atom_id 
1   1 Y 1 E ASP 5   ? CG  ? A ASP 5   CG  
2   1 Y 1 E ASP 5   ? OD1 ? A ASP 5   OD1 
3   1 Y 1 E ASP 5   ? OD2 ? A ASP 5   OD2 
4   1 Y 1 E LEU 7   ? CG  ? A LEU 7   CG  
5   1 Y 1 E LEU 7   ? CD1 ? A LEU 7   CD1 
6   1 Y 1 E LEU 7   ? CD2 ? A LEU 7   CD2 
7   1 Y 1 E TRP 8   ? CG  ? A TRP 8   CG  
8   1 Y 1 E TRP 8   ? CD1 ? A TRP 8   CD1 
9   1 Y 1 E TRP 8   ? CD2 ? A TRP 8   CD2 
10  1 Y 1 E TRP 8   ? NE1 ? A TRP 8   NE1 
11  1 Y 1 E TRP 8   ? CE2 ? A TRP 8   CE2 
12  1 Y 1 E TRP 8   ? CE3 ? A TRP 8   CE3 
13  1 Y 1 E TRP 8   ? CZ2 ? A TRP 8   CZ2 
14  1 Y 1 E TRP 8   ? CZ3 ? A TRP 8   CZ3 
15  1 Y 1 E TRP 8   ? CH2 ? A TRP 8   CH2 
16  1 Y 1 E GLU 9   ? CG  ? A GLU 9   CG  
17  1 Y 1 E GLU 9   ? CD  ? A GLU 9   CD  
18  1 Y 1 E GLU 9   ? OE1 ? A GLU 9   OE1 
19  1 Y 1 E GLU 9   ? OE2 ? A GLU 9   OE2 
20  1 Y 1 E ASP 10  ? CG  ? A ASP 10  CG  
21  1 Y 1 E ASP 10  ? OD1 ? A ASP 10  OD1 
22  1 Y 1 E ASP 10  ? OD2 ? A ASP 10  OD2 
23  1 Y 1 E ARG 11  ? CG  ? A ARG 11  CG  
24  1 Y 1 E ARG 11  ? CD  ? A ARG 11  CD  
25  1 Y 1 E ARG 11  ? NE  ? A ARG 11  NE  
26  1 Y 1 E ARG 11  ? CZ  ? A ARG 11  CZ  
27  1 Y 1 E ARG 11  ? NH1 ? A ARG 11  NH1 
28  1 Y 1 E ARG 11  ? NH2 ? A ARG 11  NH2 
29  1 Y 1 E ASP 12  ? CG  ? A ASP 12  CG  
30  1 Y 1 E ASP 12  ? OD1 ? A ASP 12  OD1 
31  1 Y 1 E ASP 12  ? OD2 ? A ASP 12  OD2 
32  1 Y 1 E VAL 13  ? CG1 ? A VAL 13  CG1 
33  1 Y 1 E VAL 13  ? CG2 ? A VAL 13  CG2 
34  1 Y 1 E ARG 14  ? CG  ? A ARG 14  CG  
35  1 Y 1 E ARG 14  ? CD  ? A ARG 14  CD  
36  1 Y 1 E ARG 14  ? NE  ? A ARG 14  NE  
37  1 Y 1 E ARG 14  ? CZ  ? A ARG 14  CZ  
38  1 Y 1 E ARG 14  ? NH1 ? A ARG 14  NH1 
39  1 Y 1 E ARG 14  ? NH2 ? A ARG 14  NH2 
40  1 Y 1 E PHE 15  ? CG  ? A PHE 15  CG  
41  1 Y 1 E PHE 15  ? CD1 ? A PHE 15  CD1 
42  1 Y 1 E PHE 15  ? CD2 ? A PHE 15  CD2 
43  1 Y 1 E PHE 15  ? CE1 ? A PHE 15  CE1 
44  1 Y 1 E PHE 15  ? CE2 ? A PHE 15  CE2 
45  1 Y 1 E PHE 15  ? CZ  ? A PHE 15  CZ  
46  1 Y 1 E ASP 16  ? CG  ? A ASP 16  CG  
47  1 Y 1 E ASP 16  ? OD1 ? A ASP 16  OD1 
48  1 Y 1 E ASP 16  ? OD2 ? A ASP 16  OD2 
49  1 Y 1 E LEU 17  ? CG  ? A LEU 17  CG  
50  1 Y 1 E LEU 17  ? CD1 ? A LEU 17  CD1 
51  1 Y 1 E LEU 17  ? CD2 ? A LEU 17  CD2 
52  1 Y 1 E SER 18  ? OG  ? A SER 18  OG  
53  1 Y 1 E GLN 20  ? CG  ? A GLN 20  CG  
54  1 Y 1 E GLN 20  ? CD  ? A GLN 20  CD  
55  1 Y 1 E GLN 20  ? OE1 ? A GLN 20  OE1 
56  1 Y 1 E GLN 20  ? NE2 ? A GLN 20  NE2 
57  1 Y 1 E GLN 21  ? CG  ? A GLN 21  CG  
58  1 Y 1 E GLN 21  ? CD  ? A GLN 21  CD  
59  1 Y 1 E GLN 21  ? OE1 ? A GLN 21  OE1 
60  1 Y 1 E GLN 21  ? NE2 ? A GLN 21  NE2 
61  1 Y 1 E MET 22  ? CG  ? A MET 22  CG  
62  1 Y 1 E MET 22  ? SD  ? A MET 22  SD  
63  1 Y 1 E MET 22  ? CE  ? A MET 22  CE  
64  1 Y 1 E LYS 23  ? CG  ? A LYS 23  CG  
65  1 Y 1 E LYS 23  ? CD  ? A LYS 23  CD  
66  1 Y 1 E LYS 23  ? CE  ? A LYS 23  CE  
67  1 Y 1 E LYS 23  ? NZ  ? A LYS 23  NZ  
68  1 Y 1 E THR 24  ? OG1 ? A THR 24  OG1 
69  1 Y 1 E THR 24  ? CG2 ? A THR 24  CG2 
70  1 Y 1 E ARG 25  ? CG  ? A ARG 25  CG  
71  1 Y 1 E ARG 25  ? CD  ? A ARG 25  CD  
72  1 Y 1 E ARG 25  ? NE  ? A ARG 25  NE  
73  1 Y 1 E ARG 25  ? CZ  ? A ARG 25  CZ  
74  1 Y 1 E ARG 25  ? NH1 ? A ARG 25  NH1 
75  1 Y 1 E ARG 25  ? NH2 ? A ARG 25  NH2 
76  1 Y 1 E PRO 26  ? CG  ? A PRO 26  CG  
77  1 Y 1 E PRO 26  ? CD  ? A PRO 26  CD  
78  1 Y 1 E GLU 28  ? CG  ? A GLU 28  CG  
79  1 Y 1 E GLU 28  ? CD  ? A GLU 28  CD  
80  1 Y 1 E GLU 28  ? OE1 ? A GLU 28  OE1 
81  1 Y 1 E GLU 28  ? OE2 ? A GLU 28  OE2 
82  1 Y 1 E VAL 29  ? CG1 ? A VAL 29  CG1 
83  1 Y 1 E VAL 29  ? CG2 ? A VAL 29  CG2 
84  1 Y 1 E LEU 30  ? CG  ? A LEU 30  CG  
85  1 Y 1 E LEU 30  ? CD1 ? A LEU 30  CD1 
86  1 Y 1 E LEU 30  ? CD2 ? A LEU 30  CD2 
87  1 Y 1 E ILE 31  ? CG1 ? A ILE 31  CG1 
88  1 Y 1 E ILE 31  ? CG2 ? A ILE 31  CG2 
89  1 Y 1 E ILE 31  ? CD1 ? A ILE 31  CD1 
90  1 Y 1 E ASP 32  ? CG  ? A ASP 32  CG  
91  1 Y 1 E ASP 32  ? OD1 ? A ASP 32  OD1 
92  1 Y 1 E ASP 32  ? OD2 ? A ASP 32  OD2 
93  1 Y 1 E CYS 33  ? SG  ? A CYS 33  SG  
94  1 Y 1 E LEU 34  ? CG  ? A LEU 34  CG  
95  1 Y 1 E LEU 34  ? CD1 ? A LEU 34  CD1 
96  1 Y 1 E LEU 34  ? CD2 ? A LEU 34  CD2 
97  1 Y 1 E ASP 35  ? CG  ? A ASP 35  CG  
98  1 Y 1 E ASP 35  ? OD1 ? A ASP 35  OD1 
99  1 Y 1 E ASP 35  ? OD2 ? A ASP 35  OD2 
100 1 Y 1 E SER 36  ? OG  ? A SER 36  OG  
101 1 Y 1 E ILE 37  ? CG1 ? A ILE 37  CG1 
102 1 Y 1 E ILE 37  ? CG2 ? A ILE 37  CG2 
103 1 Y 1 E ILE 37  ? CD1 ? A ILE 37  CD1 
104 1 Y 1 E GLU 38  ? CG  ? A GLU 38  CG  
105 1 Y 1 E GLU 38  ? CD  ? A GLU 38  CD  
106 1 Y 1 E GLU 38  ? OE1 ? A GLU 38  OE1 
107 1 Y 1 E GLU 38  ? OE2 ? A GLU 38  OE2 
108 1 Y 1 E ASP 39  ? CG  ? A ASP 39  CG  
109 1 Y 1 E ASP 39  ? OD1 ? A ASP 39  OD1 
110 1 Y 1 E ASP 39  ? OD2 ? A ASP 39  OD2 
111 1 Y 1 E THR 40  ? OG1 ? A THR 40  OG1 
112 1 Y 1 E THR 40  ? CG2 ? A THR 40  CG2 
113 1 Y 1 E LYS 41  ? CG  ? A LYS 41  CG  
114 1 Y 1 E LYS 41  ? CD  ? A LYS 41  CD  
115 1 Y 1 E LYS 41  ? CE  ? A LYS 41  CE  
116 1 Y 1 E LYS 41  ? NZ  ? A LYS 41  NZ  
117 1 Y 1 E ASN 43  ? CG  ? A ASN 43  CG  
118 1 Y 1 E ASN 43  ? OD1 ? A ASN 43  OD1 
119 1 Y 1 E ASN 43  ? ND2 ? A ASN 43  ND2 
120 1 Y 1 E ASN 44  ? CG  ? A ASN 44  CG  
121 1 Y 1 E ASN 44  ? OD1 ? A ASN 44  OD1 
122 1 Y 1 E ASN 44  ? ND2 ? A ASN 44  ND2 
123 1 Y 1 E ASP 46  ? CG  ? A ASP 46  CG  
124 1 Y 1 E ASP 46  ? OD1 ? A ASP 46  OD1 
125 1 Y 1 E ASP 46  ? OD2 ? A ASP 46  OD2 
126 1 Y 1 E ARG 47  ? CG  ? A ARG 47  CG  
127 1 Y 1 E ARG 47  ? CD  ? A ARG 47  CD  
128 1 Y 1 E ARG 47  ? NE  ? A ARG 47  NE  
129 1 Y 1 E ARG 47  ? CZ  ? A ARG 47  CZ  
130 1 Y 1 E ARG 47  ? NH1 ? A ARG 47  NH1 
131 1 Y 1 E ARG 47  ? NH2 ? A ARG 47  NH2 
132 1 Y 1 E ARG 49  ? CG  ? A ARG 49  CG  
133 1 Y 1 E ARG 49  ? CD  ? A ARG 49  CD  
134 1 Y 1 E ARG 49  ? NE  ? A ARG 49  NE  
135 1 Y 1 E ARG 49  ? CZ  ? A ARG 49  CZ  
136 1 Y 1 E ARG 49  ? NH1 ? A ARG 49  NH1 
137 1 Y 1 E ARG 49  ? NH2 ? A ARG 49  NH2 
138 1 Y 1 E LEU 50  ? CG  ? A LEU 50  CG  
139 1 Y 1 E LEU 50  ? CD1 ? A LEU 50  CD1 
140 1 Y 1 E LEU 50  ? CD2 ? A LEU 50  CD2 
141 1 Y 1 E LEU 51  ? CG  ? A LEU 51  CG  
142 1 Y 1 E LEU 51  ? CD1 ? A LEU 51  CD1 
143 1 Y 1 E LEU 51  ? CD2 ? A LEU 51  CD2 
144 1 Y 1 E VAL 52  ? CG1 ? A VAL 52  CG1 
145 1 Y 1 E VAL 52  ? CG2 ? A VAL 52  CG2 
146 1 Y 1 E THR 53  ? OG1 ? A THR 53  OG1 
147 1 Y 1 E THR 53  ? CG2 ? A THR 53  CG2 
148 1 Y 1 E ASN 54  ? CG  ? A ASN 54  CG  
149 1 Y 1 E ASN 54  ? OD1 ? A ASN 54  OD1 
150 1 Y 1 E ASN 54  ? ND2 ? A ASN 54  ND2 
151 1 Y 1 E LEU 55  ? CG  ? A LEU 55  CG  
152 1 Y 1 E LEU 55  ? CD1 ? A LEU 55  CD1 
153 1 Y 1 E LEU 55  ? CD2 ? A LEU 55  CD2 
154 1 Y 1 E ARG 56  ? CG  ? A ARG 56  CG  
155 1 Y 1 E ARG 56  ? CD  ? A ARG 56  CD  
156 1 Y 1 E ARG 56  ? NE  ? A ARG 56  NE  
157 1 Y 1 E ARG 56  ? CZ  ? A ARG 56  CZ  
158 1 Y 1 E ARG 56  ? NH1 ? A ARG 56  NH1 
159 1 Y 1 E ARG 56  ? NH2 ? A ARG 56  NH2 
160 1 Y 1 E ILE 57  ? CG1 ? A ILE 57  CG1 
161 1 Y 1 E ILE 57  ? CG2 ? A ILE 57  CG2 
162 1 Y 1 E ILE 57  ? CD1 ? A ILE 57  CD1 
163 1 Y 1 E LEU 58  ? CG  ? A LEU 58  CG  
164 1 Y 1 E LEU 58  ? CD1 ? A LEU 58  CD1 
165 1 Y 1 E LEU 58  ? CD2 ? A LEU 58  CD2 
166 1 Y 1 E TRP 59  ? CG  ? A TRP 59  CG  
167 1 Y 1 E TRP 59  ? CD1 ? A TRP 59  CD1 
168 1 Y 1 E TRP 59  ? CD2 ? A TRP 59  CD2 
169 1 Y 1 E TRP 59  ? NE1 ? A TRP 59  NE1 
170 1 Y 1 E TRP 59  ? CE2 ? A TRP 59  CE2 
171 1 Y 1 E TRP 59  ? CE3 ? A TRP 59  CE3 
172 1 Y 1 E TRP 59  ? CZ2 ? A TRP 59  CZ2 
173 1 Y 1 E TRP 59  ? CZ3 ? A TRP 59  CZ3 
174 1 Y 1 E TRP 59  ? CH2 ? A TRP 59  CH2 
175 1 Y 1 E HIS 60  ? CG  ? A HIS 60  CG  
176 1 Y 1 E HIS 60  ? ND1 ? A HIS 60  ND1 
177 1 Y 1 E HIS 60  ? CD2 ? A HIS 60  CD2 
178 1 Y 1 E HIS 60  ? CE1 ? A HIS 60  CE1 
179 1 Y 1 E HIS 60  ? NE2 ? A HIS 60  NE2 
180 1 Y 1 E SER 61  ? OG  ? A SER 61  OG  
181 1 Y 1 E LEU 62  ? CG  ? A LEU 62  CG  
182 1 Y 1 E LEU 62  ? CD1 ? A LEU 62  CD1 
183 1 Y 1 E LEU 62  ? CD2 ? A LEU 62  CD2 
184 1 Y 1 E LEU 64  ? CG  ? A LEU 64  CG  
185 1 Y 1 E LEU 64  ? CD1 ? A LEU 64  CD1 
186 1 Y 1 E LEU 64  ? CD2 ? A LEU 64  CD2 
187 1 Y 1 E SER 65  ? OG  ? A SER 65  OG  
188 1 Y 1 E ARG 66  ? CG  ? A ARG 66  CG  
189 1 Y 1 E ARG 66  ? CD  ? A ARG 66  CD  
190 1 Y 1 E ARG 66  ? NE  ? A ARG 66  NE  
191 1 Y 1 E ARG 66  ? CZ  ? A ARG 66  CZ  
192 1 Y 1 E ARG 66  ? NH1 ? A ARG 66  NH1 
193 1 Y 1 E ARG 66  ? NH2 ? A ARG 66  NH2 
194 1 Y 1 E VAL 67  ? CG1 ? A VAL 67  CG1 
195 1 Y 1 E VAL 67  ? CG2 ? A VAL 67  CG2 
196 1 Y 1 E ASN 68  ? CG  ? A ASN 68  CG  
197 1 Y 1 E ASN 68  ? OD1 ? A ASN 68  OD1 
198 1 Y 1 E ASN 68  ? ND2 ? A ASN 68  ND2 
199 1 Y 1 E VAL 69  ? CG1 ? A VAL 69  CG1 
200 1 Y 1 E VAL 69  ? CG2 ? A VAL 69  CG2 
201 1 Y 1 E SER 70  ? OG  ? A SER 70  OG  
202 1 Y 1 E VAL 71  ? CG1 ? A VAL 71  CG1 
203 1 Y 1 E VAL 71  ? CG2 ? A VAL 71  CG2 
204 1 Y 1 E TYR 73  ? CG  ? A TYR 73  CG  
205 1 Y 1 E TYR 73  ? CD1 ? A TYR 73  CD1 
206 1 Y 1 E TYR 73  ? CD2 ? A TYR 73  CD2 
207 1 Y 1 E TYR 73  ? CE1 ? A TYR 73  CE1 
208 1 Y 1 E TYR 73  ? CE2 ? A TYR 73  CE2 
209 1 Y 1 E TYR 73  ? CZ  ? A TYR 73  CZ  
210 1 Y 1 E TYR 73  ? OH  ? A TYR 73  OH  
211 1 Y 1 E ASN 74  ? CG  ? A ASN 74  CG  
212 1 Y 1 E ASN 74  ? OD1 ? A ASN 74  OD1 
213 1 Y 1 E ASN 74  ? ND2 ? A ASN 74  ND2 
214 1 Y 1 E CYS 75  ? SG  ? A CYS 75  SG  
215 1 Y 1 E ILE 76  ? CG1 ? A ILE 76  CG1 
216 1 Y 1 E ILE 76  ? CG2 ? A ILE 76  CG2 
217 1 Y 1 E ILE 76  ? CD1 ? A ILE 76  CD1 
218 1 Y 1 E LEU 77  ? CG  ? A LEU 77  CG  
219 1 Y 1 E LEU 77  ? CD1 ? A LEU 77  CD1 
220 1 Y 1 E LEU 77  ? CD2 ? A LEU 77  CD2 
221 1 Y 1 E ASN 78  ? CG  ? A ASN 78  CG  
222 1 Y 1 E ASN 78  ? OD1 ? A ASN 78  OD1 
223 1 Y 1 E ASN 78  ? ND2 ? A ASN 78  ND2 
224 1 Y 1 E ILE 79  ? CG1 ? A ILE 79  CG1 
225 1 Y 1 E ILE 79  ? CG2 ? A ILE 79  CG2 
226 1 Y 1 E ILE 79  ? CD1 ? A ILE 79  CD1 
227 1 Y 1 E THR 80  ? OG1 ? A THR 80  OG1 
228 1 Y 1 E THR 80  ? CG2 ? A THR 80  CG2 
229 1 Y 1 E THR 81  ? OG1 ? A THR 81  OG1 
230 1 Y 1 E THR 81  ? CG2 ? A THR 81  CG2 
231 1 Y 1 E ARG 82  ? CG  ? A ARG 82  CG  
232 1 Y 1 E ARG 82  ? CD  ? A ARG 82  CD  
233 1 Y 1 E ARG 82  ? NE  ? A ARG 82  NE  
234 1 Y 1 E ARG 82  ? CZ  ? A ARG 82  CZ  
235 1 Y 1 E ARG 82  ? NH1 ? A ARG 82  NH1 
236 1 Y 1 E ARG 82  ? NH2 ? A ARG 82  NH2 
237 1 Y 1 E THR 83  ? OG1 ? A THR 83  OG1 
238 1 Y 1 E THR 83  ? CG2 ? A THR 83  CG2 
239 1 Y 1 E ASN 85  ? CG  ? A ASN 85  CG  
240 1 Y 1 E ASN 85  ? OD1 ? A ASN 85  OD1 
241 1 Y 1 E ASN 85  ? ND2 ? A ASN 85  ND2 
242 1 Y 1 E SER 86  ? OG  ? A SER 86  OG  
243 1 Y 1 E LYS 87  ? CG  ? A LYS 87  CG  
244 1 Y 1 E LYS 87  ? CD  ? A LYS 87  CD  
245 1 Y 1 E LYS 87  ? CE  ? A LYS 87  CE  
246 1 Y 1 E LYS 87  ? NZ  ? A LYS 87  NZ  
247 1 Y 1 E LEU 88  ? CG  ? A LEU 88  CG  
248 1 Y 1 E LEU 88  ? CD1 ? A LEU 88  CD1 
249 1 Y 1 E LEU 88  ? CD2 ? A LEU 88  CD2 
250 1 Y 1 E ARG 89  ? CG  ? A ARG 89  CG  
251 1 Y 1 E ARG 89  ? CD  ? A ARG 89  CD  
252 1 Y 1 E ARG 89  ? NE  ? A ARG 89  NE  
253 1 Y 1 E ARG 89  ? CZ  ? A ARG 89  CZ  
254 1 Y 1 E ARG 89  ? NH1 ? A ARG 89  NH1 
255 1 Y 1 E ARG 89  ? NH2 ? A ARG 89  NH2 
256 1 Y 1 E GLN 91  ? CG  ? A GLN 91  CG  
257 1 Y 1 E GLN 91  ? CD  ? A GLN 91  CD  
258 1 Y 1 E GLN 91  ? OE1 ? A GLN 91  OE1 
259 1 Y 1 E GLN 91  ? NE2 ? A GLN 91  NE2 
260 1 Y 1 E THR 92  ? OG1 ? A THR 92  OG1 
261 1 Y 1 E THR 92  ? CG2 ? A THR 92  CG2 
262 1 Y 1 E GLU 93  ? CG  ? A GLU 93  CG  
263 1 Y 1 E GLU 93  ? CD  ? A GLU 93  CD  
264 1 Y 1 E GLU 93  ? OE1 ? A GLU 93  OE1 
265 1 Y 1 E GLU 93  ? OE2 ? A GLU 93  OE2 
266 1 Y 1 E LEU 95  ? CG  ? A LEU 95  CG  
267 1 Y 1 E LEU 95  ? CD1 ? A LEU 95  CD1 
268 1 Y 1 E LEU 95  ? CD2 ? A LEU 95  CD2 
269 1 Y 1 E TYR 96  ? CG  ? A TYR 96  CG  
270 1 Y 1 E TYR 96  ? CD1 ? A TYR 96  CD1 
271 1 Y 1 E TYR 96  ? CD2 ? A TYR 96  CD2 
272 1 Y 1 E TYR 96  ? CE1 ? A TYR 96  CE1 
273 1 Y 1 E TYR 96  ? CE2 ? A TYR 96  CE2 
274 1 Y 1 E TYR 96  ? CZ  ? A TYR 96  CZ  
275 1 Y 1 E TYR 96  ? OH  ? A TYR 96  OH  
276 1 Y 1 E ILE 97  ? CG1 ? A ILE 97  CG1 
277 1 Y 1 E ILE 97  ? CG2 ? A ILE 97  CG2 
278 1 Y 1 E ILE 97  ? CD1 ? A ILE 97  CD1 
279 1 Y 1 E LEU 98  ? CG  ? A LEU 98  CG  
280 1 Y 1 E LEU 98  ? CD1 ? A LEU 98  CD1 
281 1 Y 1 E LEU 98  ? CD2 ? A LEU 98  CD2 
282 1 Y 1 E THR 99  ? OG1 ? A THR 99  OG1 
283 1 Y 1 E THR 99  ? CG2 ? A THR 99  CG2 
284 1 Y 1 E LYS 100 ? CG  ? A LYS 100 CG  
285 1 Y 1 E LYS 100 ? CD  ? A LYS 100 CD  
286 1 Y 1 E LYS 100 ? CE  ? A LYS 100 CE  
287 1 Y 1 E LYS 100 ? NZ  ? A LYS 100 NZ  
288 1 Y 1 E CYS 101 ? SG  ? A CYS 101 SG  
289 1 Y 1 E ASN 102 ? CG  ? A ASN 102 CG  
290 1 Y 1 E ASN 102 ? OD1 ? A ASN 102 OD1 
291 1 Y 1 E ASN 102 ? ND2 ? A ASN 102 ND2 
292 1 Y 1 E SER 103 ? OG  ? A SER 103 OG  
293 1 Y 1 E THR 104 ? OG1 ? A THR 104 OG1 
294 1 Y 1 E THR 104 ? CG2 ? A THR 104 CG2 
295 1 Y 1 E ARG 105 ? CG  ? A ARG 105 CG  
296 1 Y 1 E ARG 105 ? CD  ? A ARG 105 CD  
297 1 Y 1 E ARG 105 ? NE  ? A ARG 105 NE  
298 1 Y 1 E ARG 105 ? CZ  ? A ARG 105 CZ  
299 1 Y 1 E ARG 105 ? NH1 ? A ARG 105 NH1 
300 1 Y 1 E ARG 105 ? NH2 ? A ARG 105 NH2 
301 1 Y 1 E PHE 106 ? CG  ? A PHE 106 CG  
302 1 Y 1 E PHE 106 ? CD1 ? A PHE 106 CD1 
303 1 Y 1 E PHE 106 ? CD2 ? A PHE 106 CD2 
304 1 Y 1 E PHE 106 ? CE1 ? A PHE 106 CE1 
305 1 Y 1 E PHE 106 ? CE2 ? A PHE 106 CE2 
306 1 Y 1 E PHE 106 ? CZ  ? A PHE 106 CZ  
307 1 Y 1 E GLU 107 ? CG  ? A GLU 107 CG  
308 1 Y 1 E GLU 107 ? CD  ? A GLU 107 CD  
309 1 Y 1 E GLU 107 ? OE1 ? A GLU 107 OE1 
310 1 Y 1 E GLU 107 ? OE2 ? A GLU 107 OE2 
311 1 Y 1 E PHE 108 ? CG  ? A PHE 108 CG  
312 1 Y 1 E PHE 108 ? CD1 ? A PHE 108 CD1 
313 1 Y 1 E PHE 108 ? CD2 ? A PHE 108 CD2 
314 1 Y 1 E PHE 108 ? CE1 ? A PHE 108 CE1 
315 1 Y 1 E PHE 108 ? CE2 ? A PHE 108 CE2 
316 1 Y 1 E PHE 108 ? CZ  ? A PHE 108 CZ  
317 1 Y 1 E ILE 109 ? CG1 ? A ILE 109 CG1 
318 1 Y 1 E ILE 109 ? CG2 ? A ILE 109 CG2 
319 1 Y 1 E ILE 109 ? CD1 ? A ILE 109 CD1 
320 1 Y 1 E PHE 110 ? CG  ? A PHE 110 CG  
321 1 Y 1 E PHE 110 ? CD1 ? A PHE 110 CD1 
322 1 Y 1 E PHE 110 ? CD2 ? A PHE 110 CD2 
323 1 Y 1 E PHE 110 ? CE1 ? A PHE 110 CE1 
324 1 Y 1 E PHE 110 ? CE2 ? A PHE 110 CE2 
325 1 Y 1 E PHE 110 ? CZ  ? A PHE 110 CZ  
326 1 Y 1 E THR 111 ? OG1 ? A THR 111 OG1 
327 1 Y 1 E THR 111 ? CG2 ? A THR 111 CG2 
328 1 Y 1 E ASN 112 ? CG  ? A ASN 112 CG  
329 1 Y 1 E ASN 112 ? OD1 ? A ASN 112 OD1 
330 1 Y 1 E ASN 112 ? ND2 ? A ASN 112 ND2 
331 1 Y 1 E LEU 113 ? CG  ? A LEU 113 CG  
332 1 Y 1 E LEU 113 ? CD1 ? A LEU 113 CD1 
333 1 Y 1 E LEU 113 ? CD2 ? A LEU 113 CD2 
334 1 Y 1 E VAL 114 ? CG1 ? A VAL 114 CG1 
335 1 Y 1 E VAL 114 ? CG2 ? A VAL 114 CG2 
336 1 Y 1 E PRO 115 ? CG  ? A PRO 115 CG  
337 1 Y 1 E PRO 115 ? CD  ? A PRO 115 CD  
338 1 Y 1 E SER 117 ? OG  ? A SER 117 OG  
339 1 Y 1 E PRO 118 ? CG  ? A PRO 118 CG  
340 1 Y 1 E PRO 118 ? CD  ? A PRO 118 CD  
341 1 Y 1 E ARG 119 ? CG  ? A ARG 119 CG  
342 1 Y 1 E ARG 119 ? CD  ? A ARG 119 CD  
343 1 Y 1 E ARG 119 ? NE  ? A ARG 119 NE  
344 1 Y 1 E ARG 119 ? CZ  ? A ARG 119 CZ  
345 1 Y 1 E ARG 119 ? NH1 ? A ARG 119 NH1 
346 1 Y 1 E ARG 119 ? NH2 ? A ARG 119 NH2 
347 1 Y 1 E LEU 120 ? CG  ? A LEU 120 CG  
348 1 Y 1 E LEU 120 ? CD1 ? A LEU 120 CD1 
349 1 Y 1 E LEU 120 ? CD2 ? A LEU 120 CD2 
350 1 Y 1 E PHE 121 ? CG  ? A PHE 121 CG  
351 1 Y 1 E PHE 121 ? CD1 ? A PHE 121 CD1 
352 1 Y 1 E PHE 121 ? CD2 ? A PHE 121 CD2 
353 1 Y 1 E PHE 121 ? CE1 ? A PHE 121 CE1 
354 1 Y 1 E PHE 121 ? CE2 ? A PHE 121 CE2 
355 1 Y 1 E PHE 121 ? CZ  ? A PHE 121 CZ  
356 1 Y 1 E THR 122 ? OG1 ? A THR 122 OG1 
357 1 Y 1 E THR 122 ? CG2 ? A THR 122 CG2 
358 1 Y 1 E SER 123 ? OG  ? A SER 123 OG  
359 1 Y 1 E VAL 124 ? CG1 ? A VAL 124 CG1 
360 1 Y 1 E VAL 124 ? CG2 ? A VAL 124 CG2 
361 1 Y 1 E MET 125 ? CG  ? A MET 125 CG  
362 1 Y 1 E MET 125 ? SD  ? A MET 125 SD  
363 1 Y 1 E MET 125 ? CE  ? A MET 125 CE  
364 1 Y 1 E VAL 127 ? CG1 ? A VAL 127 CG1 
365 1 Y 1 E VAL 127 ? CG2 ? A VAL 127 CG2 
366 1 Y 1 E HIS 128 ? CG  ? A HIS 128 CG  
367 1 Y 1 E HIS 128 ? ND1 ? A HIS 128 ND1 
368 1 Y 1 E HIS 128 ? CD2 ? A HIS 128 CD2 
369 1 Y 1 E HIS 128 ? CE1 ? A HIS 128 CE1 
370 1 Y 1 E HIS 128 ? NE2 ? A HIS 128 NE2 
371 1 Y 1 E ARG 129 ? CG  ? A ARG 129 CG  
372 1 Y 1 E ARG 129 ? CD  ? A ARG 129 CD  
373 1 Y 1 E ARG 129 ? NE  ? A ARG 129 NE  
374 1 Y 1 E ARG 129 ? CZ  ? A ARG 129 CZ  
375 1 Y 1 E ARG 129 ? NH1 ? A ARG 129 NH1 
376 1 Y 1 E ARG 129 ? NH2 ? A ARG 129 NH2 
377 1 Y 1 E TYR 131 ? CG  ? A TYR 131 CG  
378 1 Y 1 E TYR 131 ? CD1 ? A TYR 131 CD1 
379 1 Y 1 E TYR 131 ? CD2 ? A TYR 131 CD2 
380 1 Y 1 E TYR 131 ? CE1 ? A TYR 131 CE1 
381 1 Y 1 E TYR 131 ? CE2 ? A TYR 131 CE2 
382 1 Y 1 E TYR 131 ? CZ  ? A TYR 131 CZ  
383 1 Y 1 E TYR 131 ? OH  ? A TYR 131 OH  
384 1 Y 1 E GLU 132 ? CG  ? A GLU 132 CG  
385 1 Y 1 E GLU 132 ? CD  ? A GLU 132 CD  
386 1 Y 1 E GLU 132 ? OE1 ? A GLU 132 OE1 
387 1 Y 1 E GLU 132 ? OE2 ? A GLU 132 OE2 
388 1 Y 1 E THR 133 ? OG1 ? A THR 133 OG1 
389 1 Y 1 E THR 133 ? CG2 ? A THR 133 CG2 
390 1 Y 1 E SER 134 ? OG  ? A SER 134 OG  
391 1 Y 1 E ASN 149 ? CG  ? A ASN 149 CG  
392 1 Y 1 E ASN 149 ? OD1 ? A ASN 149 OD1 
393 1 Y 1 E ASN 149 ? ND2 ? A ASN 149 ND2 
394 1 Y 1 E LYS 150 ? CG  ? A LYS 150 CG  
395 1 Y 1 E LYS 150 ? CD  ? A LYS 150 CD  
396 1 Y 1 E LYS 150 ? CE  ? A LYS 150 CE  
397 1 Y 1 E LYS 150 ? NZ  ? A LYS 150 NZ  
398 1 Y 1 E GLN 151 ? CG  ? A GLN 151 CG  
399 1 Y 1 E GLN 151 ? CD  ? A GLN 151 CD  
400 1 Y 1 E GLN 151 ? OE1 ? A GLN 151 OE1 
401 1 Y 1 E GLN 151 ? NE2 ? A GLN 151 NE2 
402 1 Y 1 E LEU 152 ? CG  ? A LEU 152 CG  
403 1 Y 1 E LEU 152 ? CD1 ? A LEU 152 CD1 
404 1 Y 1 E LEU 152 ? CD2 ? A LEU 152 CD2 
405 1 Y 1 E ARG 153 ? CG  ? A ARG 153 CG  
406 1 Y 1 E ARG 153 ? CD  ? A ARG 153 CD  
407 1 Y 1 E ARG 153 ? NE  ? A ARG 153 NE  
408 1 Y 1 E ARG 153 ? CZ  ? A ARG 153 CZ  
409 1 Y 1 E ARG 153 ? NH1 ? A ARG 153 NH1 
410 1 Y 1 E ARG 153 ? NH2 ? A ARG 153 NH2 
411 1 Y 1 E LEU 154 ? CG  ? A LEU 154 CG  
412 1 Y 1 E LEU 154 ? CD1 ? A LEU 154 CD1 
413 1 Y 1 E LEU 154 ? CD2 ? A LEU 154 CD2 
414 1 Y 1 E LEU 155 ? CG  ? A LEU 155 CG  
415 1 Y 1 E LEU 155 ? CD1 ? A LEU 155 CD1 
416 1 Y 1 E LEU 155 ? CD2 ? A LEU 155 CD2 
417 1 Y 1 E PRO 156 ? CG  ? A PRO 156 CG  
418 1 Y 1 E PRO 156 ? CD  ? A PRO 156 CD  
419 1 Y 1 E GLN 157 ? CG  ? A GLN 157 CG  
420 1 Y 1 E GLN 157 ? CD  ? A GLN 157 CD  
421 1 Y 1 E GLN 157 ? OE1 ? A GLN 157 OE1 
422 1 Y 1 E GLN 157 ? NE2 ? A GLN 157 NE2 
423 1 Y 1 E GLU 158 ? CG  ? A GLU 158 CG  
424 1 Y 1 E GLU 158 ? CD  ? A GLU 158 CD  
425 1 Y 1 E GLU 158 ? OE1 ? A GLU 158 OE1 
426 1 Y 1 E GLU 158 ? OE2 ? A GLU 158 OE2 
427 1 Y 1 E HIS 159 ? CG  ? A HIS 159 CG  
428 1 Y 1 E HIS 159 ? ND1 ? A HIS 159 ND1 
429 1 Y 1 E HIS 159 ? CD2 ? A HIS 159 CD2 
430 1 Y 1 E HIS 159 ? CE1 ? A HIS 159 CE1 
431 1 Y 1 E HIS 159 ? NE2 ? A HIS 159 NE2 
432 1 Y 1 E VAL 160 ? CG1 ? A VAL 160 CG1 
433 1 Y 1 E VAL 160 ? CG2 ? A VAL 160 CG2 
434 1 Y 1 E TYR 161 ? CG  ? A TYR 161 CG  
435 1 Y 1 E TYR 161 ? CD1 ? A TYR 161 CD1 
436 1 Y 1 E TYR 161 ? CD2 ? A TYR 161 CD2 
437 1 Y 1 E TYR 161 ? CE1 ? A TYR 161 CE1 
438 1 Y 1 E TYR 161 ? CE2 ? A TYR 161 CE2 
439 1 Y 1 E TYR 161 ? CZ  ? A TYR 161 CZ  
440 1 Y 1 E TYR 161 ? OH  ? A TYR 161 OH  
441 1 Y 1 E ASP 162 ? CG  ? A ASP 162 CG  
442 1 Y 1 E ASP 162 ? OD1 ? A ASP 162 OD1 
443 1 Y 1 E ASP 162 ? OD2 ? A ASP 162 OD2 
444 1 Y 1 E LYS 163 ? CG  ? A LYS 163 CG  
445 1 Y 1 E LYS 163 ? CD  ? A LYS 163 CD  
446 1 Y 1 E LYS 163 ? CE  ? A LYS 163 CE  
447 1 Y 1 E LYS 163 ? NZ  ? A LYS 163 NZ  
448 1 Y 1 E ILE 164 ? CG1 ? A ILE 164 CG1 
449 1 Y 1 E ILE 164 ? CG2 ? A ILE 164 CG2 
450 1 Y 1 E ILE 164 ? CD1 ? A ILE 164 CD1 
451 1 Y 1 E ASN 165 ? CG  ? A ASN 165 CG  
452 1 Y 1 E ASN 165 ? OD1 ? A ASN 165 OD1 
453 1 Y 1 E ASN 165 ? ND2 ? A ASN 165 ND2 
454 1 Y 1 E VAL 167 ? CG1 ? A VAL 167 CG1 
455 1 Y 1 E VAL 167 ? CG2 ? A VAL 167 CG2 
456 1 Y 1 E TRP 168 ? CG  ? A TRP 168 CG  
457 1 Y 1 E TRP 168 ? CD1 ? A TRP 168 CD1 
458 1 Y 1 E TRP 168 ? CD2 ? A TRP 168 CD2 
459 1 Y 1 E TRP 168 ? NE1 ? A TRP 168 NE1 
460 1 Y 1 E TRP 168 ? CE2 ? A TRP 168 CE2 
461 1 Y 1 E TRP 168 ? CE3 ? A TRP 168 CE3 
462 1 Y 1 E TRP 168 ? CZ2 ? A TRP 168 CZ2 
463 1 Y 1 E TRP 168 ? CZ3 ? A TRP 168 CZ3 
464 1 Y 1 E TRP 168 ? CH2 ? A TRP 168 CH2 
465 1 Y 1 E ASN 169 ? CG  ? A ASN 169 CG  
466 1 Y 1 E ASN 169 ? OD1 ? A ASN 169 OD1 
467 1 Y 1 E ASN 169 ? ND2 ? A ASN 169 ND2 
468 1 Y 1 E LEU 170 ? CG  ? A LEU 170 CG  
469 1 Y 1 E LEU 170 ? CD1 ? A LEU 170 CD1 
470 1 Y 1 E LEU 170 ? CD2 ? A LEU 170 CD2 
471 1 Y 1 E SER 171 ? OG  ? A SER 171 OG  
472 1 Y 1 E SER 172 ? OG  ? A SER 172 OG  
473 1 Y 1 E ASP 173 ? CG  ? A ASP 173 CG  
474 1 Y 1 E ASP 173 ? OD1 ? A ASP 173 OD1 
475 1 Y 1 E ASP 173 ? OD2 ? A ASP 173 OD2 
476 1 Y 1 E GLN 174 ? CG  ? A GLN 174 CG  
477 1 Y 1 E GLN 174 ? CD  ? A GLN 174 CD  
478 1 Y 1 E GLN 174 ? OE1 ? A GLN 174 OE1 
479 1 Y 1 E GLN 174 ? NE2 ? A GLN 174 NE2 
480 1 Y 1 E ASN 176 ? CG  ? A ASN 176 CG  
481 1 Y 1 E ASN 176 ? OD1 ? A ASN 176 OD1 
482 1 Y 1 E ASN 176 ? ND2 ? A ASN 176 ND2 
483 1 Y 1 E LEU 177 ? CG  ? A LEU 177 CG  
484 1 Y 1 E LEU 177 ? CD1 ? A LEU 177 CD1 
485 1 Y 1 E LEU 177 ? CD2 ? A LEU 177 CD2 
486 1 Y 1 E THR 179 ? OG1 ? A THR 179 OG1 
487 1 Y 1 E THR 179 ? CG2 ? A THR 179 CG2 
488 1 Y 1 E PHE 180 ? CG  ? A PHE 180 CG  
489 1 Y 1 E PHE 180 ? CD1 ? A PHE 180 CD1 
490 1 Y 1 E PHE 180 ? CD2 ? A PHE 180 CD2 
491 1 Y 1 E PHE 180 ? CE1 ? A PHE 180 CE1 
492 1 Y 1 E PHE 180 ? CE2 ? A PHE 180 CE2 
493 1 Y 1 E PHE 180 ? CZ  ? A PHE 180 CZ  
494 1 Y 1 E PHE 181 ? CG  ? A PHE 181 CG  
495 1 Y 1 E PHE 181 ? CD1 ? A PHE 181 CD1 
496 1 Y 1 E PHE 181 ? CD2 ? A PHE 181 CD2 
497 1 Y 1 E PHE 181 ? CE1 ? A PHE 181 CE1 
498 1 Y 1 E PHE 181 ? CE2 ? A PHE 181 CE2 
499 1 Y 1 E PHE 181 ? CZ  ? A PHE 181 CZ  
500 1 Y 1 E ILE 182 ? CG1 ? A ILE 182 CG1 
501 1 Y 1 E ILE 182 ? CG2 ? A ILE 182 CG2 
502 1 Y 1 E ILE 182 ? CD1 ? A ILE 182 CD1 
503 1 Y 1 E THR 183 ? OG1 ? A THR 183 OG1 
504 1 Y 1 E THR 183 ? CG2 ? A THR 183 CG2 
505 1 Y 1 E ASN 184 ? CG  ? A ASN 184 CG  
506 1 Y 1 E ASN 184 ? OD1 ? A ASN 184 OD1 
507 1 Y 1 E ASN 184 ? ND2 ? A ASN 184 ND2 
508 1 Y 1 E VAL 185 ? CG1 ? A VAL 185 CG1 
509 1 Y 1 E VAL 185 ? CG2 ? A VAL 185 CG2 
510 1 Y 1 E ARG 186 ? CG  ? A ARG 186 CG  
511 1 Y 1 E ARG 186 ? CD  ? A ARG 186 CD  
512 1 Y 1 E ARG 186 ? NE  ? A ARG 186 NE  
513 1 Y 1 E ARG 186 ? CZ  ? A ARG 186 CZ  
514 1 Y 1 E ARG 186 ? NH1 ? A ARG 186 NH1 
515 1 Y 1 E ARG 186 ? NH2 ? A ARG 186 NH2 
516 1 Y 1 E ILE 187 ? CG1 ? A ILE 187 CG1 
517 1 Y 1 E ILE 187 ? CG2 ? A ILE 187 CG2 
518 1 Y 1 E ILE 187 ? CD1 ? A ILE 187 CD1 
519 1 Y 1 E VAL 188 ? CG1 ? A VAL 188 CG1 
520 1 Y 1 E VAL 188 ? CG2 ? A VAL 188 CG2 
521 1 Y 1 E TRP 189 ? CG  ? A TRP 189 CG  
522 1 Y 1 E TRP 189 ? CD1 ? A TRP 189 CD1 
523 1 Y 1 E TRP 189 ? CD2 ? A TRP 189 CD2 
524 1 Y 1 E TRP 189 ? NE1 ? A TRP 189 NE1 
525 1 Y 1 E TRP 189 ? CE2 ? A TRP 189 CE2 
526 1 Y 1 E TRP 189 ? CE3 ? A TRP 189 CE3 
527 1 Y 1 E TRP 189 ? CZ2 ? A TRP 189 CZ2 
528 1 Y 1 E TRP 189 ? CZ3 ? A TRP 189 CZ3 
529 1 Y 1 E TRP 189 ? CH2 ? A TRP 189 CH2 
530 1 Y 1 E HIS 190 ? CG  ? A HIS 190 CG  
531 1 Y 1 E HIS 190 ? ND1 ? A HIS 190 ND1 
532 1 Y 1 E HIS 190 ? CD2 ? A HIS 190 CD2 
533 1 Y 1 E HIS 190 ? CE1 ? A HIS 190 CE1 
534 1 Y 1 E HIS 190 ? NE2 ? A HIS 190 NE2 
535 1 Y 1 E ASN 192 ? CG  ? A ASN 192 CG  
536 1 Y 1 E ASN 192 ? OD1 ? A ASN 192 OD1 
537 1 Y 1 E ASN 192 ? ND2 ? A ASN 192 ND2 
538 1 Y 1 E MET 193 ? CG  ? A MET 193 CG  
539 1 Y 1 E MET 193 ? SD  ? A MET 193 SD  
540 1 Y 1 E MET 193 ? CE  ? A MET 193 CE  
541 1 Y 1 E ASN 194 ? CG  ? A ASN 194 CG  
542 1 Y 1 E ASN 194 ? OD1 ? A ASN 194 OD1 
543 1 Y 1 E ASN 194 ? ND2 ? A ASN 194 ND2 
544 1 Y 1 E ASP 195 ? CG  ? A ASP 195 CG  
545 1 Y 1 E ASP 195 ? OD1 ? A ASP 195 OD1 
546 1 Y 1 E ASP 195 ? OD2 ? A ASP 195 OD2 
547 1 Y 1 E SER 196 ? OG  ? A SER 196 OG  
548 1 Y 1 E PHE 197 ? CG  ? A PHE 197 CG  
549 1 Y 1 E PHE 197 ? CD1 ? A PHE 197 CD1 
550 1 Y 1 E PHE 197 ? CD2 ? A PHE 197 CD2 
551 1 Y 1 E PHE 197 ? CE1 ? A PHE 197 CE1 
552 1 Y 1 E PHE 197 ? CE2 ? A PHE 197 CE2 
553 1 Y 1 E PHE 197 ? CZ  ? A PHE 197 CZ  
554 1 Y 1 E ASN 198 ? CG  ? A ASN 198 CG  
555 1 Y 1 E ASN 198 ? OD1 ? A ASN 198 OD1 
556 1 Y 1 E ASN 198 ? ND2 ? A ASN 198 ND2 
557 1 Y 1 E VAL 199 ? CG1 ? A VAL 199 CG1 
558 1 Y 1 E VAL 199 ? CG2 ? A VAL 199 CG2 
559 1 Y 1 E SER 200 ? OG  ? A SER 200 OG  
560 1 Y 1 E ILE 201 ? CG1 ? A ILE 201 CG1 
561 1 Y 1 E ILE 201 ? CG2 ? A ILE 201 CG2 
562 1 Y 1 E ILE 201 ? CD1 ? A ILE 201 CD1 
563 1 Y 1 E PRO 202 ? CG  ? A PRO 202 CG  
564 1 Y 1 E PRO 202 ? CD  ? A PRO 202 CD  
565 1 Y 1 E TYR 203 ? CG  ? A TYR 203 CG  
566 1 Y 1 E TYR 203 ? CD1 ? A TYR 203 CD1 
567 1 Y 1 E TYR 203 ? CD2 ? A TYR 203 CD2 
568 1 Y 1 E TYR 203 ? CE1 ? A TYR 203 CE1 
569 1 Y 1 E TYR 203 ? CE2 ? A TYR 203 CE2 
570 1 Y 1 E TYR 203 ? CZ  ? A TYR 203 CZ  
571 1 Y 1 E TYR 203 ? OH  ? A TYR 203 OH  
572 1 Y 1 E LEU 204 ? CG  ? A LEU 204 CG  
573 1 Y 1 E LEU 204 ? CD1 ? A LEU 204 CD1 
574 1 Y 1 E LEU 204 ? CD2 ? A LEU 204 CD2 
575 1 Y 1 E GLN 205 ? CG  ? A GLN 205 CG  
576 1 Y 1 E GLN 205 ? CD  ? A GLN 205 CD  
577 1 Y 1 E GLN 205 ? OE1 ? A GLN 205 OE1 
578 1 Y 1 E GLN 205 ? NE2 ? A GLN 205 NE2 
579 1 Y 1 E ILE 206 ? CG1 ? A ILE 206 CG1 
580 1 Y 1 E ILE 206 ? CG2 ? A ILE 206 CG2 
581 1 Y 1 E ILE 206 ? CD1 ? A ILE 206 CD1 
582 1 Y 1 E ARG 207 ? CG  ? A ARG 207 CG  
583 1 Y 1 E ARG 207 ? CD  ? A ARG 207 CD  
584 1 Y 1 E ARG 207 ? NE  ? A ARG 207 NE  
585 1 Y 1 E ARG 207 ? CZ  ? A ARG 207 CZ  
586 1 Y 1 E ARG 207 ? NH1 ? A ARG 207 NH1 
587 1 Y 1 E ARG 207 ? NH2 ? A ARG 207 NH2 
588 1 Y 1 E SER 208 ? OG  ? A SER 208 OG  
589 1 Y 1 E ILE 209 ? CG1 ? A ILE 209 CG1 
590 1 Y 1 E ILE 209 ? CG2 ? A ILE 209 CG2 
591 1 Y 1 E ILE 209 ? CD1 ? A ILE 209 CD1 
592 1 Y 1 E LYS 210 ? CG  ? A LYS 210 CG  
593 1 Y 1 E LYS 210 ? CD  ? A LYS 210 CD  
594 1 Y 1 E LYS 210 ? CE  ? A LYS 210 CE  
595 1 Y 1 E LYS 210 ? NZ  ? A LYS 210 NZ  
596 1 Y 1 E ILE 211 ? CG1 ? A ILE 211 CG1 
597 1 Y 1 E ILE 211 ? CG2 ? A ILE 211 CG2 
598 1 Y 1 E ILE 211 ? CD1 ? A ILE 211 CD1 
599 1 Y 1 E ARG 212 ? CG  ? A ARG 212 CG  
600 1 Y 1 E ARG 212 ? CD  ? A ARG 212 CD  
601 1 Y 1 E ARG 212 ? NE  ? A ARG 212 NE  
602 1 Y 1 E ARG 212 ? CZ  ? A ARG 212 CZ  
603 1 Y 1 E ARG 212 ? NH1 ? A ARG 212 NH1 
604 1 Y 1 E ARG 212 ? NH2 ? A ARG 212 NH2 
605 1 Y 1 E ASP 213 ? CG  ? A ASP 213 CG  
606 1 Y 1 E ASP 213 ? OD1 ? A ASP 213 OD1 
607 1 Y 1 E ASP 213 ? OD2 ? A ASP 213 OD2 
608 1 Y 1 E SER 214 ? OG  ? A SER 214 OG  
609 1 Y 1 E LYS 215 ? CG  ? A LYS 215 CG  
610 1 Y 1 E LYS 215 ? CD  ? A LYS 215 CD  
611 1 Y 1 E LYS 215 ? CE  ? A LYS 215 CE  
612 1 Y 1 E LYS 215 ? NZ  ? A LYS 215 NZ  
613 1 Y 1 E PHE 216 ? CG  ? A PHE 216 CG  
614 1 Y 1 E PHE 216 ? CD1 ? A PHE 216 CD1 
615 1 Y 1 E PHE 216 ? CD2 ? A PHE 216 CD2 
616 1 Y 1 E PHE 216 ? CE1 ? A PHE 216 CE1 
617 1 Y 1 E PHE 216 ? CE2 ? A PHE 216 CE2 
618 1 Y 1 E PHE 216 ? CZ  ? A PHE 216 CZ  
619 1 Y 1 E LEU 218 ? CG  ? A LEU 218 CG  
620 1 Y 1 E LEU 218 ? CD1 ? A LEU 218 CD1 
621 1 Y 1 E LEU 218 ? CD2 ? A LEU 218 CD2 
622 1 Y 1 E LEU 220 ? CG  ? A LEU 220 CG  
623 1 Y 1 E LEU 220 ? CD1 ? A LEU 220 CD1 
624 1 Y 1 E LEU 220 ? CD2 ? A LEU 220 CD2 
625 1 Y 1 E VAL 221 ? CG1 ? A VAL 221 CG1 
626 1 Y 1 E VAL 221 ? CG2 ? A VAL 221 CG2 
627 1 Y 1 E ILE 222 ? CG1 ? A ILE 222 CG1 
628 1 Y 1 E ILE 222 ? CG2 ? A ILE 222 CG2 
629 1 Y 1 E ILE 222 ? CD1 ? A ILE 222 CD1 
630 1 Y 1 E GLU 223 ? CG  ? A GLU 223 CG  
631 1 Y 1 E GLU 223 ? CD  ? A GLU 223 CD  
632 1 Y 1 E GLU 223 ? OE1 ? A GLU 223 OE1 
633 1 Y 1 E GLU 223 ? OE2 ? A GLU 223 OE2 
634 1 Y 1 E SER 224 ? OG  ? A SER 224 OG  
635 1 Y 1 E SER 225 ? OG  ? A SER 225 OG  
636 1 Y 1 E GLN 226 ? CG  ? A GLN 226 CG  
637 1 Y 1 E GLN 226 ? CD  ? A GLN 226 CD  
638 1 Y 1 E GLN 226 ? OE1 ? A GLN 226 OE1 
639 1 Y 1 E GLN 226 ? NE2 ? A GLN 226 NE2 
640 1 Y 1 E GLN 227 ? CG  ? A GLN 227 CG  
641 1 Y 1 E GLN 227 ? CD  ? A GLN 227 CD  
642 1 Y 1 E GLN 227 ? OE1 ? A GLN 227 OE1 
643 1 Y 1 E GLN 227 ? NE2 ? A GLN 227 NE2 
644 1 Y 1 E SER 228 ? OG  ? A SER 228 OG  
645 1 Y 1 E TYR 231 ? CG  ? A TYR 231 CG  
646 1 Y 1 E TYR 231 ? CD1 ? A TYR 231 CD1 
647 1 Y 1 E TYR 231 ? CD2 ? A TYR 231 CD2 
648 1 Y 1 E TYR 231 ? CE1 ? A TYR 231 CE1 
649 1 Y 1 E TYR 231 ? CE2 ? A TYR 231 CE2 
650 1 Y 1 E TYR 231 ? CZ  ? A TYR 231 CZ  
651 1 Y 1 E TYR 231 ? OH  ? A TYR 231 OH  
652 1 Y 1 E VAL 232 ? CG1 ? A VAL 232 CG1 
653 1 Y 1 E VAL 232 ? CG2 ? A VAL 232 CG2 
654 1 Y 1 E LEU 233 ? CG  ? A LEU 233 CG  
655 1 Y 1 E LEU 233 ? CD1 ? A LEU 233 CD1 
656 1 Y 1 E LEU 233 ? CD2 ? A LEU 233 CD2 
657 1 Y 1 E PHE 235 ? CG  ? A PHE 235 CG  
658 1 Y 1 E PHE 235 ? CD1 ? A PHE 235 CD1 
659 1 Y 1 E PHE 235 ? CD2 ? A PHE 235 CD2 
660 1 Y 1 E PHE 235 ? CE1 ? A PHE 235 CE1 
661 1 Y 1 E PHE 235 ? CE2 ? A PHE 235 CE2 
662 1 Y 1 E PHE 235 ? CZ  ? A PHE 235 CZ  
663 1 Y 1 E LYS 236 ? CG  ? A LYS 236 CG  
664 1 Y 1 E LYS 236 ? CD  ? A LYS 236 CD  
665 1 Y 1 E LYS 236 ? CE  ? A LYS 236 CE  
666 1 Y 1 E LYS 236 ? NZ  ? A LYS 236 NZ  
667 1 Y 1 E ILE 237 ? CG1 ? A ILE 237 CG1 
668 1 Y 1 E ILE 237 ? CG2 ? A ILE 237 CG2 
669 1 Y 1 E ILE 237 ? CD1 ? A ILE 237 CD1 
670 1 Y 1 E ASP 238 ? CG  ? A ASP 238 CG  
671 1 Y 1 E ASP 238 ? OD1 ? A ASP 238 OD1 
672 1 Y 1 E ASP 238 ? OD2 ? A ASP 238 OD2 
673 1 Y 1 E PRO 239 ? CG  ? A PRO 239 CG  
674 1 Y 1 E PRO 239 ? CD  ? A PRO 239 CD  
675 1 Y 1 E VAL 240 ? CG1 ? A VAL 240 CG1 
676 1 Y 1 E VAL 240 ? CG2 ? A VAL 240 CG2 
677 1 Y 1 E GLU 241 ? CG  ? A GLU 241 CG  
678 1 Y 1 E GLU 241 ? CD  ? A GLU 241 CD  
679 1 Y 1 E GLU 241 ? OE1 ? A GLU 241 OE1 
680 1 Y 1 E GLU 241 ? OE2 ? A GLU 241 OE2 
681 1 Y 1 E LYS 242 ? CG  ? A LYS 242 CG  
682 1 Y 1 E LYS 242 ? CD  ? A LYS 242 CD  
683 1 Y 1 E LYS 242 ? CE  ? A LYS 242 CE  
684 1 Y 1 E LYS 242 ? NZ  ? A LYS 242 NZ  
685 1 Y 1 E LEU 243 ? CG  ? A LEU 243 CG  
686 1 Y 1 E LEU 243 ? CD1 ? A LEU 243 CD1 
687 1 Y 1 E LEU 243 ? CD2 ? A LEU 243 CD2 
688 1 Y 1 E GLN 244 ? CG  ? A GLN 244 CG  
689 1 Y 1 E GLN 244 ? CD  ? A GLN 244 CD  
690 1 Y 1 E GLN 244 ? OE1 ? A GLN 244 OE1 
691 1 Y 1 E GLN 244 ? NE2 ? A GLN 244 NE2 
692 1 Y 1 E GLU 245 ? CG  ? A GLU 245 CG  
693 1 Y 1 E GLU 245 ? CD  ? A GLU 245 CD  
694 1 Y 1 E GLU 245 ? OE1 ? A GLU 245 OE1 
695 1 Y 1 E GLU 245 ? OE2 ? A GLU 245 OE2 
696 1 Y 1 E SER 246 ? OG  ? A SER 246 OG  
697 1 Y 1 E VAL 247 ? CG1 ? A VAL 247 CG1 
698 1 Y 1 E VAL 247 ? CG2 ? A VAL 247 CG2 
699 1 Y 1 E LYS 248 ? CG  ? A LYS 248 CG  
700 1 Y 1 E LYS 248 ? CD  ? A LYS 248 CD  
701 1 Y 1 E LYS 248 ? CE  ? A LYS 248 CE  
702 1 Y 1 E LYS 248 ? NZ  ? A LYS 248 NZ  
703 1 Y 1 E GLU 249 ? CG  ? A GLU 249 CG  
704 1 Y 1 E GLU 249 ? CD  ? A GLU 249 CD  
705 1 Y 1 E GLU 249 ? OE1 ? A GLU 249 OE1 
706 1 Y 1 E GLU 249 ? OE2 ? A GLU 249 OE2 
707 1 Y 1 E ILE 250 ? CG1 ? A ILE 250 CG1 
708 1 Y 1 E ILE 250 ? CG2 ? A ILE 250 CG2 
709 1 Y 1 E ILE 250 ? CD1 ? A ILE 250 CD1 
710 1 Y 1 E ASN 251 ? CG  ? A ASN 251 CG  
711 1 Y 1 E ASN 251 ? OD1 ? A ASN 251 OD1 
712 1 Y 1 E ASN 251 ? ND2 ? A ASN 251 ND2 
713 1 Y 1 E SER 252 ? OG  ? A SER 252 OG  
714 1 Y 1 E LEU 253 ? CG  ? A LEU 253 CG  
715 1 Y 1 E LEU 253 ? CD1 ? A LEU 253 CD1 
716 1 Y 1 E LEU 253 ? CD2 ? A LEU 253 CD2 
# 
_exptl.absorpt_coefficient_mu     ? 
_exptl.absorpt_correction_T_max   ? 
_exptl.absorpt_correction_T_min   ? 
_exptl.absorpt_correction_type    ? 
_exptl.absorpt_process_details    ? 
_exptl.entry_id                   6XTB 
_exptl.crystals_number            ? 
_exptl.details                    ? 
_exptl.method                     'ELECTRON MICROSCOPY' 
_exptl.method_details             ? 
# 
_struct.entry_id                     6XTB 
_struct.title                        'Subunit BBS 5 of the human core BBSome complex' 
_struct.pdbx_model_details           ? 
_struct.pdbx_formula_weight          ? 
_struct.pdbx_formula_weight_method   ? 
_struct.pdbx_model_type_details      ? 
_struct.pdbx_CASP_flag               N 
# 
_struct_keywords.entry_id        6XTB 
_struct_keywords.text            'ciliary transport, Arl6 effector, adaptor protein, complex, PROTEIN TRANSPORT' 
_struct_keywords.pdbx_keywords   'PROTEIN TRANSPORT' 
# 
_struct_asym.id                            A 
_struct_asym.pdbx_blank_PDB_chainid_flag   N 
_struct_asym.pdbx_modified                 N 
_struct_asym.entity_id                     1 
_struct_asym.details                       ? 
# 
_struct_ref.id                         1 
_struct_ref.db_name                    UNP 
_struct_ref.db_code                    BBS5_HUMAN 
_struct_ref.pdbx_db_accession          Q8N3I7 
_struct_ref.pdbx_db_isoform            ? 
_struct_ref.entity_id                  1 
_struct_ref.pdbx_seq_one_letter_code   
;MSVLDALWEDRDVRFDLSAQQMKTRPGEVLIDCLDSIEDTKGNNGDRGRLLVTNLRILWHSLALSRVNVSVGYNCILNIT
TRTANSKLRGQTEALYILTKCNSTRFEFIFTNLVPGSPRLFTSVMAVHRAYETSKMYRDFKLRSALIQNKQLRLLPQEHV
YDKINGVWNLSSDQGNLGTFFITNVRIVWHANMNDSFNVSIPYLQIRSIKIRDSKFGLALVIESSQQSGGYVLGFKIDPV
EKLQESVKEINSLHKVYSASPIFGVDYEMEEKPQPLEALTVEQIQDDVEIDSDGHTDAFVAYFADGNKQQDREPVFSEEL
GLAIEKLKDGFTLQGLWEVMS
;
_struct_ref.pdbx_align_begin           1 
# 
_struct_ref_seq.align_id                      1 
_struct_ref_seq.ref_id                        1 
_struct_ref_seq.pdbx_PDB_id_code              6XTB 
_struct_ref_seq.pdbx_strand_id                E 
_struct_ref_seq.seq_align_beg                 1 
_struct_ref_seq.pdbx_seq_align_beg_ins_code   ? 
_struct_ref_seq.seq_align_end                 341 
_struct_ref_seq.pdbx_seq_align_end_ins_code   ? 
_struct_ref_seq.pdbx_db_accession             Q8N3I7 
_struct_ref_seq.db_align_beg                  1 
_struct_ref_seq.pdbx_db_align_beg_ins_code    ? 
_struct_ref_seq.db_align_end                  341 
_struct_ref_seq.pdbx_db_align_end_ins_code    ? 
_struct_ref_seq.pdbx_auth_seq_align_beg       1 
_struct_ref_seq.pdbx_auth_seq_align_end       341 
# 
_pdbx_struct_assembly.id                   1 
_pdbx_struct_assembly.details              author_defined_assembly 
_pdbx_struct_assembly.method_details       ? 
_pdbx_struct_assembly.oligomeric_details   monomeric 
_pdbx_struct_assembly.oligomeric_count     1 
# 
_pdbx_struct_assembly_gen.assembly_id       1 
_pdbx_struct_assembly_gen.oper_expression   1 
_pdbx_struct_assembly_gen.asym_id_list      A 
# 
_pdbx_struct_assembly_auth_evidence.id                     1 
_pdbx_struct_assembly_auth_evidence.assembly_id            1 
_pdbx_struct_assembly_auth_evidence.experimental_support   microscopy 
_pdbx_struct_assembly_auth_evidence.details                ? 
# 
_pdbx_struct_oper_list.id                   1 
_pdbx_struct_oper_list.type                 'identity operation' 
_pdbx_struct_oper_list.name                 1_555 
_pdbx_struct_oper_list.symmetry_operation   ? 
_pdbx_struct_oper_list.matrix[1][1]         1.0000000000 
_pdbx_struct_oper_list.matrix[1][2]         0.0000000000 
_pdbx_struct_oper_list.matrix[1][3]         0.0000000000 
_pdbx_struct_oper_list.vector[1]            0.0000000000 
_pdbx_struct_oper_list.matrix[2][1]         0.0000000000 
_pdbx_struct_oper_list.matrix[2][2]         1.0000000000 
_pdbx_struct_oper_list.matrix[2][3]         0.0000000000 
_pdbx_struct_oper_list.vector[2]            0.0000000000 
_pdbx_struct_oper_list.matrix[3][1]         0.0000000000 
_pdbx_struct_oper_list.matrix[3][2]         0.0000000000 
_pdbx_struct_oper_list.matrix[3][3]         1.0000000000 
_pdbx_struct_oper_list.vector[3]            0.0000000000 
# 
loop_
_struct_conf.conf_type_id 
_struct_conf.id 
_struct_conf.pdbx_PDB_helix_id 
_struct_conf.beg_label_comp_id 
_struct_conf.beg_label_asym_id 
_struct_conf.beg_label_seq_id 
_struct_conf.pdbx_beg_PDB_ins_code 
_struct_conf.end_label_comp_id 
_struct_conf.end_label_asym_id 
_struct_conf.end_label_seq_id 
_struct_conf.pdbx_end_PDB_ins_code 
_struct_conf.beg_auth_comp_id 
_struct_conf.beg_auth_asym_id 
_struct_conf.beg_auth_seq_id 
_struct_conf.end_auth_comp_id 
_struct_conf.end_auth_asym_id 
_struct_conf.end_auth_seq_id 
_struct_conf.pdbx_PDB_helix_class 
_struct_conf.details 
_struct_conf.pdbx_PDB_helix_length 
HELX_P HELX_P1 AA1 ARG A 119 ? SER A 134 ? ARG E 119 SER E 134 1 ? 16 
HELX_P HELX_P2 AA2 LYS A 242 ? LEU A 253 ? LYS E 242 LEU E 253 1 ? 12 
# 
_struct_conf_type.id          HELX_P 
_struct_conf_type.criteria    ? 
_struct_conf_type.reference   ? 
# 
loop_
_struct_sheet.id 
_struct_sheet.type 
_struct_sheet.number_strands 
_struct_sheet.details 
AA1 ? 6 ? 
AA2 ? 4 ? 
AA3 ? 2 ? 
# 
loop_
_struct_sheet_order.sheet_id 
_struct_sheet_order.range_id_1 
_struct_sheet_order.range_id_2 
_struct_sheet_order.offset 
_struct_sheet_order.sense 
AA1 1 2 ? anti-parallel 
AA1 2 3 ? anti-parallel 
AA1 3 4 ? anti-parallel 
AA1 4 5 ? anti-parallel 
AA1 5 6 ? anti-parallel 
AA2 1 2 ? anti-parallel 
AA2 2 3 ? anti-parallel 
AA2 3 4 ? anti-parallel 
AA3 1 2 ? anti-parallel 
# 
loop_
_struct_sheet_range.sheet_id 
_struct_sheet_range.id 
_struct_sheet_range.beg_label_comp_id 
_struct_sheet_range.beg_label_asym_id 
_struct_sheet_range.beg_label_seq_id 
_struct_sheet_range.pdbx_beg_PDB_ins_code 
_struct_sheet_range.end_label_comp_id 
_struct_sheet_range.end_label_asym_id 
_struct_sheet_range.end_label_seq_id 
_struct_sheet_range.pdbx_end_PDB_ins_code 
_struct_sheet_range.beg_auth_comp_id 
_struct_sheet_range.beg_auth_asym_id 
_struct_sheet_range.beg_auth_seq_id 
_struct_sheet_range.end_auth_comp_id 
_struct_sheet_range.end_auth_asym_id 
_struct_sheet_range.end_auth_seq_id 
AA1 1 ILE A 57  ? LEU A 58  ? ILE E 57  LEU E 58  
AA1 2 GLY A 48  ? THR A 53  ? GLY E 48  THR E 53  
AA1 3 LEU A 30  ? GLU A 38  ? LEU E 30  GLU E 38  
AA1 4 PHE A 106 ? PHE A 110 ? PHE E 106 PHE E 110 
AA1 5 LEU A 95  ? THR A 99  ? LEU E 95  THR E 99  
AA1 6 ILE A 76  ? ILE A 79  ? ILE E 76  ILE E 79  
AA2 1 VAL A 160 ? VAL A 167 ? VAL E 160 VAL E 167 
AA2 2 GLY A 178 ? THR A 183 ? GLY E 178 THR E 183 
AA2 3 ARG A 186 ? HIS A 190 ? ARG E 186 HIS E 190 
AA2 4 VAL A 199 ? PRO A 202 ? VAL E 199 PRO E 202 
AA3 1 ILE A 206 ? ARG A 212 ? ILE E 206 ARG E 212 
AA3 2 ALA A 219 ? SER A 224 ? ALA E 219 SER E 224 
# 
loop_
_pdbx_struct_sheet_hbond.sheet_id 
_pdbx_struct_sheet_hbond.range_id_1 
_pdbx_struct_sheet_hbond.range_id_2 
_pdbx_struct_sheet_hbond.range_1_label_atom_id 
_pdbx_struct_sheet_hbond.range_1_label_comp_id 
_pdbx_struct_sheet_hbond.range_1_label_asym_id 
_pdbx_struct_sheet_hbond.range_1_label_seq_id 
_pdbx_struct_sheet_hbond.range_1_PDB_ins_code 
_pdbx_struct_sheet_hbond.range_1_auth_atom_id 
_pdbx_struct_sheet_hbond.range_1_auth_comp_id 
_pdbx_struct_sheet_hbond.range_1_auth_asym_id 
_pdbx_struct_sheet_hbond.range_1_auth_seq_id 
_pdbx_struct_sheet_hbond.range_2_label_atom_id 
_pdbx_struct_sheet_hbond.range_2_label_comp_id 
_pdbx_struct_sheet_hbond.range_2_label_asym_id 
_pdbx_struct_sheet_hbond.range_2_label_seq_id 
_pdbx_struct_sheet_hbond.range_2_PDB_ins_code 
_pdbx_struct_sheet_hbond.range_2_auth_atom_id 
_pdbx_struct_sheet_hbond.range_2_auth_comp_id 
_pdbx_struct_sheet_hbond.range_2_auth_asym_id 
_pdbx_struct_sheet_hbond.range_2_auth_seq_id 
AA1 1 2 O LEU A 58  ? O LEU E 58  N LEU A 51  ? N LEU E 51  
AA1 2 3 O LEU A 50  ? O LEU E 50  N LEU A 34  ? N LEU E 34  
AA1 3 4 N GLU A 38  ? N GLU E 38  O ILE A 109 ? O ILE E 109 
AA1 4 5 O PHE A 108 ? O PHE E 108 N LEU A 95  ? N LEU E 95  
AA1 5 6 O LEU A 98  ? O LEU E 98  N LEU A 77  ? N LEU E 77  
AA2 1 2 N TYR A 161 ? N TYR E 161 O ILE A 182 ? O ILE E 182 
AA2 2 3 N THR A 179 ? N THR E 179 O HIS A 190 ? O HIS E 190 
AA2 3 4 N ILE A 187 ? N ILE E 187 O ILE A 201 ? O ILE E 201 
AA3 1 2 N ARG A 212 ? N ARG E 212 O ALA A 219 ? O ALA E 219 
# 
loop_
_pdbx_validate_rmsd_angle.id 
_pdbx_validate_rmsd_angle.PDB_model_num 
_pdbx_validate_rmsd_angle.auth_atom_id_1 
_pdbx_validate_rmsd_angle.auth_asym_id_1 
_pdbx_validate_rmsd_angle.auth_comp_id_1 
_pdbx_validate_rmsd_angle.auth_seq_id_1 
_pdbx_validate_rmsd_angle.PDB_ins_code_1 
_pdbx_validate_rmsd_angle.label_alt_id_1 
_pdbx_validate_rmsd_angle.auth_atom_id_2 
_pdbx_validate_rmsd_angle.auth_asym_id_2 
_pdbx_validate_rmsd_angle.auth_comp_id_2 
_pdbx_validate_rmsd_angle.auth_seq_id_2 
_pdbx_validate_rmsd_angle.PDB_ins_code_2 
_pdbx_validate_rmsd_angle.label_alt_id_2 
_pdbx_validate_rmsd_angle.auth_atom_id_3 
_pdbx_validate_rmsd_angle.auth_asym_id_3 
_pdbx_validate_rmsd_angle.auth_comp_id_3 
_pdbx_validate_rmsd_angle.auth_seq_id_3 
_pdbx_validate_rmsd_angle.PDB_ins_code_3 
_pdbx_validate_rmsd_angle.label_alt_id_3 
_pdbx_validate_rmsd_angle.angle_value 
_pdbx_validate_rmsd_angle.angle_target_value 
_pdbx_validate_rmsd_angle.angle_deviation 
_pdbx_validate_rmsd_angle.angle_standard_deviation 
_pdbx_validate_rmsd_angle.linker_flag 
1 1 N E PRO 202 ? ? CA E PRO 202 ? ? CB E PRO 202 ? ? 110.70 103.30 7.40 1.20 N 
2 1 N E PRO 239 ? ? CA E PRO 239 ? ? CB E PRO 239 ? ? 110.99 103.30 7.69 1.20 N 
# 
loop_
_pdbx_validate_torsion.id 
_pdbx_validate_torsion.PDB_model_num 
_pdbx_validate_torsion.auth_comp_id 
_pdbx_validate_torsion.auth_asym_id 
_pdbx_validate_torsion.auth_seq_id 
_pdbx_validate_torsion.PDB_ins_code 
_pdbx_validate_torsion.label_alt_id 
_pdbx_validate_torsion.phi 
_pdbx_validate_torsion.psi 
1  1 ILE E 31  ? ? -127.65 -50.97 
2  1 SER E 36  ? ? 62.91   69.55  
3  1 ASN E 43  ? ? -143.64 43.11  
4  1 LEU E 77  ? ? -91.79  -60.61 
5  1 LEU E 88  ? ? 60.38   73.04  
6  1 ARG E 89  ? ? 70.81   36.78  
7  1 ASN E 112 ? ? -147.33 46.80  
8  1 SER E 117 ? ? 57.42   73.43  
9  1 ARG E 153 ? ? -67.97  97.47  
10 1 VAL E 185 ? ? -121.98 -61.51 
11 1 ASN E 194 ? ? 62.70   -2.94  
12 1 LEU E 218 ? ? 63.66   63.60  
# 
_em_3d_fitting.entry_id          6XTB 
_em_3d_fitting.id                1 
_em_3d_fitting.details           ? 
_em_3d_fitting.overall_b_value   ? 
_em_3d_fitting.ref_protocol      ? 
_em_3d_fitting.ref_space         ? 
_em_3d_fitting.target_criteria   ? 
_em_3d_fitting.method            ? 
# 
_em_3d_reconstruction.entry_id                    6XTB 
_em_3d_reconstruction.id                          1 
_em_3d_reconstruction.algorithm                   ? 
_em_3d_reconstruction.details                     ? 
_em_3d_reconstruction.refinement_type             ? 
_em_3d_reconstruction.image_processing_id         1 
_em_3d_reconstruction.num_class_averages          1 
_em_3d_reconstruction.num_particles               180654 
_em_3d_reconstruction.resolution                  4.3 
_em_3d_reconstruction.resolution_method           'FSC 0.143 CUT-OFF' 
_em_3d_reconstruction.symmetry_type               POINT 
_em_3d_reconstruction.method                      ? 
_em_3d_reconstruction.nominal_pixel_size          ? 
_em_3d_reconstruction.actual_pixel_size           ? 
_em_3d_reconstruction.magnification_calibration   ? 
# 
_em_buffer.id            1 
_em_buffer.details       ? 
_em_buffer.pH            7.5 
_em_buffer.specimen_id   1 
_em_buffer.name          ? 
# 
_em_entity_assembly.id                   1 
_em_entity_assembly.parent_id            0 
_em_entity_assembly.details              
;BBSome core complex containing BBS1,4,5,8,9 and 18. 
Only BBS5 was modelled into this map since we obtained another map with higher resolution for the other subunits (see related entry)
;
_em_entity_assembly.name                 'Human BBSome core complex' 
_em_entity_assembly.source               RECOMBINANT 
_em_entity_assembly.type                 COMPLEX 
_em_entity_assembly.entity_id_list       1 
_em_entity_assembly.synonym              ? 
_em_entity_assembly.oligomeric_details   ? 
# 
_em_image_scans.entry_id                6XTB 
_em_image_scans.id                      1 
_em_image_scans.dimension_height        ? 
_em_image_scans.dimension_width         ? 
_em_image_scans.frames_per_image        50 
_em_image_scans.image_recording_id      1 
_em_image_scans.sampling_size           ? 
_em_image_scans.scanner_model           ? 
_em_image_scans.used_frames_per_image   1-50 
_em_image_scans.citation_id             ? 
_em_image_scans.number_digital_images   ? 
_em_image_scans.od_range                ? 
_em_image_scans.quant_bit_size          ? 
_em_image_scans.details                 ? 
# 
_em_imaging.id                              1 
_em_imaging.entry_id                        6XTB 
_em_imaging.accelerating_voltage            300 
_em_imaging.alignment_procedure             ? 
_em_imaging.c2_aperture_diameter            ? 
_em_imaging.calibrated_defocus_max          1000 
_em_imaging.calibrated_defocus_min          300 
_em_imaging.calibrated_magnification        ? 
_em_imaging.cryogen                         NITROGEN 
_em_imaging.details                         ? 
_em_imaging.electron_source                 'FIELD EMISSION GUN' 
_em_imaging.illumination_mode               OTHER 
_em_imaging.microscope_model                'FEI TITAN KRIOS' 
_em_imaging.mode                            'BRIGHT FIELD' 
_em_imaging.nominal_cs                      2.7 
_em_imaging.nominal_defocus_max             ? 
_em_imaging.nominal_defocus_min             ? 
_em_imaging.nominal_magnification           ? 
_em_imaging.recording_temperature_maximum   ? 
_em_imaging.recording_temperature_minimum   ? 
_em_imaging.residual_tilt                   ? 
_em_imaging.specimen_holder_model           'FEI TITAN KRIOS AUTOGRID HOLDER' 
_em_imaging.specimen_id                     1 
_em_imaging.citation_id                     ? 
_em_imaging.date                            ? 
_em_imaging.temperature                     ? 
_em_imaging.tilt_angle_min                  ? 
_em_imaging.tilt_angle_max                  ? 
_em_imaging.astigmatism                     ? 
_em_imaging.detector_distance               ? 
_em_imaging.electron_beam_tilt_params       ? 
_em_imaging.specimen_holder_type            ? 
# 
_em_vitrification.id                    1 
_em_vitrification.specimen_id           1 
_em_vitrification.chamber_temperature   286 
_em_vitrification.cryogen_name          ETHANE 
_em_vitrification.details               'double blot with 2 minutes incubation after first sample application' 
_em_vitrification.humidity              100 
_em_vitrification.instrument            'FEI VITROBOT MARK III' 
_em_vitrification.entry_id              6XTB 
_em_vitrification.citation_id           ? 
_em_vitrification.method                ? 
_em_vitrification.temp                  ? 
_em_vitrification.time_resolved_state   ? 
# 
_em_experiment.entry_id                6XTB 
_em_experiment.id                      1 
_em_experiment.aggregation_state       PARTICLE 
_em_experiment.reconstruction_method   'SINGLE PARTICLE' 
_em_experiment.entity_assembly_id      1 
# 
_em_single_particle_entity.entry_id              6XTB 
_em_single_particle_entity.id                    1 
_em_single_particle_entity.image_processing_id   1 
_em_single_particle_entity.point_symmetry        C1 
# 
loop_
_pdbx_unobs_or_zero_occ_residues.id 
_pdbx_unobs_or_zero_occ_residues.PDB_model_num 
_pdbx_unobs_or_zero_occ_residues.polymer_flag 
_pdbx_unobs_or_zero_occ_residues.occupancy_flag 
_pdbx_unobs_or_zero_occ_residues.auth_asym_id 
_pdbx_unobs_or_zero_occ_residues.auth_comp_id 
_pdbx_unobs_or_zero_occ_residues.auth_seq_id 
_pdbx_unobs_or_zero_occ_residues.PDB_ins_code 
_pdbx_unobs_or_zero_occ_residues.label_asym_id 
_pdbx_unobs_or_zero_occ_residues.label_comp_id 
_pdbx_unobs_or_zero_occ_residues.label_seq_id 
1   1 Y 1 E MET 1   ? A MET 1   
2   1 Y 1 E SER 2   ? A SER 2   
3   1 Y 1 E VAL 3   ? A VAL 3   
4   1 Y 1 E LEU 4   ? A LEU 4   
5   1 Y 1 E LYS 135 ? A LYS 135 
6   1 Y 1 E MET 136 ? A MET 136 
7   1 Y 1 E TYR 137 ? A TYR 137 
8   1 Y 1 E ARG 138 ? A ARG 138 
9   1 Y 1 E ASP 139 ? A ASP 139 
10  1 Y 1 E PHE 140 ? A PHE 140 
11  1 Y 1 E LYS 141 ? A LYS 141 
12  1 Y 1 E LEU 142 ? A LEU 142 
13  1 Y 1 E ARG 143 ? A ARG 143 
14  1 Y 1 E SER 144 ? A SER 144 
15  1 Y 1 E ALA 145 ? A ALA 145 
16  1 Y 1 E LEU 146 ? A LEU 146 
17  1 Y 1 E ILE 147 ? A ILE 147 
18  1 Y 1 E GLN 148 ? A GLN 148 
19  1 Y 1 E HIS 254 ? A HIS 254 
20  1 Y 1 E LYS 255 ? A LYS 255 
21  1 Y 1 E VAL 256 ? A VAL 256 
22  1 Y 1 E TYR 257 ? A TYR 257 
23  1 Y 1 E SER 258 ? A SER 258 
24  1 Y 1 E ALA 259 ? A ALA 259 
25  1 Y 1 E SER 260 ? A SER 260 
26  1 Y 1 E PRO 261 ? A PRO 261 
27  1 Y 1 E ILE 262 ? A ILE 262 
28  1 Y 1 E PHE 263 ? A PHE 263 
29  1 Y 1 E GLY 264 ? A GLY 264 
30  1 Y 1 E VAL 265 ? A VAL 265 
31  1 Y 1 E ASP 266 ? A ASP 266 
32  1 Y 1 E TYR 267 ? A TYR 267 
33  1 Y 1 E GLU 268 ? A GLU 268 
34  1 Y 1 E MET 269 ? A MET 269 
35  1 Y 1 E GLU 270 ? A GLU 270 
36  1 Y 1 E GLU 271 ? A GLU 271 
37  1 Y 1 E LYS 272 ? A LYS 272 
38  1 Y 1 E PRO 273 ? A PRO 273 
39  1 Y 1 E GLN 274 ? A GLN 274 
40  1 Y 1 E PRO 275 ? A PRO 275 
41  1 Y 1 E LEU 276 ? A LEU 276 
42  1 Y 1 E GLU 277 ? A GLU 277 
43  1 Y 1 E ALA 278 ? A ALA 278 
44  1 Y 1 E LEU 279 ? A LEU 279 
45  1 Y 1 E THR 280 ? A THR 280 
46  1 Y 1 E VAL 281 ? A VAL 281 
47  1 Y 1 E GLU 282 ? A GLU 282 
48  1 Y 1 E GLN 283 ? A GLN 283 
49  1 Y 1 E ILE 284 ? A ILE 284 
50  1 Y 1 E GLN 285 ? A GLN 285 
51  1 Y 1 E ASP 286 ? A ASP 286 
52  1 Y 1 E ASP 287 ? A ASP 287 
53  1 Y 1 E VAL 288 ? A VAL 288 
54  1 Y 1 E GLU 289 ? A GLU 289 
55  1 Y 1 E ILE 290 ? A ILE 290 
56  1 Y 1 E ASP 291 ? A ASP 291 
57  1 Y 1 E SER 292 ? A SER 292 
58  1 Y 1 E ASP 293 ? A ASP 293 
59  1 Y 1 E GLY 294 ? A GLY 294 
60  1 Y 1 E HIS 295 ? A HIS 295 
61  1 Y 1 E THR 296 ? A THR 296 
62  1 Y 1 E ASP 297 ? A ASP 297 
63  1 Y 1 E ALA 298 ? A ALA 298 
64  1 Y 1 E PHE 299 ? A PHE 299 
65  1 Y 1 E VAL 300 ? A VAL 300 
66  1 Y 1 E ALA 301 ? A ALA 301 
67  1 Y 1 E TYR 302 ? A TYR 302 
68  1 Y 1 E PHE 303 ? A PHE 303 
69  1 Y 1 E ALA 304 ? A ALA 304 
70  1 Y 1 E ASP 305 ? A ASP 305 
71  1 Y 1 E GLY 306 ? A GLY 306 
72  1 Y 1 E ASN 307 ? A ASN 307 
73  1 Y 1 E LYS 308 ? A LYS 308 
74  1 Y 1 E GLN 309 ? A GLN 309 
75  1 Y 1 E GLN 310 ? A GLN 310 
76  1 Y 1 E ASP 311 ? A ASP 311 
77  1 Y 1 E ARG 312 ? A ARG 312 
78  1 Y 1 E GLU 313 ? A GLU 313 
79  1 Y 1 E PRO 314 ? A PRO 314 
80  1 Y 1 E VAL 315 ? A VAL 315 
81  1 Y 1 E PHE 316 ? A PHE 316 
82  1 Y 1 E SER 317 ? A SER 317 
83  1 Y 1 E GLU 318 ? A GLU 318 
84  1 Y 1 E GLU 319 ? A GLU 319 
85  1 Y 1 E LEU 320 ? A LEU 320 
86  1 Y 1 E GLY 321 ? A GLY 321 
87  1 Y 1 E LEU 322 ? A LEU 322 
88  1 Y 1 E ALA 323 ? A ALA 323 
89  1 Y 1 E ILE 324 ? A ILE 324 
90  1 Y 1 E GLU 325 ? A GLU 325 
91  1 Y 1 E LYS 326 ? A LYS 326 
92  1 Y 1 E LEU 327 ? A LEU 327 
93  1 Y 1 E LYS 328 ? A LYS 328 
94  1 Y 1 E ASP 329 ? A ASP 329 
95  1 Y 1 E GLY 330 ? A GLY 330 
96  1 Y 1 E PHE 331 ? A PHE 331 
97  1 Y 1 E THR 332 ? A THR 332 
98  1 Y 1 E LEU 333 ? A LEU 333 
99  1 Y 1 E GLN 334 ? A GLN 334 
100 1 Y 1 E GLY 335 ? A GLY 335 
101 1 Y 1 E LEU 336 ? A LEU 336 
102 1 Y 1 E TRP 337 ? A TRP 337 
103 1 Y 1 E GLU 338 ? A GLU 338 
104 1 Y 1 E VAL 339 ? A VAL 339 
105 1 Y 1 E MET 340 ? A MET 340 
106 1 Y 1 E SER 341 ? A SER 341 
# 
loop_
_chem_comp_atom.comp_id 
_chem_comp_atom.atom_id 
_chem_comp_atom.type_symbol 
_chem_comp_atom.pdbx_aromatic_flag 
_chem_comp_atom.pdbx_stereo_config 
_chem_comp_atom.pdbx_ordinal 
ALA N    N N N 1   
ALA CA   C N S 2   
ALA C    C N N 3   
ALA O    O N N 4   
ALA CB   C N N 5   
ALA OXT  O N N 6   
ALA H    H N N 7   
ALA H2   H N N 8   
ALA HA   H N N 9   
ALA HB1  H N N 10  
ALA HB2  H N N 11  
ALA HB3  H N N 12  
ALA HXT  H N N 13  
ARG N    N N N 14  
ARG CA   C N S 15  
ARG C    C N N 16  
ARG O    O N N 17  
ARG CB   C N N 18  
ARG CG   C N N 19  
ARG CD   C N N 20  
ARG NE   N N N 21  
ARG CZ   C N N 22  
ARG NH1  N N N 23  
ARG NH2  N N N 24  
ARG OXT  O N N 25  
ARG H    H N N 26  
ARG H2   H N N 27  
ARG HA   H N N 28  
ARG HB2  H N N 29  
ARG HB3  H N N 30  
ARG HG2  H N N 31  
ARG HG3  H N N 32  
ARG HD2  H N N 33  
ARG HD3  H N N 34  
ARG HE   H N N 35  
ARG HH11 H N N 36  
ARG HH12 H N N 37  
ARG HH21 H N N 38  
ARG HH22 H N N 39  
ARG HXT  H N N 40  
ASN N    N N N 41  
ASN CA   C N S 42  
ASN C    C N N 43  
ASN O    O N N 44  
ASN CB   C N N 45  
ASN CG   C N N 46  
ASN OD1  O N N 47  
ASN ND2  N N N 48  
ASN OXT  O N N 49  
ASN H    H N N 50  
ASN H2   H N N 51  
ASN HA   H N N 52  
ASN HB2  H N N 53  
ASN HB3  H N N 54  
ASN HD21 H N N 55  
ASN HD22 H N N 56  
ASN HXT  H N N 57  
ASP N    N N N 58  
ASP CA   C N S 59  
ASP C    C N N 60  
ASP O    O N N 61  
ASP CB   C N N 62  
ASP CG   C N N 63  
ASP OD1  O N N 64  
ASP OD2  O N N 65  
ASP OXT  O N N 66  
ASP H    H N N 67  
ASP H2   H N N 68  
ASP HA   H N N 69  
ASP HB2  H N N 70  
ASP HB3  H N N 71  
ASP HD2  H N N 72  
ASP HXT  H N N 73  
CYS N    N N N 74  
CYS CA   C N R 75  
CYS C    C N N 76  
CYS O    O N N 77  
CYS CB   C N N 78  
CYS SG   S N N 79  
CYS OXT  O N N 80  
CYS H    H N N 81  
CYS H2   H N N 82  
CYS HA   H N N 83  
CYS HB2  H N N 84  
CYS HB3  H N N 85  
CYS HG   H N N 86  
CYS HXT  H N N 87  
GLN N    N N N 88  
GLN CA   C N S 89  
GLN C    C N N 90  
GLN O    O N N 91  
GLN CB   C N N 92  
GLN CG   C N N 93  
GLN CD   C N N 94  
GLN OE1  O N N 95  
GLN NE2  N N N 96  
GLN OXT  O N N 97  
GLN H    H N N 98  
GLN H2   H N N 99  
GLN HA   H N N 100 
GLN HB2  H N N 101 
GLN HB3  H N N 102 
GLN HG2  H N N 103 
GLN HG3  H N N 104 
GLN HE21 H N N 105 
GLN HE22 H N N 106 
GLN HXT  H N N 107 
GLU N    N N N 108 
GLU CA   C N S 109 
GLU C    C N N 110 
GLU O    O N N 111 
GLU CB   C N N 112 
GLU CG   C N N 113 
GLU CD   C N N 114 
GLU OE1  O N N 115 
GLU OE2  O N N 116 
GLU OXT  O N N 117 
GLU H    H N N 118 
GLU H2   H N N 119 
GLU HA   H N N 120 
GLU HB2  H N N 121 
GLU HB3  H N N 122 
GLU HG2  H N N 123 
GLU HG3  H N N 124 
GLU HE2  H N N 125 
GLU HXT  H N N 126 
GLY N    N N N 127 
GLY CA   C N N 128 
GLY C    C N N 129 
GLY O    O N N 130 
GLY OXT  O N N 131 
GLY H    H N N 132 
GLY H2   H N N 133 
GLY HA2  H N N 134 
GLY HA3  H N N 135 
GLY HXT  H N N 136 
HIS N    N N N 137 
HIS CA   C N S 138 
HIS C    C N N 139 
HIS O    O N N 140 
HIS CB   C N N 141 
HIS CG   C Y N 142 
HIS ND1  N Y N 143 
HIS CD2  C Y N 144 
HIS CE1  C Y N 145 
HIS NE2  N Y N 146 
HIS OXT  O N N 147 
HIS H    H N N 148 
HIS H2   H N N 149 
HIS HA   H N N 150 
HIS HB2  H N N 151 
HIS HB3  H N N 152 
HIS HD1  H N N 153 
HIS HD2  H N N 154 
HIS HE1  H N N 155 
HIS HE2  H N N 156 
HIS HXT  H N N 157 
ILE N    N N N 158 
ILE CA   C N S 159 
ILE C    C N N 160 
ILE O    O N N 161 
ILE CB   C N S 162 
ILE CG1  C N N 163 
ILE CG2  C N N 164 
ILE CD1  C N N 165 
ILE OXT  O N N 166 
ILE H    H N N 167 
ILE H2   H N N 168 
ILE HA   H N N 169 
ILE HB   H N N 170 
ILE HG12 H N N 171 
ILE HG13 H N N 172 
ILE HG21 H N N 173 
ILE HG22 H N N 174 
ILE HG23 H N N 175 
ILE HD11 H N N 176 
ILE HD12 H N N 177 
ILE HD13 H N N 178 
ILE HXT  H N N 179 
LEU N    N N N 180 
LEU CA   C N S 181 
LEU C    C N N 182 
LEU O    O N N 183 
LEU CB   C N N 184 
LEU CG   C N N 185 
LEU CD1  C N N 186 
LEU CD2  C N N 187 
LEU OXT  O N N 188 
LEU H    H N N 189 
LEU H2   H N N 190 
LEU HA   H N N 191 
LEU HB2  H N N 192 
LEU HB3  H N N 193 
LEU HG   H N N 194 
LEU HD11 H N N 195 
LEU HD12 H N N 196 
LEU HD13 H N N 197 
LEU HD21 H N N 198 
LEU HD22 H N N 199 
LEU HD23 H N N 200 
LEU HXT  H N N 201 
LYS N    N N N 202 
LYS CA   C N S 203 
LYS C    C N N 204 
LYS O    O N N 205 
LYS CB   C N N 206 
LYS CG   C N N 207 
LYS CD   C N N 208 
LYS CE   C N N 209 
LYS NZ   N N N 210 
LYS OXT  O N N 211 
LYS H    H N N 212 
LYS H2   H N N 213 
LYS HA   H N N 214 
LYS HB2  H N N 215 
LYS HB3  H N N 216 
LYS HG2  H N N 217 
LYS HG3  H N N 218 
LYS HD2  H N N 219 
LYS HD3  H N N 220 
LYS HE2  H N N 221 
LYS HE3  H N N 222 
LYS HZ1  H N N 223 
LYS HZ2  H N N 224 
LYS HZ3  H N N 225 
LYS HXT  H N N 226 
MET N    N N N 227 
MET CA   C N S 228 
MET C    C N N 229 
MET O    O N N 230 
MET CB   C N N 231 
MET CG   C N N 232 
MET SD   S N N 233 
MET CE   C N N 234 
MET OXT  O N N 235 
MET H    H N N 236 
MET H2   H N N 237 
MET HA   H N N 238 
MET HB2  H N N 239 
MET HB3  H N N 240 
MET HG2  H N N 241 
MET HG3  H N N 242 
MET HE1  H N N 243 
MET HE2  H N N 244 
MET HE3  H N N 245 
MET HXT  H N N 246 
PHE N    N N N 247 
PHE CA   C N S 248 
PHE C    C N N 249 
PHE O    O N N 250 
PHE CB   C N N 251 
PHE CG   C Y N 252 
PHE CD1  C Y N 253 
PHE CD2  C Y N 254 
PHE CE1  C Y N 255 
PHE CE2  C Y N 256 
PHE CZ   C Y N 257 
PHE OXT  O N N 258 
PHE H    H N N 259 
PHE H2   H N N 260 
PHE HA   H N N 261 
PHE HB2  H N N 262 
PHE HB3  H N N 263 
PHE HD1  H N N 264 
PHE HD2  H N N 265 
PHE HE1  H N N 266 
PHE HE2  H N N 267 
PHE HZ   H N N 268 
PHE HXT  H N N 269 
PRO N    N N N 270 
PRO CA   C N S 271 
PRO C    C N N 272 
PRO O    O N N 273 
PRO CB   C N N 274 
PRO CG   C N N 275 
PRO CD   C N N 276 
PRO OXT  O N N 277 
PRO H    H N N 278 
PRO HA   H N N 279 
PRO HB2  H N N 280 
PRO HB3  H N N 281 
PRO HG2  H N N 282 
PRO HG3  H N N 283 
PRO HD2  H N N 284 
PRO HD3  H N N 285 
PRO HXT  H N N 286 
SER N    N N N 287 
SER CA   C N S 288 
SER C    C N N 289 
SER O    O N N 290 
SER CB   C N N 291 
SER OG   O N N 292 
SER OXT  O N N 293 
SER H    H N N 294 
SER H2   H N N 295 
SER HA   H N N 296 
SER HB2  H N N 297 
SER HB3  H N N 298 
SER HG   H N N 299 
SER HXT  H N N 300 
THR N    N N N 301 
THR CA   C N S 302 
THR C    C N N 303 
THR O    O N N 304 
THR CB   C N R 305 
THR OG1  O N N 306 
THR CG2  C N N 307 
THR OXT  O N N 308 
THR H    H N N 309 
THR H2   H N N 310 
THR HA   H N N 311 
THR HB   H N N 312 
THR HG1  H N N 313 
THR HG21 H N N 314 
THR HG22 H N N 315 
THR HG23 H N N 316 
THR HXT  H N N 317 
TRP N    N N N 318 
TRP CA   C N S 319 
TRP C    C N N 320 
TRP O    O N N 321 
TRP CB   C N N 322 
TRP CG   C Y N 323 
TRP CD1  C Y N 324 
TRP CD2  C Y N 325 
TRP NE1  N Y N 326 
TRP CE2  C Y N 327 
TRP CE3  C Y N 328 
TRP CZ2  C Y N 329 
TRP CZ3  C Y N 330 
TRP CH2  C Y N 331 
TRP OXT  O N N 332 
TRP H    H N N 333 
TRP H2   H N N 334 
TRP HA   H N N 335 
TRP HB2  H N N 336 
TRP HB3  H N N 337 
TRP HD1  H N N 338 
TRP HE1  H N N 339 
TRP HE3  H N N 340 
TRP HZ2  H N N 341 
TRP HZ3  H N N 342 
TRP HH2  H N N 343 
TRP HXT  H N N 344 
TYR N    N N N 345 
TYR CA   C N S 346 
TYR C    C N N 347 
TYR O    O N N 348 
TYR CB   C N N 349 
TYR CG   C Y N 350 
TYR CD1  C Y N 351 
TYR CD2  C Y N 352 
TYR CE1  C Y N 353 
TYR CE2  C Y N 354 
TYR CZ   C Y N 355 
TYR OH   O N N 356 
TYR OXT  O N N 357 
TYR H    H N N 358 
TYR H2   H N N 359 
TYR HA   H N N 360 
TYR HB2  H N N 361 
TYR HB3  H N N 362 
TYR HD1  H N N 363 
TYR HD2  H N N 364 
TYR HE1  H N N 365 
TYR HE2  H N N 366 
TYR HH   H N N 367 
TYR HXT  H N N 368 
VAL N    N N N 369 
VAL CA   C N S 370 
VAL C    C N N 371 
VAL O    O N N 372 
VAL CB   C N N 373 
VAL CG1  C N N 374 
VAL CG2  C N N 375 
VAL OXT  O N N 376 
VAL H    H N N 377 
VAL H2   H N N 378 
VAL HA   H N N 379 
VAL HB   H N N 380 
VAL HG11 H N N 381 
VAL HG12 H N N 382 
VAL HG13 H N N 383 
VAL HG21 H N N 384 
VAL HG22 H N N 385 
VAL HG23 H N N 386 
VAL HXT  H N N 387 
# 
loop_
_chem_comp_bond.comp_id 
_chem_comp_bond.atom_id_1 
_chem_comp_bond.atom_id_2 
_chem_comp_bond.value_order 
_chem_comp_bond.pdbx_aromatic_flag 
_chem_comp_bond.pdbx_stereo_config 
_chem_comp_bond.pdbx_ordinal 
ALA N   CA   sing N N 1   
ALA N   H    sing N N 2   
ALA N   H2   sing N N 3   
ALA CA  C    sing N N 4   
ALA CA  CB   sing N N 5   
ALA CA  HA   sing N N 6   
ALA C   O    doub N N 7   
ALA C   OXT  sing N N 8   
ALA CB  HB1  sing N N 9   
ALA CB  HB2  sing N N 10  
ALA CB  HB3  sing N N 11  
ALA OXT HXT  sing N N 12  
ARG N   CA   sing N N 13  
ARG N   H    sing N N 14  
ARG N   H2   sing N N 15  
ARG CA  C    sing N N 16  
ARG CA  CB   sing N N 17  
ARG CA  HA   sing N N 18  
ARG C   O    doub N N 19  
ARG C   OXT  sing N N 20  
ARG CB  CG   sing N N 21  
ARG CB  HB2  sing N N 22  
ARG CB  HB3  sing N N 23  
ARG CG  CD   sing N N 24  
ARG CG  HG2  sing N N 25  
ARG CG  HG3  sing N N 26  
ARG CD  NE   sing N N 27  
ARG CD  HD2  sing N N 28  
ARG CD  HD3  sing N N 29  
ARG NE  CZ   sing N N 30  
ARG NE  HE   sing N N 31  
ARG CZ  NH1  sing N N 32  
ARG CZ  NH2  doub N N 33  
ARG NH1 HH11 sing N N 34  
ARG NH1 HH12 sing N N 35  
ARG NH2 HH21 sing N N 36  
ARG NH2 HH22 sing N N 37  
ARG OXT HXT  sing N N 38  
ASN N   CA   sing N N 39  
ASN N   H    sing N N 40  
ASN N   H2   sing N N 41  
ASN CA  C    sing N N 42  
ASN CA  CB   sing N N 43  
ASN CA  HA   sing N N 44  
ASN C   O    doub N N 45  
ASN C   OXT  sing N N 46  
ASN CB  CG   sing N N 47  
ASN CB  HB2  sing N N 48  
ASN CB  HB3  sing N N 49  
ASN CG  OD1  doub N N 50  
ASN CG  ND2  sing N N 51  
ASN ND2 HD21 sing N N 52  
ASN ND2 HD22 sing N N 53  
ASN OXT HXT  sing N N 54  
ASP N   CA   sing N N 55  
ASP N   H    sing N N 56  
ASP N   H2   sing N N 57  
ASP CA  C    sing N N 58  
ASP CA  CB   sing N N 59  
ASP CA  HA   sing N N 60  
ASP C   O    doub N N 61  
ASP C   OXT  sing N N 62  
ASP CB  CG   sing N N 63  
ASP CB  HB2  sing N N 64  
ASP CB  HB3  sing N N 65  
ASP CG  OD1  doub N N 66  
ASP CG  OD2  sing N N 67  
ASP OD2 HD2  sing N N 68  
ASP OXT HXT  sing N N 69  
CYS N   CA   sing N N 70  
CYS N   H    sing N N 71  
CYS N   H2   sing N N 72  
CYS CA  C    sing N N 73  
CYS CA  CB   sing N N 74  
CYS CA  HA   sing N N 75  
CYS C   O    doub N N 76  
CYS C   OXT  sing N N 77  
CYS CB  SG   sing N N 78  
CYS CB  HB2  sing N N 79  
CYS CB  HB3  sing N N 80  
CYS SG  HG   sing N N 81  
CYS OXT HXT  sing N N 82  
GLN N   CA   sing N N 83  
GLN N   H    sing N N 84  
GLN N   H2   sing N N 85  
GLN CA  C    sing N N 86  
GLN CA  CB   sing N N 87  
GLN CA  HA   sing N N 88  
GLN C   O    doub N N 89  
GLN C   OXT  sing N N 90  
GLN CB  CG   sing N N 91  
GLN CB  HB2  sing N N 92  
GLN CB  HB3  sing N N 93  
GLN CG  CD   sing N N 94  
GLN CG  HG2  sing N N 95  
GLN CG  HG3  sing N N 96  
GLN CD  OE1  doub N N 97  
GLN CD  NE2  sing N N 98  
GLN NE2 HE21 sing N N 99  
GLN NE2 HE22 sing N N 100 
GLN OXT HXT  sing N N 101 
GLU N   CA   sing N N 102 
GLU N   H    sing N N 103 
GLU N   H2   sing N N 104 
GLU CA  C    sing N N 105 
GLU CA  CB   sing N N 106 
GLU CA  HA   sing N N 107 
GLU C   O    doub N N 108 
GLU C   OXT  sing N N 109 
GLU CB  CG   sing N N 110 
GLU CB  HB2  sing N N 111 
GLU CB  HB3  sing N N 112 
GLU CG  CD   sing N N 113 
GLU CG  HG2  sing N N 114 
GLU CG  HG3  sing N N 115 
GLU CD  OE1  doub N N 116 
GLU CD  OE2  sing N N 117 
GLU OE2 HE2  sing N N 118 
GLU OXT HXT  sing N N 119 
GLY N   CA   sing N N 120 
GLY N   H    sing N N 121 
GLY N   H2   sing N N 122 
GLY CA  C    sing N N 123 
GLY CA  HA2  sing N N 124 
GLY CA  HA3  sing N N 125 
GLY C   O    doub N N 126 
GLY C   OXT  sing N N 127 
GLY OXT HXT  sing N N 128 
HIS N   CA   sing N N 129 
HIS N   H    sing N N 130 
HIS N   H2   sing N N 131 
HIS CA  C    sing N N 132 
HIS CA  CB   sing N N 133 
HIS CA  HA   sing N N 134 
HIS C   O    doub N N 135 
HIS C   OXT  sing N N 136 
HIS CB  CG   sing N N 137 
HIS CB  HB2  sing N N 138 
HIS CB  HB3  sing N N 139 
HIS CG  ND1  sing Y N 140 
HIS CG  CD2  doub Y N 141 
HIS ND1 CE1  doub Y N 142 
HIS ND1 HD1  sing N N 143 
HIS CD2 NE2  sing Y N 144 
HIS CD2 HD2  sing N N 145 
HIS CE1 NE2  sing Y N 146 
HIS CE1 HE1  sing N N 147 
HIS NE2 HE2  sing N N 148 
HIS OXT HXT  sing N N 149 
ILE N   CA   sing N N 150 
ILE N   H    sing N N 151 
ILE N   H2   sing N N 152 
ILE CA  C    sing N N 153 
ILE CA  CB   sing N N 154 
ILE CA  HA   sing N N 155 
ILE C   O    doub N N 156 
ILE C   OXT  sing N N 157 
ILE CB  CG1  sing N N 158 
ILE CB  CG2  sing N N 159 
ILE CB  HB   sing N N 160 
ILE CG1 CD1  sing N N 161 
ILE CG1 HG12 sing N N 162 
ILE CG1 HG13 sing N N 163 
ILE CG2 HG21 sing N N 164 
ILE CG2 HG22 sing N N 165 
ILE CG2 HG23 sing N N 166 
ILE CD1 HD11 sing N N 167 
ILE CD1 HD12 sing N N 168 
ILE CD1 HD13 sing N N 169 
ILE OXT HXT  sing N N 170 
LEU N   CA   sing N N 171 
LEU N   H    sing N N 172 
LEU N   H2   sing N N 173 
LEU CA  C    sing N N 174 
LEU CA  CB   sing N N 175 
LEU CA  HA   sing N N 176 
LEU C   O    doub N N 177 
LEU C   OXT  sing N N 178 
LEU CB  CG   sing N N 179 
LEU CB  HB2  sing N N 180 
LEU CB  HB3  sing N N 181 
LEU CG  CD1  sing N N 182 
LEU CG  CD2  sing N N 183 
LEU CG  HG   sing N N 184 
LEU CD1 HD11 sing N N 185 
LEU CD1 HD12 sing N N 186 
LEU CD1 HD13 sing N N 187 
LEU CD2 HD21 sing N N 188 
LEU CD2 HD22 sing N N 189 
LEU CD2 HD23 sing N N 190 
LEU OXT HXT  sing N N 191 
LYS N   CA   sing N N 192 
LYS N   H    sing N N 193 
LYS N   H2   sing N N 194 
LYS CA  C    sing N N 195 
LYS CA  CB   sing N N 196 
LYS CA  HA   sing N N 197 
LYS C   O    doub N N 198 
LYS C   OXT  sing N N 199 
LYS CB  CG   sing N N 200 
LYS CB  HB2  sing N N 201 
LYS CB  HB3  sing N N 202 
LYS CG  CD   sing N N 203 
LYS CG  HG2  sing N N 204 
LYS CG  HG3  sing N N 205 
LYS CD  CE   sing N N 206 
LYS CD  HD2  sing N N 207 
LYS CD  HD3  sing N N 208 
LYS CE  NZ   sing N N 209 
LYS CE  HE2  sing N N 210 
LYS CE  HE3  sing N N 211 
LYS NZ  HZ1  sing N N 212 
LYS NZ  HZ2  sing N N 213 
LYS NZ  HZ3  sing N N 214 
LYS OXT HXT  sing N N 215 
MET N   CA   sing N N 216 
MET N   H    sing N N 217 
MET N   H2   sing N N 218 
MET CA  C    sing N N 219 
MET CA  CB   sing N N 220 
MET CA  HA   sing N N 221 
MET C   O    doub N N 222 
MET C   OXT  sing N N 223 
MET CB  CG   sing N N 224 
MET CB  HB2  sing N N 225 
MET CB  HB3  sing N N 226 
MET CG  SD   sing N N 227 
MET CG  HG2  sing N N 228 
MET CG  HG3  sing N N 229 
MET SD  CE   sing N N 230 
MET CE  HE1  sing N N 231 
MET CE  HE2  sing N N 232 
MET CE  HE3  sing N N 233 
MET OXT HXT  sing N N 234 
PHE N   CA   sing N N 235 
PHE N   H    sing N N 236 
PHE N   H2   sing N N 237 
PHE CA  C    sing N N 238 
PHE CA  CB   sing N N 239 
PHE CA  HA   sing N N 240 
PHE C   O    doub N N 241 
PHE C   OXT  sing N N 242 
PHE CB  CG   sing N N 243 
PHE CB  HB2  sing N N 244 
PHE CB  HB3  sing N N 245 
PHE CG  CD1  doub Y N 246 
PHE CG  CD2  sing Y N 247 
PHE CD1 CE1  sing Y N 248 
PHE CD1 HD1  sing N N 249 
PHE CD2 CE2  doub Y N 250 
PHE CD2 HD2  sing N N 251 
PHE CE1 CZ   doub Y N 252 
PHE CE1 HE1  sing N N 253 
PHE CE2 CZ   sing Y N 254 
PHE CE2 HE2  sing N N 255 
PHE CZ  HZ   sing N N 256 
PHE OXT HXT  sing N N 257 
PRO N   CA   sing N N 258 
PRO N   CD   sing N N 259 
PRO N   H    sing N N 260 
PRO CA  C    sing N N 261 
PRO CA  CB   sing N N 262 
PRO CA  HA   sing N N 263 
PRO C   O    doub N N 264 
PRO C   OXT  sing N N 265 
PRO CB  CG   sing N N 266 
PRO CB  HB2  sing N N 267 
PRO CB  HB3  sing N N 268 
PRO CG  CD   sing N N 269 
PRO CG  HG2  sing N N 270 
PRO CG  HG3  sing N N 271 
PRO CD  HD2  sing N N 272 
PRO CD  HD3  sing N N 273 
PRO OXT HXT  sing N N 274 
SER N   CA   sing N N 275 
SER N   H    sing N N 276 
SER N   H2   sing N N 277 
SER CA  C    sing N N 278 
SER CA  CB   sing N N 279 
SER CA  HA   sing N N 280 
SER C   O    doub N N 281 
SER C   OXT  sing N N 282 
SER CB  OG   sing N N 283 
SER CB  HB2  sing N N 284 
SER CB  HB3  sing N N 285 
SER OG  HG   sing N N 286 
SER OXT HXT  sing N N 287 
THR N   CA   sing N N 288 
THR N   H    sing N N 289 
THR N   H2   sing N N 290 
THR CA  C    sing N N 291 
THR CA  CB   sing N N 292 
THR CA  HA   sing N N 293 
THR C   O    doub N N 294 
THR C   OXT  sing N N 295 
THR CB  OG1  sing N N 296 
THR CB  CG2  sing N N 297 
THR CB  HB   sing N N 298 
THR OG1 HG1  sing N N 299 
THR CG2 HG21 sing N N 300 
THR CG2 HG22 sing N N 301 
THR CG2 HG23 sing N N 302 
THR OXT HXT  sing N N 303 
TRP N   CA   sing N N 304 
TRP N   H    sing N N 305 
TRP N   H2   sing N N 306 
TRP CA  C    sing N N 307 
TRP CA  CB   sing N N 308 
TRP CA  HA   sing N N 309 
TRP C   O    doub N N 310 
TRP C   OXT  sing N N 311 
TRP CB  CG   sing N N 312 
TRP CB  HB2  sing N N 313 
TRP CB  HB3  sing N N 314 
TRP CG  CD1  doub Y N 315 
TRP CG  CD2  sing Y N 316 
TRP CD1 NE1  sing Y N 317 
TRP CD1 HD1  sing N N 318 
TRP CD2 CE2  doub Y N 319 
TRP CD2 CE3  sing Y N 320 
TRP NE1 CE2  sing Y N 321 
TRP NE1 HE1  sing N N 322 
TRP CE2 CZ2  sing Y N 323 
TRP CE3 CZ3  doub Y N 324 
TRP CE3 HE3  sing N N 325 
TRP CZ2 CH2  doub Y N 326 
TRP CZ2 HZ2  sing N N 327 
TRP CZ3 CH2  sing Y N 328 
TRP CZ3 HZ3  sing N N 329 
TRP CH2 HH2  sing N N 330 
TRP OXT HXT  sing N N 331 
TYR N   CA   sing N N 332 
TYR N   H    sing N N 333 
TYR N   H2   sing N N 334 
TYR CA  C    sing N N 335 
TYR CA  CB   sing N N 336 
TYR CA  HA   sing N N 337 
TYR C   O    doub N N 338 
TYR C   OXT  sing N N 339 
TYR CB  CG   sing N N 340 
TYR CB  HB2  sing N N 341 
TYR CB  HB3  sing N N 342 
TYR CG  CD1  doub Y N 343 
TYR CG  CD2  sing Y N 344 
TYR CD1 CE1  sing Y N 345 
TYR CD1 HD1  sing N N 346 
TYR CD2 CE2  doub Y N 347 
TYR CD2 HD2  sing N N 348 
TYR CE1 CZ   doub Y N 349 
TYR CE1 HE1  sing N N 350 
TYR CE2 CZ   sing Y N 351 
TYR CE2 HE2  sing N N 352 
TYR CZ  OH   sing N N 353 
TYR OH  HH   sing N N 354 
TYR OXT HXT  sing N N 355 
VAL N   CA   sing N N 356 
VAL N   H    sing N N 357 
VAL N   H2   sing N N 358 
VAL CA  C    sing N N 359 
VAL CA  CB   sing N N 360 
VAL CA  HA   sing N N 361 
VAL C   O    doub N N 362 
VAL C   OXT  sing N N 363 
VAL CB  CG1  sing N N 364 
VAL CB  CG2  sing N N 365 
VAL CB  HB   sing N N 366 
VAL CG1 HG11 sing N N 367 
VAL CG1 HG12 sing N N 368 
VAL CG1 HG13 sing N N 369 
VAL CG2 HG21 sing N N 370 
VAL CG2 HG22 sing N N 371 
VAL CG2 HG23 sing N N 372 
VAL OXT HXT  sing N N 373 
# 
loop_
_em_buffer_component.buffer_id 
_em_buffer_component.id 
_em_buffer_component.concentration 
_em_buffer_component.concentration_units 
_em_buffer_component.formula 
_em_buffer_component.name 
1 1 20  mM ? TRIS-HCL 
1 2 150 mM ? NaCl     
1 3 0.1 mM ? TCEP     
# 
_em_ctf_correction.id                       1 
_em_ctf_correction.em_image_processing_id   1 
_em_ctf_correction.type                     'PHASE FLIPPING AND AMPLITUDE CORRECTION' 
_em_ctf_correction.details                  ? 
# 
_em_entity_assembly_molwt.entity_assembly_id   1 
_em_entity_assembly_molwt.id                   1 
_em_entity_assembly_molwt.experimental_flag    NO 
_em_entity_assembly_molwt.units                ? 
_em_entity_assembly_molwt.value                ? 
# 
_em_entity_assembly_naturalsource.id                   2 
_em_entity_assembly_naturalsource.entity_assembly_id   1 
_em_entity_assembly_naturalsource.cell                 ? 
_em_entity_assembly_naturalsource.cellular_location    ? 
_em_entity_assembly_naturalsource.ncbi_tax_id          9606 
_em_entity_assembly_naturalsource.organ                ? 
_em_entity_assembly_naturalsource.organelle            ? 
_em_entity_assembly_naturalsource.organism             'Homo sapiens' 
_em_entity_assembly_naturalsource.strain               ? 
_em_entity_assembly_naturalsource.tissue               ? 
# 
_em_entity_assembly_recombinant.id                   2 
_em_entity_assembly_recombinant.entity_assembly_id   1 
_em_entity_assembly_recombinant.cell                 ? 
_em_entity_assembly_recombinant.ncbi_tax_id          7111 
_em_entity_assembly_recombinant.organism             'Trichoplusia ni' 
_em_entity_assembly_recombinant.plasmid              ACEMBL 
_em_entity_assembly_recombinant.strain               Hi5 
# 
_em_image_processing.id                   1 
_em_image_processing.image_recording_id   1 
_em_image_processing.details              ? 
# 
_em_image_recording.id                            1 
_em_image_recording.imaging_id                    1 
_em_image_recording.avg_electron_dose_per_image   67 
_em_image_recording.average_exposure_time         15 
_em_image_recording.details                       ? 
_em_image_recording.detector_mode                 COUNTING 
_em_image_recording.film_or_detector_model        'GATAN K2 SUMMIT (4k x 4k)' 
_em_image_recording.num_diffraction_images        ? 
_em_image_recording.num_grids_imaged              ? 
_em_image_recording.num_real_images               15266 
# 
_em_imaging_optics.id                         1 
_em_imaging_optics.imaging_id                 1 
_em_imaging_optics.chr_aberration_corrector   ? 
_em_imaging_optics.energyfilter_lower         ? 
_em_imaging_optics.energyfilter_name          ? 
_em_imaging_optics.energyfilter_upper         ? 
_em_imaging_optics.energyfilter_slit_width    20 
_em_imaging_optics.phase_plate                'VOLTA PHASE PLATE' 
_em_imaging_optics.sph_aberration_corrector   ? 
# 
_em_particle_selection.id                       1 
_em_particle_selection.image_processing_id      1 
_em_particle_selection.details                  ? 
_em_particle_selection.method                   ? 
_em_particle_selection.num_particles_selected   2831329 
_em_particle_selection.reference_model          ? 
# 
loop_
_em_software.id 
_em_software.category 
_em_software.details 
_em_software.name 
_em_software.version 
_em_software.image_processing_id 
_em_software.fitting_id 
_em_software.imaging_id 
1  'PARTICLE SELECTION'       Cryolo                                   SPHIRE  1.2-1.3 1 ? ? 
2  'IMAGE ACQUISITION'        ?                                        EPU     ?       ? ? 1 
3  'IMAGE ACQUISITION'        'Transphire used to aid data collection' SPHIRE  ?       ? ? 1 
4  MASKING                    ?                                        ?       ?       ? ? ? 
5  'CTF CORRECTION'           ?                                        CTFFIND 4.1.10  1 ? ? 
6  'LAYERLINE INDEXING'       ?                                        ?       ?       ? ? ? 
7  'DIFFRACTION INDEXING'     ?                                        ?       ?       ? ? ? 
8  'MODEL FITTING'            ?                                        ?       ?       ? 1 ? 
9  OTHER                      ?                                        ?       ?       ? ? ? 
10 'MODEL REFINEMENT'         ?                                        ?       ?       ? 1 ? 
11 'INITIAL EULER ASSIGNMENT' ?                                        SPHIRE  1.2-1.3 1 ? ? 
12 'FINAL EULER ASSIGNMENT'   Meridien                                 SPHIRE  1.2-1.3 1 ? ? 
13 CLASSIFICATION             Sort3D                                   SPHIRE  1.2-1.3 1 ? ? 
14 RECONSTRUCTION             Meridien                                 SPHIRE  1.2-1.3 1 ? ? 
# 
_em_specimen.id                      1 
_em_specimen.experiment_id           1 
_em_specimen.concentration           0.08 
_em_specimen.details                 'The sample was cross linked with 0.5% glutaraldehyde' 
_em_specimen.embedding_applied       NO 
_em_specimen.shadowing_applied       NO 
_em_specimen.staining_applied        NO 
_em_specimen.vitrification_applied   YES 
# 
_pdbx_audit_support.funding_organization   'Max Planck Society' 
_pdbx_audit_support.country                Germany 
_pdbx_audit_support.grant_number           ? 
_pdbx_audit_support.ordinal                1 
# 
_atom_sites.entry_id                    6XTB 
_atom_sites.Cartn_transf_matrix[1][1]   ? 
_atom_sites.Cartn_transf_matrix[1][2]   ? 
_atom_sites.Cartn_transf_matrix[1][3]   ? 
_atom_sites.Cartn_transf_matrix[2][1]   ? 
_atom_sites.Cartn_transf_matrix[2][2]   ? 
_atom_sites.Cartn_transf_matrix[2][3]   ? 
_atom_sites.Cartn_transf_matrix[3][1]   ? 
_atom_sites.Cartn_transf_matrix[3][2]   ? 
_atom_sites.Cartn_transf_matrix[3][3]   ? 
_atom_sites.Cartn_transf_vector[1]      ? 
_atom_sites.Cartn_transf_vector[2]      ? 
_atom_sites.Cartn_transf_vector[3]      ? 
_atom_sites.fract_transf_matrix[1][1]   1.000000 
_atom_sites.fract_transf_matrix[1][2]   0.000000 
_atom_sites.fract_transf_matrix[1][3]   0.000000 
_atom_sites.fract_transf_matrix[2][1]   0.000000 
_atom_sites.fract_transf_matrix[2][2]   1.000000 
_atom_sites.fract_transf_matrix[2][3]   0.000000 
_atom_sites.fract_transf_matrix[3][1]   0.000000 
_atom_sites.fract_transf_matrix[3][2]   0.000000 
_atom_sites.fract_transf_matrix[3][3]   1.000000 
_atom_sites.fract_transf_vector[1]      0.00000 
_atom_sites.fract_transf_vector[2]      0.00000 
_atom_sites.fract_transf_vector[3]      0.00000 
_atom_sites.solution_primary            ? 
_atom_sites.solution_secondary          ? 
_atom_sites.solution_hydrogens          ? 
_atom_sites.special_details             ? 
# 
loop_
_atom_type.symbol 
C 
N 
O 
# 
loop_
_atom_site.group_PDB 
_atom_site.id 
_atom_site.type_symbol 
_atom_site.label_atom_id 
_atom_site.label_alt_id 
_atom_site.label_comp_id 
_atom_site.label_asym_id 
_atom_site.label_entity_id 
_atom_site.label_seq_id 
_atom_site.pdbx_PDB_ins_code 
_atom_site.Cartn_x 
_atom_site.Cartn_y 
_atom_site.Cartn_z 
_atom_site.occupancy 
_atom_site.B_iso_or_equiv 
_atom_site.pdbx_formal_charge 
_atom_site.auth_seq_id 
_atom_site.auth_comp_id 
_atom_site.auth_asym_id 
_atom_site.auth_atom_id 
_atom_site.pdbx_PDB_model_num 
ATOM 1    N N  . ASP A 1 5   ? 1.384   -5.353  20.897  1.00 305.47 ? 5   ASP E N  1 
ATOM 2    C CA . ASP A 1 5   ? 0.568   -5.924  19.833  1.00 305.47 ? 5   ASP E CA 1 
ATOM 3    C C  . ASP A 1 5   ? -0.135  -4.823  19.041  1.00 305.47 ? 5   ASP E C  1 
ATOM 4    O O  . ASP A 1 5   ? -1.303  -4.958  18.685  1.00 305.47 ? 5   ASP E O  1 
ATOM 5    C CB . ASP A 1 5   ? -0.446  -6.903  20.405  1.00 30.00  ? 5   ASP E CB 1 
ATOM 6    N N  . ALA A 1 6   ? 0.590   -3.736  18.760  1.00 314.75 ? 6   ALA E N  1 
ATOM 7    C CA . ALA A 1 6   ? -0.026  -2.585  18.106  1.00 314.75 ? 6   ALA E CA 1 
ATOM 8    C C  . ALA A 1 6   ? 0.183   -2.601  16.597  1.00 314.75 ? 6   ALA E C  1 
ATOM 9    O O  . ALA A 1 6   ? -0.652  -2.070  15.857  1.00 314.75 ? 6   ALA E O  1 
ATOM 10   C CB . ALA A 1 6   ? 0.518   -1.295  18.699  1.00 30.00  ? 6   ALA E CB 1 
ATOM 11   N N  . LEU A 1 7   ? 1.288   -3.180  16.119  1.00 283.52 ? 7   LEU E N  1 
ATOM 12   C CA . LEU A 1 7   ? 1.489   -3.388  14.689  1.00 283.52 ? 7   LEU E CA 1 
ATOM 13   C C  . LEU A 1 7   ? 1.659   -4.851  14.312  1.00 283.52 ? 7   LEU E C  1 
ATOM 14   O O  . LEU A 1 7   ? 2.045   -5.141  13.174  1.00 283.52 ? 7   LEU E O  1 
ATOM 15   C CB . LEU A 1 7   ? 2.694   -2.589  14.217  1.00 30.00  ? 7   LEU E CB 1 
ATOM 16   N N  . TRP A 1 8   ? 1.399   -5.767  15.233  1.00 270.84 ? 8   TRP E N  1 
ATOM 17   C CA . TRP A 1 8   ? 1.197   -7.173  14.923  1.00 270.84 ? 8   TRP E CA 1 
ATOM 18   C C  . TRP A 1 8   ? -0.212  -7.328  14.358  1.00 270.84 ? 8   TRP E C  1 
ATOM 19   O O  . TRP A 1 8   ? -1.194  -7.150  15.085  1.00 270.84 ? 8   TRP E O  1 
ATOM 20   C CB . TRP A 1 8   ? 1.401   -8.046  16.152  1.00 30.00  ? 8   TRP E CB 1 
ATOM 21   N N  . GLU A 1 9   ? -0.320  -7.663  13.075  1.00 287.17 ? 9   GLU E N  1 
ATOM 22   C CA . GLU A 1 9   ? -1.616  -7.997  12.498  1.00 287.17 ? 9   GLU E CA 1 
ATOM 23   C C  . GLU A 1 9   ? -1.971  -9.441  12.836  1.00 287.17 ? 9   GLU E C  1 
ATOM 24   O O  . GLU A 1 9   ? -1.118  -10.333 12.805  1.00 287.17 ? 9   GLU E O  1 
ATOM 25   C CB . GLU A 1 9   ? -1.610  -7.778  10.993  1.00 30.00  ? 9   GLU E CB 1 
ATOM 26   N N  . ASP A 1 10  ? -3.243  -9.661  13.168  1.00 320.20 ? 10  ASP E N  1 
ATOM 27   C CA . ASP A 1 10  ? -3.698  -10.968 13.631  1.00 320.20 ? 10  ASP E CA 1 
ATOM 28   C C  . ASP A 1 10  ? -3.772  -11.960 12.477  1.00 320.20 ? 10  ASP E C  1 
ATOM 29   O O  . ASP A 1 10  ? -4.155  -11.620 11.355  1.00 320.20 ? 10  ASP E O  1 
ATOM 30   C CB . ASP A 1 10  ? -5.049  -10.847 14.318  1.00 30.00  ? 10  ASP E CB 1 
ATOM 31   N N  . ARG A 1 11  ? -3.391  -13.204 12.758  1.00 297.06 ? 11  ARG E N  1 
ATOM 32   C CA . ARG A 1 11  ? -3.245  -14.156 11.671  1.00 297.06 ? 11  ARG E CA 1 
ATOM 33   C C  . ARG A 1 11  ? -4.014  -15.445 11.932  1.00 297.06 ? 11  ARG E C  1 
ATOM 34   O O  . ARG A 1 11  ? -4.571  -16.030 11.002  1.00 297.06 ? 11  ARG E O  1 
ATOM 35   C CB . ARG A 1 11  ? -1.773  -14.460 11.435  1.00 30.00  ? 11  ARG E CB 1 
ATOM 36   N N  . ASP A 1 12  ? -4.062  -15.889 13.192  1.00 328.43 ? 12  ASP E N  1 
ATOM 37   C CA . ASP A 1 12  ? -4.764  -17.127 13.529  1.00 328.43 ? 12  ASP E CA 1 
ATOM 38   C C  . ASP A 1 12  ? -6.266  -17.000 13.301  1.00 328.43 ? 12  ASP E C  1 
ATOM 39   O O  . ASP A 1 12  ? -6.921  -17.948 12.852  1.00 328.43 ? 12  ASP E O  1 
ATOM 40   C CB . ASP A 1 12  ? -4.479  -17.519 14.971  1.00 30.00  ? 12  ASP E CB 1 
ATOM 41   N N  . VAL A 1 13  ? -6.824  -15.831 13.602  1.00 340.79 ? 13  VAL E N  1 
ATOM 42   C CA . VAL A 1 13  ? -8.256  -15.607 13.463  1.00 340.79 ? 13  VAL E CA 1 
ATOM 43   C C  . VAL A 1 13  ? -8.560  -14.643 12.315  1.00 340.79 ? 13  VAL E C  1 
ATOM 44   O O  . VAL A 1 13  ? -9.546  -14.827 11.595  1.00 340.79 ? 13  VAL E O  1 
ATOM 45   C CB . VAL A 1 13  ? -8.837  -15.079 14.766  1.00 30.00  ? 13  VAL E CB 1 
ATOM 46   N N  . ARG A 1 14  ? -7.714  -13.630 12.107  1.00 327.78 ? 14  ARG E N  1 
ATOM 47   C CA . ARG A 1 14  ? -7.982  -12.639 11.071  1.00 327.78 ? 14  ARG E CA 1 
ATOM 48   C C  . ARG A 1 14  ? -7.452  -13.077 9.709   1.00 327.78 ? 14  ARG E C  1 
ATOM 49   O O  . ARG A 1 14  ? -7.907  -12.566 8.679   1.00 327.78 ? 14  ARG E O  1 
ATOM 50   C CB . ARG A 1 14  ? -7.383  -11.296 11.461  1.00 30.00  ? 14  ARG E CB 1 
ATOM 51   N N  . PHE A 1 15  ? -6.510  -14.019 9.672   1.00 305.83 ? 15  PHE E N  1 
ATOM 52   C CA . PHE A 1 15  ? -6.077  -14.605 8.413   1.00 305.83 ? 15  PHE E CA 1 
ATOM 53   C C  . PHE A 1 15  ? -6.421  -16.080 8.279   1.00 305.83 ? 15  PHE E C  1 
ATOM 54   O O  . PHE A 1 15  ? -6.141  -16.657 7.225   1.00 305.83 ? 15  PHE E O  1 
ATOM 55   C CB . PHE A 1 15  ? -4.578  -14.408 8.242   1.00 30.00  ? 15  PHE E CB 1 
ATOM 56   N N  . ASP A 1 16  ? -6.978  -16.702 9.325   1.00 326.54 ? 16  ASP E N  1 
ATOM 57   C CA . ASP A 1 16  ? -7.670  -17.997 9.262   1.00 326.54 ? 16  ASP E CA 1 
ATOM 58   C C  . ASP A 1 16  ? -6.733  -19.123 8.806   1.00 326.54 ? 16  ASP E C  1 
ATOM 59   O O  . ASP A 1 16  ? -6.970  -19.802 7.805   1.00 326.54 ? 16  ASP E O  1 
ATOM 60   C CB . ASP A 1 16  ? -8.874  -17.906 8.338   1.00 30.00  ? 16  ASP E CB 1 
ATOM 61   N N  . LEU A 1 17  ? -5.654  -19.298 9.563   1.00 320.07 ? 17  LEU E N  1 
ATOM 62   C CA . LEU A 1 17  ? -4.613  -20.220 9.129   1.00 320.07 ? 17  LEU E CA 1 
ATOM 63   C C  . LEU A 1 17  ? -4.902  -21.651 9.558   1.00 320.07 ? 17  LEU E C  1 
ATOM 64   O O  . LEU A 1 17  ? -5.717  -21.914 10.446  1.00 320.07 ? 17  LEU E O  1 
ATOM 65   C CB . LEU A 1 17  ? -3.261  -19.774 9.664   1.00 30.00  ? 17  LEU E CB 1 
ATOM 66   N N  . SER A 1 18  ? -4.202  -22.579 8.908   1.00 345.94 ? 18  SER E N  1 
ATOM 67   C CA . SER A 1 18  ? -4.086  -23.957 9.363   1.00 345.94 ? 18  SER E CA 1 
ATOM 68   C C  . SER A 1 18  ? -2.963  -24.035 10.401  1.00 345.94 ? 18  SER E C  1 
ATOM 69   O O  . SER A 1 18  ? -2.551  -23.029 10.986  1.00 345.94 ? 18  SER E O  1 
ATOM 70   C CB . SER A 1 18  ? -3.823  -24.898 8.198   1.00 30.00  ? 18  SER E CB 1 
ATOM 71   N N  . ALA A 1 19  ? -2.452  -25.238 10.649  1.00 347.20 ? 19  ALA E N  1 
ATOM 72   C CA . ALA A 1 19  ? -1.393  -25.406 11.637  1.00 347.20 ? 19  ALA E CA 1 
ATOM 73   C C  . ALA A 1 19  ? 0.005   -25.124 11.093  1.00 347.20 ? 19  ALA E C  1 
ATOM 74   O O  . ALA A 1 19  ? 0.966   -25.167 11.869  1.00 347.20 ? 19  ALA E O  1 
ATOM 75   C CB . ALA A 1 19  ? -1.447  -26.812 12.213  1.00 30.00  ? 19  ALA E CB 1 
ATOM 76   N N  . GLN A 1 20  ? 0.155   -24.834 9.801   1.00 333.59 ? 20  GLN E N  1 
ATOM 77   C CA . GLN A 1 20  ? 1.507   -24.785 9.247   1.00 333.59 ? 20  GLN E CA 1 
ATOM 78   C C  . GLN A 1 20  ? 1.847   -23.499 8.510   1.00 333.59 ? 20  GLN E C  1 
ATOM 79   O O  . GLN A 1 20  ? 2.978   -23.025 8.620   1.00 333.59 ? 20  GLN E O  1 
ATOM 80   C CB . GLN A 1 20  ? 1.717   -25.972 8.320   1.00 30.00  ? 20  GLN E CB 1 
ATOM 81   N N  . GLN A 1 21  ? 0.914   -22.928 7.749   1.00 330.12 ? 21  GLN E N  1 
ATOM 82   C CA . GLN A 1 21  ? 1.260   -21.895 6.781   1.00 330.12 ? 21  GLN E CA 1 
ATOM 83   C C  . GLN A 1 21  ? 0.342   -20.688 6.954   1.00 330.12 ? 21  GLN E C  1 
ATOM 84   O O  . GLN A 1 21  ? -0.691  -20.751 7.625   1.00 330.12 ? 21  GLN E O  1 
ATOM 85   C CB . GLN A 1 21  ? 1.178   -22.438 5.363   1.00 30.00  ? 21  GLN E CB 1 
ATOM 86   N N  . MET A 1 22  ? 0.743   -19.578 6.335   1.00 289.58 ? 22  MET E N  1 
ATOM 87   C CA . MET A 1 22  ? 0.004   -18.326 6.335   1.00 289.58 ? 22  MET E CA 1 
ATOM 88   C C  . MET A 1 22  ? -1.144  -18.372 5.327   1.00 289.58 ? 22  MET E C  1 
ATOM 89   O O  . MET A 1 22  ? -1.426  -19.400 4.705   1.00 289.58 ? 22  MET E O  1 
ATOM 90   C CB . MET A 1 22  ? 0.933   -17.160 6.032   1.00 30.00  ? 22  MET E CB 1 
ATOM 91   N N  . LYS A 1 23  ? -1.809  -17.234 5.165   1.00 266.66 ? 23  LYS E N  1 
ATOM 92   C CA . LYS A 1 23  ? -2.776  -17.052 4.094   1.00 266.66 ? 23  LYS E CA 1 
ATOM 93   C C  . LYS A 1 23  ? -2.402  -15.821 3.287   1.00 266.66 ? 23  LYS E C  1 
ATOM 94   O O  . LYS A 1 23  ? -2.254  -14.729 3.841   1.00 266.66 ? 23  LYS E O  1 
ATOM 95   C CB . LYS A 1 23  ? -4.187  -16.932 4.651   1.00 30.00  ? 23  LYS E CB 1 
ATOM 96   N N  . THR A 1 24  ? -2.271  -16.005 1.984   1.00 249.31 ? 24  THR E N  1 
ATOM 97   C CA . THR A 1 24  ? -1.789  -14.973 1.087   1.00 249.31 ? 24  THR E CA 1 
ATOM 98   C C  . THR A 1 24  ? -2.923  -14.019 0.713   1.00 249.31 ? 24  THR E C  1 
ATOM 99   O O  . THR A 1 24  ? -4.050  -14.429 0.436   1.00 249.31 ? 24  THR E O  1 
ATOM 100  C CB . THR A 1 24  ? -1.175  -15.591 -0.161  1.00 30.00  ? 24  THR E CB 1 
ATOM 101  N N  . ARG A 1 25  ? -2.609  -12.727 0.724   1.00 260.14 ? 25  ARG E N  1 
ATOM 102  C CA . ARG A 1 25  ? -3.546  -11.693 0.321   1.00 260.14 ? 25  ARG E CA 1 
ATOM 103  C C  . ARG A 1 25  ? -3.624  -11.631 -1.207  1.00 260.14 ? 25  ARG E C  1 
ATOM 104  O O  . ARG A 1 25  ? -2.739  -12.144 -1.897  1.00 260.14 ? 25  ARG E O  1 
ATOM 105  C CB . ARG A 1 25  ? -3.142  -10.345 0.897   1.00 30.00  ? 25  ARG E CB 1 
ATOM 106  N N  . PRO A 1 26  ? -4.715  -11.053 -1.776  1.00 246.32 ? 26  PRO E N  1 
ATOM 107  C CA . PRO A 1 26  ? -4.795  -10.922 -3.242  1.00 246.32 ? 26  PRO E CA 1 
ATOM 108  C C  . PRO A 1 26  ? -3.758  -9.980  -3.834  1.00 246.32 ? 26  PRO E C  1 
ATOM 109  O O  . PRO A 1 26  ? -3.644  -8.826  -3.412  1.00 246.32 ? 26  PRO E O  1 
ATOM 110  C CB . PRO A 1 26  ? -6.191  -10.466 -3.640  1.00 30.00  ? 26  PRO E CB 1 
ATOM 111  N N  . GLY A 1 27  ? -3.000  -10.462 -4.818  1.00 243.63 ? 27  GLY E N  1 
ATOM 112  C CA . GLY A 1 27  ? -1.952  -9.678  -5.434  1.00 243.63 ? 27  GLY E CA 1 
ATOM 113  C C  . GLY A 1 27  ? -0.614  -9.759  -4.738  1.00 243.63 ? 27  GLY E C  1 
ATOM 114  O O  . GLY A 1 27  ? 0.311   -9.040  -5.127  1.00 243.63 ? 27  GLY E O  1 
ATOM 115  N N  . GLU A 1 28  ? -0.484  -10.613 -3.732  1.00 242.66 ? 28  GLU E N  1 
ATOM 116  C CA . GLU A 1 28  ? 0.714   -10.703 -2.912  1.00 242.66 ? 28  GLU E CA 1 
ATOM 117  C C  . GLU A 1 28  ? 1.653   -11.750 -3.497  1.00 242.66 ? 28  GLU E C  1 
ATOM 118  O O  . GLU A 1 28  ? 1.302   -12.931 -3.572  1.00 242.66 ? 28  GLU E O  1 
ATOM 119  C CB . GLU A 1 28  ? 0.360   -11.035 -1.469  1.00 30.00  ? 28  GLU E CB 1 
ATOM 120  N N  . VAL A 1 29  ? 2.845   -11.317 -3.895  1.00 218.52 ? 29  VAL E N  1 
ATOM 121  C CA . VAL A 1 29  ? 3.796   -12.141 -4.632  1.00 218.52 ? 29  VAL E CA 1 
ATOM 122  C C  . VAL A 1 29  ? 4.884   -12.619 -3.680  1.00 218.52 ? 29  VAL E C  1 
ATOM 123  O O  . VAL A 1 29  ? 5.445   -11.827 -2.913  1.00 218.52 ? 29  VAL E O  1 
ATOM 124  C CB . VAL A 1 29  ? 4.392   -11.372 -5.801  1.00 30.00  ? 29  VAL E CB 1 
ATOM 125  N N  . LEU A 1 30  ? 5.184   -13.915 -3.730  1.00 195.20 ? 30  LEU E N  1 
ATOM 126  C CA . LEU A 1 30  ? 6.178   -14.494 -2.838  1.00 195.20 ? 30  LEU E CA 1 
ATOM 127  C C  . LEU A 1 30  ? 7.529   -14.608 -3.534  1.00 195.20 ? 30  LEU E C  1 
ATOM 128  O O  . LEU A 1 30  ? 7.616   -14.765 -4.754  1.00 195.20 ? 30  LEU E O  1 
ATOM 129  C CB . LEU A 1 30  ? 5.718   -15.854 -2.338  1.00 30.00  ? 30  LEU E CB 1 
ATOM 130  N N  . ILE A 1 31  ? 8.599   -14.505 -2.743  1.00 195.31 ? 31  ILE E N  1 
ATOM 131  C CA . ILE A 1 31  ? 9.959   -14.594 -3.268  1.00 195.31 ? 31  ILE E CA 1 
ATOM 132  C C  . ILE A 1 31  ? 10.779  -15.634 -2.502  1.00 195.31 ? 31  ILE E C  1 
ATOM 133  O O  . ILE A 1 31  ? 11.399  -16.513 -3.112  1.00 195.31 ? 31  ILE E O  1 
ATOM 134  C CB . ILE A 1 31  ? 10.640  -13.234 -3.215  1.00 30.00  ? 31  ILE E CB 1 
ATOM 135  N N  . ASP A 1 32  ? 10.796  -15.556 -1.169  1.00 198.37 ? 32  ASP E N  1 
ATOM 136  C CA . ASP A 1 32  ? 11.573  -16.512 -0.388  1.00 198.37 ? 32  ASP E CA 1 
ATOM 137  C C  . ASP A 1 32  ? 10.902  -16.756 0.960   1.00 198.37 ? 32  ASP E C  1 
ATOM 138  O O  . ASP A 1 32  ? 10.012  -16.007 1.371   1.00 198.37 ? 32  ASP E O  1 
ATOM 139  C CB . ASP A 1 32  ? 13.000  -16.019 -0.198  1.00 30.00  ? 32  ASP E CB 1 
ATOM 140  N N  . CYS A 1 33  ? 11.334  -17.823 1.636   1.00 216.49 ? 33  CYS E N  1 
ATOM 141  C CA . CYS A 1 33  ? 10.778  -18.244 2.918   1.00 216.49 ? 33  CYS E CA 1 
ATOM 142  C C  . CYS A 1 33  ? 11.759  -19.182 3.613   1.00 216.49 ? 33  CYS E C  1 
ATOM 143  O O  . CYS A 1 33  ? 12.353  -20.053 2.972   1.00 216.49 ? 33  CYS E O  1 
ATOM 144  C CB . CYS A 1 33  ? 9.425   -18.915 2.729   1.00 30.00  ? 33  CYS E CB 1 
ATOM 145  N N  . LEU A 1 34  ? 11.943  -18.986 4.922   1.00 201.09 ? 34  LEU E N  1 
ATOM 146  C CA . LEU A 1 34  ? 12.913  -19.756 5.695   1.00 201.09 ? 34  LEU E CA 1 
ATOM 147  C C  . LEU A 1 34  ? 12.426  -19.943 7.126   1.00 201.09 ? 34  LEU E C  1 
ATOM 148  O O  . LEU A 1 34  ? 11.244  -19.768 7.436   1.00 201.09 ? 34  LEU E O  1 
ATOM 149  C CB . LEU A 1 34  ? 14.273  -19.076 5.676   1.00 30.00  ? 34  LEU E CB 1 
ATOM 150  N N  . ASP A 1 35  ? 13.359  -20.317 8.000   1.00 227.22 ? 35  ASP E N  1 
ATOM 151  C CA . ASP A 1 35  ? 13.048  -20.997 9.247   1.00 227.22 ? 35  ASP E CA 1 
ATOM 152  C C  . ASP A 1 35  ? 14.040  -20.609 10.341  1.00 227.22 ? 35  ASP E C  1 
ATOM 153  O O  . ASP A 1 35  ? 15.136  -20.114 10.069  1.00 227.22 ? 35  ASP E O  1 
ATOM 154  C CB . ASP A 1 35  ? 13.040  -22.504 9.044   1.00 30.00  ? 35  ASP E CB 1 
ATOM 155  N N  . SER A 1 36  ? 13.651  -20.905 11.590  1.00 245.22 ? 36  SER E N  1 
ATOM 156  C CA . SER A 1 36  ? 14.484  -20.886 12.803  1.00 245.22 ? 36  SER E CA 1 
ATOM 157  C C  . SER A 1 36  ? 15.016  -19.482 13.121  1.00 245.22 ? 36  SER E C  1 
ATOM 158  O O  . SER A 1 36  ? 16.207  -19.202 13.015  1.00 245.22 ? 36  SER E O  1 
ATOM 159  C CB . SER A 1 36  ? 15.640  -21.865 12.660  1.00 30.00  ? 36  SER E CB 1 
ATOM 160  N N  . ILE A 1 37  ? 14.086  -18.604 13.528  1.00 256.49 ? 37  ILE E N  1 
ATOM 161  C CA . ILE A 1 37  ? 14.398  -17.224 13.901  1.00 256.49 ? 37  ILE E CA 1 
ATOM 162  C C  . ILE A 1 37  ? 13.823  -16.910 15.287  1.00 256.49 ? 37  ILE E C  1 
ATOM 163  O O  . ILE A 1 37  ? 12.849  -17.528 15.729  1.00 256.49 ? 37  ILE E O  1 
ATOM 164  C CB . ILE A 1 37  ? 13.861  -16.252 12.862  1.00 30.00  ? 37  ILE E CB 1 
ATOM 165  N N  . GLU A 1 38  ? 14.463  -15.967 15.996  1.00 233.62 ? 38  GLU E N  1 
ATOM 166  C CA . GLU A 1 38  ? 14.010  -15.486 17.301  1.00 233.62 ? 38  GLU E CA 1 
ATOM 167  C C  . GLU A 1 38  ? 13.374  -14.103 17.178  1.00 233.62 ? 38  GLU E C  1 
ATOM 168  O O  . GLU A 1 38  ? 13.895  -13.236 16.469  1.00 233.62 ? 38  GLU E O  1 
ATOM 169  C CB . GLU A 1 38  ? 15.165  -15.456 18.289  1.00 30.00  ? 38  GLU E CB 1 
ATOM 170  N N  . ASP A 1 39  ? 12.252  -13.896 17.875  1.00 238.96 ? 39  ASP E N  1 
ATOM 171  C CA . ASP A 1 39  ? 11.679  -12.573 18.086  1.00 238.96 ? 39  ASP E CA 1 
ATOM 172  C C  . ASP A 1 39  ? 11.782  -12.186 19.558  1.00 238.96 ? 39  ASP E C  1 
ATOM 173  O O  . ASP A 1 39  ? 11.737  -13.037 20.451  1.00 238.96 ? 39  ASP E O  1 
ATOM 174  C CB . ASP A 1 39  ? 10.233  -12.532 17.618  1.00 30.00  ? 39  ASP E CB 1 
ATOM 175  N N  . THR A 1 40  ? 11.923  -10.880 19.790  1.00 227.97 ? 40  THR E N  1 
ATOM 176  C CA . THR A 1 40  ? 11.990  -10.279 21.112  1.00 227.97 ? 40  THR E CA 1 
ATOM 177  C C  . THR A 1 40  ? 11.185  -8.979  21.063  1.00 227.97 ? 40  THR E C  1 
ATOM 178  O O  . THR A 1 40  ? 11.021  -8.389  19.991  1.00 227.97 ? 40  THR E O  1 
ATOM 179  C CB . THR A 1 40  ? 13.429  -10.028 21.536  1.00 30.00  ? 40  THR E CB 1 
ATOM 180  N N  . LYS A 1 41  ? 10.657  -8.562  22.220  1.00 199.36 ? 41  LYS E N  1 
ATOM 181  C CA . LYS A 1 41  ? 9.832   -7.362  22.393  1.00 199.36 ? 41  LYS E CA 1 
ATOM 182  C C  . LYS A 1 41  ? 8.589   -7.401  21.498  1.00 199.36 ? 41  LYS E C  1 
ATOM 183  O O  . LYS A 1 41  ? 8.328   -6.486  20.714  1.00 199.36 ? 41  LYS E O  1 
ATOM 184  C CB . LYS A 1 41  ? 10.651  -6.112  22.107  1.00 30.00  ? 41  LYS E CB 1 
ATOM 185  N N  . GLY A 1 42  ? 7.870   -8.515  21.520  1.00 242.00 ? 42  GLY E N  1 
ATOM 186  C CA . GLY A 1 42  ? 6.541   -8.569  20.946  1.00 242.00 ? 42  GLY E CA 1 
ATOM 187  C C  . GLY A 1 42  ? 5.559   -8.937  22.034  1.00 242.00 ? 42  GLY E C  1 
ATOM 188  O O  . GLY A 1 42  ? 5.346   -8.167  22.976  1.00 242.00 ? 42  GLY E O  1 
ATOM 189  N N  . ASN A 1 43  ? 4.936   -10.103 21.906  1.00 261.41 ? 43  ASN E N  1 
ATOM 190  C CA . ASN A 1 43  ? 4.316   -10.788 23.032  1.00 261.41 ? 43  ASN E CA 1 
ATOM 191  C C  . ASN A 1 43  ? 4.493   -12.303 22.894  1.00 261.41 ? 43  ASN E C  1 
ATOM 192  O O  . ASN A 1 43  ? 3.569   -13.080 23.143  1.00 261.41 ? 43  ASN E O  1 
ATOM 193  C CB . ASN A 1 43  ? 2.842   -10.424 23.135  1.00 30.00  ? 43  ASN E CB 1 
ATOM 194  N N  . ASN A 1 44  ? 5.691   -12.742 22.507  1.00 246.01 ? 44  ASN E N  1 
ATOM 195  C CA . ASN A 1 44  ? 5.912   -14.088 21.996  1.00 246.01 ? 44  ASN E CA 1 
ATOM 196  C C  . ASN A 1 44  ? 6.936   -14.858 22.833  1.00 246.01 ? 44  ASN E C  1 
ATOM 197  O O  . ASN A 1 44  ? 7.363   -14.428 23.906  1.00 246.01 ? 44  ASN E O  1 
ATOM 198  C CB . ASN A 1 44  ? 6.357   -14.030 20.543  1.00 30.00  ? 44  ASN E CB 1 
ATOM 199  N N  . GLY A 1 45  ? 7.322   -16.031 22.319  1.00 239.69 ? 45  GLY E N  1 
ATOM 200  C CA . GLY A 1 45  ? 8.293   -16.904 22.954  1.00 239.69 ? 45  GLY E CA 1 
ATOM 201  C C  . GLY A 1 45  ? 9.712   -16.764 22.431  1.00 239.69 ? 45  GLY E C  1 
ATOM 202  O O  . GLY A 1 45  ? 10.333  -15.721 22.653  1.00 239.69 ? 45  GLY E O  1 
ATOM 203  N N  . ASP A 1 46  ? 10.259  -17.789 21.755  1.00 234.00 ? 46  ASP E N  1 
ATOM 204  C CA . ASP A 1 46  ? 11.663  -17.701 21.345  1.00 234.00 ? 46  ASP E CA 1 
ATOM 205  C C  . ASP A 1 46  ? 12.040  -18.210 19.954  1.00 234.00 ? 46  ASP E C  1 
ATOM 206  O O  . ASP A 1 46  ? 13.130  -17.848 19.501  1.00 234.00 ? 46  ASP E O  1 
ATOM 207  C CB . ASP A 1 46  ? 12.513  -18.429 22.374  1.00 30.00  ? 46  ASP E CB 1 
ATOM 208  N N  . ARG A 1 47  ? 11.234  -19.019 19.258  1.00 229.81 ? 47  ARG E N  1 
ATOM 209  C CA . ARG A 1 47  ? 11.683  -19.560 17.972  1.00 229.81 ? 47  ARG E CA 1 
ATOM 210  C C  . ARG A 1 47  ? 10.535  -19.689 16.975  1.00 229.81 ? 47  ARG E C  1 
ATOM 211  O O  . ARG A 1 47  ? 9.366   -19.743 17.370  1.00 229.81 ? 47  ARG E O  1 
ATOM 212  C CB . ARG A 1 47  ? 12.357  -20.908 18.176  1.00 30.00  ? 47  ARG E CB 1 
ATOM 213  N N  . GLY A 1 48  ? 10.883  -19.726 15.690  1.00 237.96 ? 48  GLY E N  1 
ATOM 214  C CA . GLY A 1 48  ? 9.916   -19.983 14.639  1.00 237.96 ? 48  GLY E CA 1 
ATOM 215  C C  . GLY A 1 48  ? 10.466  -19.714 13.246  1.00 237.96 ? 48  GLY E C  1 
ATOM 216  O O  . GLY A 1 48  ? 11.628  -19.346 13.085  1.00 237.96 ? 48  GLY E O  1 
ATOM 217  N N  . ARG A 1 49  ? 9.602   -19.869 12.237  1.00 222.63 ? 49  ARG E N  1 
ATOM 218  C CA . ARG A 1 49  ? 9.952   -19.731 10.824  1.00 222.63 ? 49  ARG E CA 1 
ATOM 219  C C  . ARG A 1 49  ? 10.031  -18.267 10.410  1.00 222.63 ? 49  ARG E C  1 
ATOM 220  O O  . ARG A 1 49  ? 9.791   -17.360 11.206  1.00 222.63 ? 49  ARG E O  1 
ATOM 221  C CB . ARG A 1 49  ? 8.948   -20.475 9.956   1.00 30.00  ? 49  ARG E CB 1 
ATOM 222  N N  . LEU A 1 50  ? 10.355  -18.042 9.134   1.00 215.77 ? 50  LEU E N  1 
ATOM 223  C CA . LEU A 1 50  ? 10.356  -16.694 8.579   1.00 215.77 ? 50  LEU E CA 1 
ATOM 224  C C  . LEU A 1 50  ? 9.993   -16.679 7.101   1.00 215.77 ? 50  LEU E C  1 
ATOM 225  O O  . LEU A 1 50  ? 10.718  -17.236 6.270   1.00 215.77 ? 50  LEU E O  1 
ATOM 226  C CB . LEU A 1 50  ? 11.713  -16.041 8.793   1.00 30.00  ? 50  LEU E CB 1 
ATOM 227  N N  . LEU A 1 51  ? 8.909   -15.977 6.775   1.00 221.45 ? 51  LEU E N  1 
ATOM 228  C CA . LEU A 1 51  ? 8.399   -15.862 5.416   1.00 221.45 ? 51  LEU E CA 1 
ATOM 229  C C  . LEU A 1 51  ? 8.456   -14.400 4.993   1.00 221.45 ? 51  LEU E C  1 
ATOM 230  O O  . LEU A 1 51  ? 8.410   -13.506 5.839   1.00 221.45 ? 51  LEU E O  1 
ATOM 231  C CB . LEU A 1 51  ? 6.983   -16.407 5.317   1.00 30.00  ? 51  LEU E CB 1 
ATOM 232  N N  . VAL A 1 52  ? 8.559   -14.146 3.692   1.00 221.28 ? 52  VAL E N  1 
ATOM 233  C CA . VAL A 1 52  ? 8.612   -12.777 3.185   1.00 221.28 ? 52  VAL E CA 1 
ATOM 234  C C  . VAL A 1 52  ? 7.851   -12.722 1.865   1.00 221.28 ? 52  VAL E C  1 
ATOM 235  O O  . VAL A 1 52  ? 7.762   -13.727 1.149   1.00 221.28 ? 52  VAL E O  1 
ATOM 236  C CB . VAL A 1 52  ? 10.050  -12.311 3.011   1.00 30.00  ? 52  VAL E CB 1 
ATOM 237  N N  . THR A 1 53  ? 7.250   -11.568 1.580   1.00 234.51 ? 53  THR E N  1 
ATOM 238  C CA . THR A 1 53  ? 6.415   -11.311 0.412   1.00 234.51 ? 53  THR E CA 1 
ATOM 239  C C  . THR A 1 53  ? 6.718   -9.916  -0.130  1.00 234.51 ? 53  THR E C  1 
ATOM 240  O O  . THR A 1 53  ? 7.719   -9.293  0.224   1.00 234.51 ? 53  THR E O  1 
ATOM 241  C CB . THR A 1 53  ? 4.940   -11.451 0.757   1.00 30.00  ? 53  THR E CB 1 
ATOM 242  N N  . ASN A 1 54  ? 5.831   -9.427  -1.000  1.00 228.95 ? 54  ASN E N  1 
ATOM 243  C CA . ASN A 1 54  ? 5.936   -8.049  -1.461  1.00 228.95 ? 54  ASN E CA 1 
ATOM 244  C C  . ASN A 1 54  ? 4.988   -7.119  -0.723  1.00 228.95 ? 54  ASN E C  1 
ATOM 245  O O  . ASN A 1 54  ? 4.861   -5.952  -1.108  1.00 228.95 ? 54  ASN E O  1 
ATOM 246  C CB . ASN A 1 54  ? 5.680   -7.978  -2.959  1.00 30.00  ? 54  ASN E CB 1 
ATOM 247  N N  . LEU A 1 55  ? 4.307   -7.606  0.310   1.00 240.75 ? 55  LEU E N  1 
ATOM 248  C CA . LEU A 1 55  ? 3.536   -6.736  1.187   1.00 240.75 ? 55  LEU E CA 1 
ATOM 249  C C  . LEU A 1 55  ? 3.670   -7.046  2.666   1.00 240.75 ? 55  LEU E C  1 
ATOM 250  O O  . LEU A 1 55  ? 3.222   -6.231  3.480   1.00 240.75 ? 55  LEU E O  1 
ATOM 251  C CB . LEU A 1 55  ? 2.069   -6.788  0.788   1.00 30.00  ? 55  LEU E CB 1 
ATOM 252  N N  . ARG A 1 56  ? 4.263   -8.172  3.047   1.00 251.83 ? 56  ARG E N  1 
ATOM 253  C CA . ARG A 1 56  ? 4.456   -8.487  4.453   1.00 251.83 ? 56  ARG E CA 1 
ATOM 254  C C  . ARG A 1 56  ? 5.730   -9.298  4.622   1.00 251.83 ? 56  ARG E C  1 
ATOM 255  O O  . ARG A 1 56  ? 6.174   -9.997  3.708   1.00 251.83 ? 56  ARG E O  1 
ATOM 256  C CB . ARG A 1 56  ? 3.256   -9.239  5.009   1.00 30.00  ? 56  ARG E CB 1 
ATOM 257  N N  . ILE A 1 57  ? 6.314   -9.188  5.813   1.00 238.27 ? 57  ILE E N  1 
ATOM 258  C CA . ILE A 1 57  ? 7.503   -9.937  6.203   1.00 238.27 ? 57  ILE E CA 1 
ATOM 259  C C  . ILE A 1 57  ? 7.138   -10.722 7.451   1.00 238.27 ? 57  ILE E C  1 
ATOM 260  O O  . ILE A 1 57  ? 6.909   -10.135 8.515   1.00 238.27 ? 57  ILE E O  1 
ATOM 261  C CB . ILE A 1 57  ? 8.690   -9.016  6.445   1.00 30.00  ? 57  ILE E CB 1 
ATOM 262  N N  . LEU A 1 58  ? 7.080   -12.041 7.327   1.00 236.72 ? 58  LEU E N  1 
ATOM 263  C CA . LEU A 1 58  ? 6.218   -12.848 8.174   1.00 236.72 ? 58  LEU E CA 1 
ATOM 264  C C  . LEU A 1 58  ? 7.014   -13.832 9.012   1.00 236.72 ? 58  LEU E C  1 
ATOM 265  O O  . LEU A 1 58  ? 7.906   -14.516 8.506   1.00 236.72 ? 58  LEU E O  1 
ATOM 266  C CB . LEU A 1 58  ? 5.189   -13.584 7.330   1.00 30.00  ? 58  LEU E CB 1 
ATOM 267  N N  . TRP A 1 59  ? 6.670   -13.909 10.294  1.00 232.84 ? 59  TRP E N  1 
ATOM 268  C CA . TRP A 1 59  ? 7.219   -14.910 11.194  1.00 232.84 ? 59  TRP E CA 1 
ATOM 269  C C  . TRP A 1 59  ? 6.162   -15.967 11.467  1.00 232.84 ? 59  TRP E C  1 
ATOM 270  O O  . TRP A 1 59  ? 5.100   -15.660 12.016  1.00 232.84 ? 59  TRP E O  1 
ATOM 271  C CB . TRP A 1 59  ? 7.702   -14.273 12.488  1.00 30.00  ? 59  TRP E CB 1 
ATOM 272  N N  . HIS A 1 60  ? 6.450   -17.206 11.091  1.00 244.95 ? 60  HIS E N  1 
ATOM 273  C CA . HIS A 1 60  ? 5.623   -18.341 11.472  1.00 244.95 ? 60  HIS E CA 1 
ATOM 274  C C  . HIS A 1 60  ? 6.299   -18.983 12.670  1.00 244.95 ? 60  HIS E C  1 
ATOM 275  O O  . HIS A 1 60  ? 7.516   -18.895 12.796  1.00 244.95 ? 60  HIS E O  1 
ATOM 276  C CB . HIS A 1 60  ? 5.458   -19.326 10.325  1.00 30.00  ? 60  HIS E CB 1 
ATOM 277  N N  . SER A 1 61  ? 5.528   -19.581 13.572  1.00 238.92 ? 61  SER E N  1 
ATOM 278  C CA . SER A 1 61  ? 6.138   -20.115 14.779  1.00 238.92 ? 61  SER E CA 1 
ATOM 279  C C  . SER A 1 61  ? 6.652   -21.533 14.547  1.00 238.92 ? 61  SER E C  1 
ATOM 280  O O  . SER A 1 61  ? 6.735   -22.029 13.421  1.00 238.92 ? 61  SER E O  1 
ATOM 281  C CB . SER A 1 61  ? 5.146   -20.088 15.932  1.00 30.00  ? 61  SER E CB 1 
ATOM 282  N N  . LEU A 1 62  ? 7.030   -22.178 15.647  1.00 223.08 ? 62  LEU E N  1 
ATOM 283  C CA . LEU A 1 62  ? 7.235   -23.618 15.686  1.00 223.08 ? 62  LEU E CA 1 
ATOM 284  C C  . LEU A 1 62  ? 6.292   -24.316 16.653  1.00 223.08 ? 62  LEU E C  1 
ATOM 285  O O  . LEU A 1 62  ? 5.620   -25.275 16.267  1.00 223.08 ? 62  LEU E O  1 
ATOM 286  C CB . LEU A 1 62  ? 8.679   -23.929 16.047  1.00 30.00  ? 62  LEU E CB 1 
ATOM 287  N N  . ALA A 1 63  ? 6.223   -23.853 17.901  1.00 231.31 ? 63  ALA E N  1 
ATOM 288  C CA . ALA A 1 63  ? 5.471   -24.578 18.917  1.00 231.31 ? 63  ALA E CA 1 
ATOM 289  C C  . ALA A 1 63  ? 3.977   -24.330 18.778  1.00 231.31 ? 63  ALA E C  1 
ATOM 290  O O  . ALA A 1 63  ? 3.212   -25.236 18.430  1.00 231.31 ? 63  ALA E O  1 
ATOM 291  C CB . ALA A 1 63  ? 5.948   -24.189 20.308  1.00 30.00  ? 63  ALA E CB 1 
ATOM 292  N N  . LEU A 1 64  ? 3.538   -23.104 19.039  1.00 253.86 ? 64  LEU E N  1 
ATOM 293  C CA . LEU A 1 64  ? 2.126   -22.755 18.933  1.00 253.86 ? 64  LEU E CA 1 
ATOM 294  C C  . LEU A 1 64  ? 2.005   -21.742 17.803  1.00 253.86 ? 64  LEU E C  1 
ATOM 295  O O  . LEU A 1 64  ? 2.263   -20.550 17.992  1.00 253.86 ? 64  LEU E O  1 
ATOM 296  C CB . LEU A 1 64  ? 1.587   -22.200 20.244  1.00 30.00  ? 64  LEU E CB 1 
ATOM 297  N N  . SER A 1 65  ? 1.635   -22.227 16.618  1.00 265.56 ? 65  SER E N  1 
ATOM 298  C CA . SER A 1 65  ? 1.460   -21.351 15.471  1.00 265.56 ? 65  SER E CA 1 
ATOM 299  C C  . SER A 1 65  ? 0.097   -20.684 15.451  1.00 265.56 ? 65  SER E C  1 
ATOM 300  O O  . SER A 1 65  ? -0.182  -19.910 14.531  1.00 265.56 ? 65  SER E O  1 
ATOM 301  C CB . SER A 1 65  ? 1.681   -22.129 14.182  1.00 30.00  ? 65  SER E CB 1 
ATOM 302  N N  . ARG A 1 66  ? -0.746  -20.954 16.444  1.00 291.25 ? 66  ARG E N  1 
ATOM 303  C CA . ARG A 1 66  ? -1.966  -20.196 16.667  1.00 291.25 ? 66  ARG E CA 1 
ATOM 304  C C  . ARG A 1 66  ? -1.700  -18.877 17.385  1.00 291.25 ? 66  ARG E C  1 
ATOM 305  O O  . ARG A 1 66  ? -2.645  -18.138 17.678  1.00 291.25 ? 66  ARG E O  1 
ATOM 306  C CB . ARG A 1 66  ? -2.966  -21.031 17.454  1.00 30.00  ? 66  ARG E CB 1 
ATOM 307  N N  . VAL A 1 67  ? -0.442  -18.585 17.701  1.00 280.19 ? 67  VAL E N  1 
ATOM 308  C CA . VAL A 1 67  ? 0.019   -17.222 17.920  1.00 280.19 ? 67  VAL E CA 1 
ATOM 309  C C  . VAL A 1 67  ? 1.116   -16.948 16.890  1.00 280.19 ? 67  VAL E C  1 
ATOM 310  O O  . VAL A 1 67  ? 2.232   -17.475 16.990  1.00 280.19 ? 67  VAL E O  1 
ATOM 311  C CB . VAL A 1 67  ? 0.525   -17.026 19.341  1.00 30.00  ? 67  VAL E CB 1 
ATOM 312  N N  . ASN A 1 68  ? 0.778   -16.175 15.861  1.00 264.12 ? 68  ASN E N  1 
ATOM 313  C CA . ASN A 1 68  ? 1.747   -15.838 14.831  1.00 264.12 ? 68  ASN E CA 1 
ATOM 314  C C  . ASN A 1 68  ? 1.496   -14.421 14.359  1.00 264.12 ? 68  ASN E C  1 
ATOM 315  O O  . ASN A 1 68  ? 0.401   -14.069 13.915  1.00 264.12 ? 68  ASN E O  1 
ATOM 316  C CB . ASN A 1 68  ? 1.674   -16.821 13.673  1.00 30.00  ? 68  ASN E CB 1 
ATOM 317  N N  . VAL A 1 69  ? 2.543   -13.607 14.462  1.00 246.46 ? 69  VAL E N  1 
ATOM 318  C CA . VAL A 1 69  ? 2.440   -12.159 14.362  1.00 246.46 ? 69  VAL E CA 1 
ATOM 319  C C  . VAL A 1 69  ? 3.569   -11.625 13.482  1.00 246.46 ? 69  VAL E C  1 
ATOM 320  O O  . VAL A 1 69  ? 4.697   -12.129 13.486  1.00 246.46 ? 69  VAL E O  1 
ATOM 321  C CB . VAL A 1 69  ? 2.476   -11.517 15.741  1.00 30.00  ? 69  VAL E CB 1 
ATOM 322  N N  . SER A 1 70  ? 3.237   -10.614 12.681  1.00 230.27 ? 70  SER E N  1 
ATOM 323  C CA . SER A 1 70  ? 4.167   -10.057 11.709  1.00 230.27 ? 70  SER E CA 1 
ATOM 324  C C  . SER A 1 70  ? 3.870   -8.584  11.482  1.00 230.27 ? 70  SER E C  1 
ATOM 325  O O  . SER A 1 70  ? 2.996   -8.009  12.135  1.00 230.27 ? 70  SER E O  1 
ATOM 326  C CB . SER A 1 70  ? 4.101   -10.828 10.399  1.00 30.00  ? 70  SER E CB 1 
ATOM 327  N N  . VAL A 1 71  ? 4.612   -7.985  10.552  1.00 209.51 ? 71  VAL E N  1 
ATOM 328  C CA . VAL A 1 71  ? 4.371   -6.631  10.076  1.00 209.51 ? 71  VAL E CA 1 
ATOM 329  C C  . VAL A 1 71  ? 4.913   -6.548  8.653   1.00 209.51 ? 71  VAL E C  1 
ATOM 330  O O  . VAL A 1 71  ? 5.678   -7.414  8.215   1.00 209.51 ? 71  VAL E O  1 
ATOM 331  C CB . VAL A 1 71  ? 5.021   -5.598  10.983  1.00 30.00  ? 71  VAL E CB 1 
ATOM 332  N N  . GLY A 1 72  ? 4.501   -5.515  7.920   1.00 219.82 ? 72  GLY E N  1 
ATOM 333  C CA . GLY A 1 72  ? 4.876   -5.358  6.535   1.00 219.82 ? 72  GLY E CA 1 
ATOM 334  C C  . GLY A 1 72  ? 5.582   -4.045  6.249   1.00 219.82 ? 72  GLY E C  1 
ATOM 335  O O  . GLY A 1 72  ? 6.008   -3.334  7.154   1.00 219.82 ? 72  GLY E O  1 
ATOM 336  N N  . TYR A 1 73  ? 5.675   -3.726  4.955   1.00 232.43 ? 73  TYR E N  1 
ATOM 337  C CA . TYR A 1 73  ? 6.455   -2.593  4.458   1.00 232.43 ? 73  TYR E CA 1 
ATOM 338  C C  . TYR A 1 73  ? 5.811   -1.249  4.751   1.00 232.43 ? 73  TYR E C  1 
ATOM 339  O O  . TYR A 1 73  ? 6.447   -0.215  4.526   1.00 232.43 ? 73  TYR E O  1 
ATOM 340  C CB . TYR A 1 73  ? 6.687   -2.742  2.962   1.00 30.00  ? 73  TYR E CB 1 
ATOM 341  N N  . ASN A 1 74  ? 4.575   -1.237  5.252   1.00 227.12 ? 74  ASN E N  1 
ATOM 342  C CA . ASN A 1 74  ? 3.918   0.001   5.650   1.00 227.12 ? 74  ASN E CA 1 
ATOM 343  C C  . ASN A 1 74  ? 4.515   0.611   6.916   1.00 227.12 ? 74  ASN E C  1 
ATOM 344  O O  . ASN A 1 74  ? 4.118   1.718   7.294   1.00 227.12 ? 74  ASN E O  1 
ATOM 345  C CB . ASN A 1 74  ? 2.429   -0.242  5.843   1.00 30.00  ? 74  ASN E CB 1 
ATOM 346  N N  . CYS A 1 75  ? 5.463   -0.066  7.571   1.00 243.39 ? 75  CYS E N  1 
ATOM 347  C CA . CYS A 1 75  ? 5.943   0.352   8.878   1.00 243.39 ? 75  CYS E CA 1 
ATOM 348  C C  . CYS A 1 75  ? 7.462   0.280   9.033   1.00 243.39 ? 75  CYS E C  1 
ATOM 349  O O  . CYS A 1 75  ? 7.973   0.634   10.101  1.00 243.39 ? 75  CYS E O  1 
ATOM 350  C CB . CYS A 1 75  ? 5.276   -0.485  9.960   1.00 30.00  ? 75  CYS E CB 1 
ATOM 351  N N  . ILE A 1 76  ? 8.203   -0.132  8.006   1.00 227.13 ? 76  ILE E N  1 
ATOM 352  C CA . ILE A 1 76  ? 9.642   -0.339  8.145   1.00 227.13 ? 76  ILE E CA 1 
ATOM 353  C C  . ILE A 1 76  ? 10.401  0.860   7.585   1.00 227.13 ? 76  ILE E C  1 
ATOM 354  O O  . ILE A 1 76  ? 10.103  1.367   6.500   1.00 227.13 ? 76  ILE E O  1 
ATOM 355  C CB . ILE A 1 76  ? 10.070  -1.622  7.449   1.00 30.00  ? 76  ILE E CB 1 
ATOM 356  N N  . LEU A 1 77  ? 11.383  1.344   8.342   1.00 204.00 ? 77  LEU E N  1 
ATOM 357  C CA . LEU A 1 77  ? 12.137  2.523   7.930   1.00 204.00 ? 77  LEU E CA 1 
ATOM 358  C C  . LEU A 1 77  ? 13.381  2.140   7.133   1.00 204.00 ? 77  LEU E C  1 
ATOM 359  O O  . LEU A 1 77  ? 13.517  2.534   5.972   1.00 204.00 ? 77  LEU E O  1 
ATOM 360  C CB . LEU A 1 77  ? 12.520  3.355   9.144   1.00 30.00  ? 77  LEU E CB 1 
ATOM 361  N N  . ASN A 1 78  ? 14.295  1.381   7.737   1.00 187.96 ? 78  ASN E N  1 
ATOM 362  C CA . ASN A 1 78  ? 15.427  0.825   7.008   1.00 187.96 ? 78  ASN E CA 1 
ATOM 363  C C  . ASN A 1 78  ? 15.885  -0.465  7.671   1.00 187.96 ? 78  ASN E C  1 
ATOM 364  O O  . ASN A 1 78  ? 15.446  -0.825  8.765   1.00 187.96 ? 78  ASN E O  1 
ATOM 365  C CB . ASN A 1 78  ? 16.567  1.830   6.935   1.00 30.00  ? 78  ASN E CB 1 
ATOM 366  N N  . ILE A 1 79  ? 16.788  -1.162  6.989   1.00 183.75 ? 79  ILE E N  1 
ATOM 367  C CA . ILE A 1 79  ? 17.166  -2.521  7.337   1.00 183.75 ? 79  ILE E CA 1 
ATOM 368  C C  . ILE A 1 79  ? 18.686  -2.618  7.246   1.00 183.75 ? 79  ILE E C  1 
ATOM 369  O O  . ILE A 1 79  ? 19.339  -1.845  6.545   1.00 183.75 ? 79  ILE E O  1 
ATOM 370  C CB . ILE A 1 79  ? 16.489  -3.534  6.426   1.00 30.00  ? 79  ILE E CB 1 
ATOM 371  N N  . THR A 1 80  ? 19.258  -3.546  8.017   1.00 184.45 ? 80  THR E N  1 
ATOM 372  C CA . THR A 1 80  ? 20.708  -3.624  8.163   1.00 184.45 ? 80  THR E CA 1 
ATOM 373  C C  . THR A 1 80  ? 21.214  -5.019  7.848   1.00 184.45 ? 80  THR E C  1 
ATOM 374  O O  . THR A 1 80  ? 20.458  -5.992  7.905   1.00 184.45 ? 80  THR E O  1 
ATOM 375  C CB . THR A 1 80  ? 21.124  -3.210  9.567   1.00 30.00  ? 80  THR E CB 1 
ATOM 376  N N  . THR A 1 81  ? 22.503  -5.098  7.543   1.00 195.77 ? 81  THR E N  1 
ATOM 377  C CA . THR A 1 81  ? 23.266  -6.333  7.487   1.00 195.77 ? 81  THR E CA 1 
ATOM 378  C C  . THR A 1 81  ? 24.307  -6.326  8.600   1.00 195.77 ? 81  THR E C  1 
ATOM 379  O O  . THR A 1 81  ? 24.556  -5.298  9.233   1.00 195.77 ? 81  THR E O  1 
ATOM 380  C CB . THR A 1 81  ? 23.924  -6.506  6.126   1.00 30.00  ? 81  THR E CB 1 
ATOM 381  N N  . ARG A 1 82  ? 24.912  -7.490  8.850   1.00 208.11 ? 82  ARG E N  1 
ATOM 382  C CA . ARG A 1 82  ? 26.023  -7.526  9.795   1.00 208.11 ? 82  ARG E CA 1 
ATOM 383  C C  . ARG A 1 82  ? 27.333  -7.190  9.102   1.00 208.11 ? 82  ARG E C  1 
ATOM 384  O O  . ARG A 1 82  ? 27.873  -6.093  9.284   1.00 208.11 ? 82  ARG E O  1 
ATOM 385  C CB . ARG A 1 82  ? 26.108  -8.889  10.466  1.00 30.00  ? 82  ARG E CB 1 
ATOM 386  N N  . THR A 1 83  ? 27.797  -8.098  8.238   1.00 248.50 ? 83  THR E N  1 
ATOM 387  C CA . THR A 1 83  ? 29.009  -8.026  7.426   1.00 248.50 ? 83  THR E CA 1 
ATOM 388  C C  . THR A 1 83  ? 29.078  -9.305  6.607   1.00 248.50 ? 83  THR E C  1 
ATOM 389  O O  . THR A 1 83  ? 28.307  -10.237 6.852   1.00 248.50 ? 83  THR E O  1 
ATOM 390  C CB . THR A 1 83  ? 30.248  -7.848  8.290   1.00 30.00  ? 83  THR E CB 1 
ATOM 391  N N  . ALA A 1 84  ? 29.999  -9.378  5.652   1.00 264.76 ? 84  ALA E N  1 
ATOM 392  C CA . ALA A 1 84  ? 30.347  -10.672 5.085   1.00 264.76 ? 84  ALA E CA 1 
ATOM 393  C C  . ALA A 1 84  ? 31.256  -11.413 6.059   1.00 264.76 ? 84  ALA E C  1 
ATOM 394  O O  . ALA A 1 84  ? 32.244  -10.857 6.547   1.00 264.76 ? 84  ALA E O  1 
ATOM 395  C CB . ALA A 1 84  ? 31.016  -10.510 3.729   1.00 30.00  ? 84  ALA E CB 1 
ATOM 396  N N  . ASN A 1 85  ? 30.905  -12.666 6.360   1.00 266.50 ? 85  ASN E N  1 
ATOM 397  C CA . ASN A 1 85  ? 31.603  -13.466 7.361   1.00 266.50 ? 85  ASN E CA 1 
ATOM 398  C C  . ASN A 1 85  ? 33.051  -13.771 6.990   1.00 266.50 ? 85  ASN E C  1 
ATOM 399  O O  . ASN A 1 85  ? 33.300  -14.368 5.937   1.00 266.50 ? 85  ASN E O  1 
ATOM 400  C CB . ASN A 1 85  ? 30.847  -14.764 7.603   1.00 30.00  ? 85  ASN E CB 1 
ATOM 401  N N  . SER A 1 86  ? 34.005  -13.321 7.806   1.00 263.62 ? 86  SER E N  1 
ATOM 402  C CA . SER A 1 86  ? 35.436  -13.333 7.465   1.00 263.62 ? 86  SER E CA 1 
ATOM 403  C C  . SER A 1 86  ? 35.922  -14.778 7.366   1.00 263.62 ? 86  SER E C  1 
ATOM 404  O O  . SER A 1 86  ? 36.231  -15.233 6.254   1.00 263.62 ? 86  SER E O  1 
ATOM 405  C CB . SER A 1 86  ? 36.245  -12.556 8.493   1.00 30.00  ? 86  SER E CB 1 
ATOM 406  N N  . LYS A 1 87  ? 36.002  -15.532 8.465   1.00 228.89 ? 87  LYS E N  1 
ATOM 407  C CA . LYS A 1 87  ? 36.523  -16.896 8.443   1.00 228.89 ? 87  LYS E CA 1 
ATOM 408  C C  . LYS A 1 87  ? 35.827  -17.728 9.510   1.00 228.89 ? 87  LYS E C  1 
ATOM 409  O O  . LYS A 1 87  ? 35.326  -17.176 10.495  1.00 228.89 ? 87  LYS E O  1 
ATOM 410  C CB . LYS A 1 87  ? 38.030  -16.903 8.648   1.00 30.00  ? 87  LYS E CB 1 
ATOM 411  N N  . LEU A 1 88  ? 35.797  -19.051 9.293   1.00 215.71 ? 88  LEU E N  1 
ATOM 412  C CA . LEU A 1 88  ? 35.675  -20.071 10.337  1.00 215.71 ? 88  LEU E CA 1 
ATOM 413  C C  . LEU A 1 88  ? 34.392  -19.962 11.157  1.00 215.71 ? 88  LEU E C  1 
ATOM 414  O O  . LEU A 1 88  ? 34.411  -19.436 12.274  1.00 215.71 ? 88  LEU E O  1 
ATOM 415  C CB . LEU A 1 88  ? 36.882  -20.009 11.260  1.00 30.00  ? 88  LEU E CB 1 
ATOM 416  N N  . ARG A 1 89  ? 33.265  -20.337 10.544  1.00 211.61 ? 89  ARG E N  1 
ATOM 417  C CA . ARG A 1 89  ? 31.926  -20.480 11.122  1.00 211.61 ? 89  ARG E CA 1 
ATOM 418  C C  . ARG A 1 89  ? 31.281  -19.155 11.478  1.00 211.61 ? 89  ARG E C  1 
ATOM 419  O O  . ARG A 1 89  ? 30.587  -19.078 12.497  1.00 211.61 ? 89  ARG E O  1 
ATOM 420  C CB . ARG A 1 89  ? 31.989  -21.372 12.353  1.00 30.00  ? 89  ARG E CB 1 
ATOM 421  N N  . GLY A 1 90  ? 31.483  -18.105 10.685  1.00 231.29 ? 90  GLY E N  1 
ATOM 422  C CA . GLY A 1 90  ? 30.721  -16.888 10.903  1.00 231.29 ? 90  GLY E CA 1 
ATOM 423  C C  . GLY A 1 90  ? 29.405  -16.918 10.154  1.00 231.29 ? 90  GLY E C  1 
ATOM 424  O O  . GLY A 1 90  ? 28.982  -17.970 9.668   1.00 231.29 ? 90  GLY E O  1 
ATOM 425  N N  . GLN A 1 91  ? 28.751  -15.766 10.033  1.00 253.04 ? 91  GLN E N  1 
ATOM 426  C CA . GLN A 1 91  ? 27.495  -15.693 9.302   1.00 253.04 ? 91  GLN E CA 1 
ATOM 427  C C  . GLN A 1 91  ? 27.319  -14.280 8.747   1.00 253.04 ? 91  GLN E C  1 
ATOM 428  O O  . GLN A 1 91  ? 28.100  -13.380 9.074   1.00 253.04 ? 91  GLN E O  1 
ATOM 429  C CB . GLN A 1 91  ? 26.324  -16.079 10.193  1.00 30.00  ? 91  GLN E CB 1 
ATOM 430  N N  . THR A 1 92  ? 26.311  -14.080 7.897   1.00 248.15 ? 92  THR E N  1 
ATOM 431  C CA . THR A 1 92  ? 26.018  -12.808 7.257   1.00 248.15 ? 92  THR E CA 1 
ATOM 432  C C  . THR A 1 92  ? 24.677  -12.328 7.827   1.00 248.15 ? 92  THR E C  1 
ATOM 433  O O  . THR A 1 92  ? 24.102  -11.308 7.455   1.00 248.15 ? 92  THR E O  1 
ATOM 434  C CB . THR A 1 92  ? 25.971  -12.939 5.742   1.00 30.00  ? 92  THR E CB 1 
ATOM 435  N N  . GLU A 1 93  ? 24.180  -13.079 8.806   1.00 233.41 ? 93  GLU E N  1 
ATOM 436  C CA . GLU A 1 93  ? 22.805  -12.970 9.277   1.00 233.41 ? 93  GLU E CA 1 
ATOM 437  C C  . GLU A 1 93  ? 22.656  -11.749 10.162  1.00 233.41 ? 93  GLU E C  1 
ATOM 438  O O  . GLU A 1 93  ? 23.287  -11.671 11.219  1.00 233.41 ? 93  GLU E O  1 
ATOM 439  C CB . GLU A 1 93  ? 22.388  -14.229 10.021  1.00 30.00  ? 93  GLU E CB 1 
ATOM 440  N N  . ALA A 1 94  ? 21.802  -10.823 9.743   1.00 217.57 ? 94  ALA E N  1 
ATOM 441  C CA . ALA A 1 94  ? 21.361  -9.735  10.601  1.00 217.57 ? 94  ALA E CA 1 
ATOM 442  C C  . ALA A 1 94  ? 20.026  -9.224  10.097  1.00 217.57 ? 94  ALA E C  1 
ATOM 443  O O  . ALA A 1 94  ? 19.919  -8.721  8.976   1.00 217.57 ? 94  ALA E O  1 
ATOM 444  C CB . ALA A 1 94  ? 22.394  -8.619  10.643  1.00 30.00  ? 94  ALA E CB 1 
ATOM 445  N N  . LEU A 1 95  ? 19.015  -9.336  10.948  1.00 194.34 ? 95  LEU E N  1 
ATOM 446  C CA . LEU A 1 95  ? 17.779  -8.635  10.664  1.00 194.34 ? 95  LEU E CA 1 
ATOM 447  C C  . LEU A 1 95  ? 17.501  -7.691  11.820  1.00 194.34 ? 95  LEU E C  1 
ATOM 448  O O  . LEU A 1 95  ? 17.180  -8.115  12.933  1.00 194.34 ? 95  LEU E O  1 
ATOM 449  C CB . LEU A 1 95  ? 16.628  -9.607  10.454  1.00 30.00  ? 95  LEU E CB 1 
ATOM 450  N N  . TYR A 1 96  ? 17.639  -6.399  11.530  1.00 174.94 ? 96  TYR E N  1 
ATOM 451  C CA . TYR A 1 96  ? 17.518  -5.339  12.520  1.00 174.94 ? 96  TYR E CA 1 
ATOM 452  C C  . TYR A 1 96  ? 16.471  -4.370  12.000  1.00 174.94 ? 96  TYR E C  1 
ATOM 453  O O  . TYR A 1 96  ? 16.376  -4.150  10.793  1.00 174.94 ? 96  TYR E O  1 
ATOM 454  C CB . TYR A 1 96  ? 18.851  -4.647  12.764  1.00 30.00  ? 96  TYR E CB 1 
ATOM 455  N N  . ILE A 1 97  ? 15.699  -3.786  12.905  1.00 186.09 ? 97  ILE E N  1 
ATOM 456  C CA . ILE A 1 97  ? 14.351  -3.327  12.597  1.00 186.09 ? 97  ILE E CA 1 
ATOM 457  C C  . ILE A 1 97  ? 14.210  -1.869  12.994  1.00 186.09 ? 97  ILE E C  1 
ATOM 458  O O  . ILE A 1 97  ? 14.453  -1.502  14.149  1.00 186.09 ? 97  ILE E O  1 
ATOM 459  C CB . ILE A 1 97  ? 13.311  -4.186  13.303  1.00 30.00  ? 97  ILE E CB 1 
ATOM 460  N N  . LEU A 1 98  ? 13.790  -1.045  12.040  1.00 192.74 ? 98  LEU E N  1 
ATOM 461  C CA . LEU A 1 98  ? 13.518  0.364   12.269  1.00 192.74 ? 98  LEU E CA 1 
ATOM 462  C C  . LEU A 1 98  ? 12.056  0.640   11.952  1.00 192.74 ? 98  LEU E C  1 
ATOM 463  O O  . LEU A 1 98  ? 11.661  0.643   10.783  1.00 192.74 ? 98  LEU E O  1 
ATOM 464  C CB . LEU A 1 98  ? 14.434  1.241   11.429  1.00 30.00  ? 98  LEU E CB 1 
ATOM 465  N N  . THR A 1 99  ? 11.257  0.850   12.992  1.00 220.82 ? 99  THR E N  1 
ATOM 466  C CA . THR A 1 99  ? 9.869   1.254   12.831  1.00 220.82 ? 99  THR E CA 1 
ATOM 467  C C  . THR A 1 99  ? 9.787   2.658   12.238  1.00 220.82 ? 99  THR E C  1 
ATOM 468  O O  . THR A 1 99  ? 10.562  3.546   12.599  1.00 220.82 ? 99  THR E O  1 
ATOM 469  C CB . THR A 1 99  ? 9.136   1.190   14.162  1.00 30.00  ? 99  THR E CB 1 
ATOM 470  N N  . LYS A 1 100 ? 8.852   2.853   11.298  1.00 238.27 ? 100 LYS E N  1 
ATOM 471  C CA . LYS A 1 100 ? 8.599   4.212   10.823  1.00 238.27 ? 100 LYS E CA 1 
ATOM 472  C C  . LYS A 1 100 ? 7.933   5.060   11.897  1.00 238.27 ? 100 LYS E C  1 
ATOM 473  O O  . LYS A 1 100 ? 8.383   6.176   12.178  1.00 238.27 ? 100 LYS E O  1 
ATOM 474  C CB . LYS A 1 100 ? 7.745   4.182   9.565   1.00 30.00  ? 100 LYS E CB 1 
ATOM 475  N N  . CYS A 1 101 ? 6.866   4.555   12.510  1.00 255.59 ? 101 CYS E N  1 
ATOM 476  C CA . CYS A 1 101 ? 5.974   5.419   13.271  1.00 255.59 ? 101 CYS E CA 1 
ATOM 477  C C  . CYS A 1 101 ? 6.148   5.297   14.773  1.00 255.59 ? 101 CYS E C  1 
ATOM 478  O O  . CYS A 1 101 ? 6.447   6.295   15.439  1.00 255.59 ? 101 CYS E O  1 
ATOM 479  C CB . CYS A 1 101 ? 4.529   5.128   12.893  1.00 30.00  ? 101 CYS E CB 1 
ATOM 480  N N  . ASN A 1 102 ? 5.988   4.103   15.329  1.00 245.76 ? 102 ASN E N  1 
ATOM 481  C CA . ASN A 1 102 ? 5.906   3.969   16.774  1.00 245.76 ? 102 ASN E CA 1 
ATOM 482  C C  . ASN A 1 102 ? 7.267   3.638   17.368  1.00 245.76 ? 102 ASN E C  1 
ATOM 483  O O  . ASN A 1 102 ? 8.215   3.310   16.651  1.00 245.76 ? 102 ASN E O  1 
ATOM 484  C CB . ASN A 1 102 ? 4.885   2.906   17.153  1.00 30.00  ? 102 ASN E CB 1 
ATOM 485  N N  . SER A 1 103 ? 7.353   3.725   18.695  1.00 248.09 ? 103 SER E N  1 
ATOM 486  C CA . SER A 1 103 ? 8.618   3.576   19.401  1.00 248.09 ? 103 SER E CA 1 
ATOM 487  C C  . SER A 1 103 ? 8.934   2.137   19.760  1.00 248.09 ? 103 SER E C  1 
ATOM 488  O O  . SER A 1 103 ? 9.645   1.906   20.743  1.00 248.09 ? 103 SER E O  1 
ATOM 489  C CB . SER A 1 103 ? 8.612   4.435   20.657  1.00 30.00  ? 103 SER E CB 1 
ATOM 490  N N  . THR A 1 104 ? 8.420   1.169   19.015  1.00 232.30 ? 104 THR E N  1 
ATOM 491  C CA . THR A 1 104 ? 8.725   -0.221  19.291  1.00 232.30 ? 104 THR E CA 1 
ATOM 492  C C  . THR A 1 104 ? 9.913   -0.690  18.455  1.00 232.30 ? 104 THR E C  1 
ATOM 493  O O  . THR A 1 104 ? 10.007  -0.414  17.254  1.00 232.30 ? 104 THR E O  1 
ATOM 494  C CB . THR A 1 104 ? 7.509   -1.096  19.030  1.00 30.00  ? 104 THR E CB 1 
ATOM 495  N N  . ARG A 1 105 ? 10.853  -1.351  19.119  1.00 198.29 ? 105 ARG E N  1 
ATOM 496  C CA . ARG A 1 105 ? 12.051  -1.859  18.476  1.00 198.29 ? 105 ARG E CA 1 
ATOM 497  C C  . ARG A 1 105 ? 12.032  -3.375  18.495  1.00 198.29 ? 105 ARG E C  1 
ATOM 498  O O  . ARG A 1 105 ? 11.428  -3.997  19.369  1.00 198.29 ? 105 ARG E O  1 
ATOM 499  C CB . ARG A 1 105 ? 13.300  -1.323  19.159  1.00 30.00  ? 105 ARG E CB 1 
ATOM 500  N N  . PHE A 1 106 ? 12.685  -3.961  17.508  1.00 203.78 ? 106 PHE E N  1 
ATOM 501  C CA . PHE A 1 106 ? 12.705  -5.401  17.356  1.00 203.78 ? 106 PHE E CA 1 
ATOM 502  C C  . PHE A 1 106 ? 14.105  -5.854  16.978  1.00 203.78 ? 106 PHE E C  1 
ATOM 503  O O  . PHE A 1 106 ? 14.906  -5.094  16.432  1.00 203.78 ? 106 PHE E O  1 
ATOM 504  C CB . PHE A 1 106 ? 11.690  -5.849  16.316  1.00 30.00  ? 106 PHE E CB 1 
ATOM 505  N N  . GLU A 1 107 ? 14.388  -7.115  17.290  1.00 212.69 ? 107 GLU E N  1 
ATOM 506  C CA . GLU A 1 107 ? 15.608  -7.774  16.852  1.00 212.69 ? 107 GLU E CA 1 
ATOM 507  C C  . GLU A 1 107 ? 15.235  -9.165  16.365  1.00 212.69 ? 107 GLU E C  1 
ATOM 508  O O  . GLU A 1 107 ? 14.561  -9.915  17.076  1.00 212.69 ? 107 GLU E O  1 
ATOM 509  C CB . GLU A 1 107 ? 16.636  -7.835  17.971  1.00 30.00  ? 107 GLU E CB 1 
ATOM 510  N N  . PHE A 1 108 ? 15.610  -9.494  15.134  1.00 217.12 ? 108 PHE E N  1 
ATOM 511  C CA . PHE A 1 108 ? 15.261  -10.794 14.559  1.00 217.12 ? 108 PHE E CA 1 
ATOM 512  C C  . PHE A 1 108 ? 16.565  -11.561 14.417  1.00 217.12 ? 108 PHE E C  1 
ATOM 513  O O  . PHE A 1 108 ? 17.413  -11.228 13.582  1.00 217.12 ? 108 PHE E O  1 
ATOM 514  C CB . PHE A 1 108 ? 14.545  -10.646 13.226  1.00 30.00  ? 108 PHE E CB 1 
ATOM 515  N N  . ILE A 1 109 ? 16.713  -12.586 15.235  1.00 234.47 ? 109 ILE E N  1 
ATOM 516  C CA . ILE A 1 109 ? 17.924  -13.382 15.297  1.00 234.47 ? 109 ILE E CA 1 
ATOM 517  C C  . ILE A 1 109 ? 17.554  -14.750 14.749  1.00 234.47 ? 109 ILE E C  1 
ATOM 518  O O  . ILE A 1 109 ? 16.777  -15.478 15.381  1.00 234.47 ? 109 ILE E O  1 
ATOM 519  C CB . ILE A 1 109 ? 18.472  -13.469 16.713  1.00 30.00  ? 109 ILE E CB 1 
ATOM 520  N N  . PHE A 1 110 ? 18.050  -15.089 13.555  1.00 258.28 ? 110 PHE E N  1 
ATOM 521  C CA . PHE A 1 110 ? 17.941  -16.458 13.052  1.00 258.28 ? 110 PHE E CA 1 
ATOM 522  C C  . PHE A 1 110 ? 18.710  -17.365 13.998  1.00 258.28 ? 110 PHE E C  1 
ATOM 523  O O  . PHE A 1 110 ? 19.915  -17.197 14.202  1.00 258.28 ? 110 PHE E O  1 
ATOM 524  C CB . PHE A 1 110 ? 18.468  -16.567 11.629  1.00 30.00  ? 110 PHE E CB 1 
ATOM 525  N N  . THR A 1 111 ? 17.993  -18.324 14.579  1.00 267.99 ? 111 THR E N  1 
ATOM 526  C CA . THR A 1 111 ? 18.551  -19.129 15.656  1.00 267.99 ? 111 THR E CA 1 
ATOM 527  C C  . THR A 1 111 ? 19.559  -20.146 15.127  1.00 267.99 ? 111 THR E C  1 
ATOM 528  O O  . THR A 1 111 ? 20.649  -20.299 15.689  1.00 267.99 ? 111 THR E O  1 
ATOM 529  C CB . THR A 1 111 ? 17.440  -19.832 16.421  1.00 30.00  ? 111 THR E CB 1 
ATOM 530  N N  . ASN A 1 112 ? 19.227  -20.845 14.043  1.00 271.86 ? 112 ASN E N  1 
ATOM 531  C CA . ASN A 1 112 ? 20.121  -21.878 13.526  1.00 271.86 ? 112 ASN E CA 1 
ATOM 532  C C  . ASN A 1 112 ? 20.077  -22.028 12.010  1.00 271.86 ? 112 ASN E C  1 
ATOM 533  O O  . ASN A 1 112 ? 19.998  -23.154 11.514  1.00 271.86 ? 112 ASN E O  1 
ATOM 534  C CB . ASN A 1 112 ? 19.797  -23.210 14.184  1.00 30.00  ? 112 ASN E CB 1 
ATOM 535  N N  . LEU A 1 113 ? 20.135  -20.950 11.232  1.00 260.77 ? 113 LEU E N  1 
ATOM 536  C CA . LEU A 1 113 ? 20.446  -21.065 9.812   1.00 260.77 ? 113 LEU E CA 1 
ATOM 537  C C  . LEU A 1 113 ? 21.956  -21.005 9.648   1.00 260.77 ? 113 LEU E C  1 
ATOM 538  O O  . LEU A 1 113 ? 22.627  -20.215 10.316  1.00 260.77 ? 113 LEU E O  1 
ATOM 539  C CB . LEU A 1 113 ? 19.760  -19.970 9.009   1.00 30.00  ? 113 LEU E CB 1 
ATOM 540  N N  . VAL A 1 114 ? 22.485  -21.860 8.778   1.00 263.82 ? 114 VAL E N  1 
ATOM 541  C CA . VAL A 1 114 ? 23.938  -21.997 8.666   1.00 263.82 ? 114 VAL E CA 1 
ATOM 542  C C  . VAL A 1 114 ? 24.626  -20.910 7.836   1.00 263.82 ? 114 VAL E C  1 
ATOM 543  O O  . VAL A 1 114 ? 25.726  -20.487 8.223   1.00 263.82 ? 114 VAL E O  1 
ATOM 544  C CB . VAL A 1 114 ? 24.272  -23.363 8.087   1.00 30.00  ? 114 VAL E CB 1 
ATOM 545  N N  . PRO A 1 115 ? 24.089  -20.436 6.708   1.00 267.64 ? 115 PRO E N  1 
ATOM 546  C CA . PRO A 1 115 ? 24.616  -19.171 6.178   1.00 267.64 ? 115 PRO E CA 1 
ATOM 547  C C  . PRO A 1 115 ? 23.779  -17.943 6.498   1.00 267.64 ? 115 PRO E C  1 
ATOM 548  O O  . PRO A 1 115 ? 24.109  -16.863 6.000   1.00 267.64 ? 115 PRO E O  1 
ATOM 549  C CB . PRO A 1 115 ? 24.786  -19.288 4.671   1.00 30.00  ? 115 PRO E CB 1 
ATOM 550  N N  . GLY A 1 116 ? 22.716  -18.086 7.290   1.00 269.13 ? 116 GLY E N  1 
ATOM 551  C CA . GLY A 1 116 ? 21.909  -16.980 7.756   1.00 269.13 ? 116 GLY E CA 1 
ATOM 552  C C  . GLY A 1 116 ? 21.225  -16.155 6.694   1.00 269.13 ? 116 GLY E C  1 
ATOM 553  O O  . GLY A 1 116 ? 20.938  -14.979 6.947   1.00 269.13 ? 116 GLY E O  1 
ATOM 554  N N  . SER A 1 117 ? 20.948  -16.730 5.522   1.00 277.99 ? 117 SER E N  1 
ATOM 555  C CA . SER A 1 117 ? 20.319  -16.124 4.344   1.00 277.99 ? 117 SER E CA 1 
ATOM 556  C C  . SER A 1 117 ? 21.075  -14.901 3.825   1.00 277.99 ? 117 SER E C  1 
ATOM 557  O O  . SER A 1 117 ? 20.609  -13.768 4.005   1.00 277.99 ? 117 SER E O  1 
ATOM 558  C CB . SER A 1 117 ? 18.879  -15.748 4.661   1.00 30.00  ? 117 SER E CB 1 
ATOM 559  N N  . PRO A 1 118 ? 22.234  -15.075 3.180   1.00 267.70 ? 118 PRO E N  1 
ATOM 560  C CA . PRO A 1 118 ? 22.907  -13.932 2.555   1.00 267.70 ? 118 PRO E CA 1 
ATOM 561  C C  . PRO A 1 118 ? 22.277  -13.467 1.253   1.00 267.70 ? 118 PRO E C  1 
ATOM 562  O O  . PRO A 1 118 ? 22.565  -12.345 0.819   1.00 267.70 ? 118 PRO E O  1 
ATOM 563  C CB . PRO A 1 118 ? 24.372  -14.271 2.320   1.00 30.00  ? 118 PRO E CB 1 
ATOM 564  N N  . ARG A 1 119 ? 21.424  -14.279 0.629   1.00 257.38 ? 119 ARG E N  1 
ATOM 565  C CA . ARG A 1 119 ? 20.852  -13.907 -0.659  1.00 257.38 ? 119 ARG E CA 1 
ATOM 566  C C  . ARG A 1 119 ? 19.430  -13.386 -0.513  1.00 257.38 ? 119 ARG E C  1 
ATOM 567  O O  . ARG A 1 119 ? 18.920  -12.703 -1.409  1.00 257.38 ? 119 ARG E O  1 
ATOM 568  C CB . ARG A 1 119 ? 20.886  -15.091 -1.613  1.00 30.00  ? 119 ARG E CB 1 
ATOM 569  N N  . LEU A 1 120 ? 18.774  -13.707 0.604   1.00 244.37 ? 120 LEU E N  1 
ATOM 570  C CA . LEU A 1 120 ? 17.502  -13.076 0.925   1.00 244.37 ? 120 LEU E CA 1 
ATOM 571  C C  . LEU A 1 120 ? 17.697  -11.593 1.210   1.00 244.37 ? 120 LEU E C  1 
ATOM 572  O O  . LEU A 1 120 ? 16.803  -10.785 0.938   1.00 244.37 ? 120 LEU E O  1 
ATOM 573  C CB . LEU A 1 120 ? 16.847  -13.768 2.111   1.00 30.00  ? 120 LEU E CB 1 
ATOM 574  N N  . PHE A 1 121 ? 18.870  -11.222 1.729   1.00 242.96 ? 121 PHE E N  1 
ATOM 575  C CA . PHE A 1 121 ? 19.178  -9.815  1.958   1.00 242.96 ? 121 PHE E CA 1 
ATOM 576  C C  . PHE A 1 121 ? 19.423  -9.089  0.644   1.00 242.96 ? 121 PHE E C  1 
ATOM 577  O O  . PHE A 1 121 ? 19.211  -7.876  0.548   1.00 242.96 ? 121 PHE E O  1 
ATOM 578  C CB . PHE A 1 121 ? 20.383  -9.677  2.875   1.00 30.00  ? 121 PHE E CB 1 
ATOM 579  N N  . THR A 1 122 ? 19.864  -9.820  -0.383  1.00 246.69 ? 122 THR E N  1 
ATOM 580  C CA . THR A 1 122 ? 19.996  -9.233  -1.711  1.00 246.69 ? 122 THR E CA 1 
ATOM 581  C C  . THR A 1 122 ? 18.627  -8.971  -2.325  1.00 246.69 ? 122 THR E C  1 
ATOM 582  O O  . THR A 1 122 ? 18.486  -8.118  -3.208  1.00 246.69 ? 122 THR E O  1 
ATOM 583  C CB . THR A 1 122 ? 20.824  -10.136 -2.613  1.00 30.00  ? 122 THR E CB 1 
ATOM 584  N N  . SER A 1 123 ? 17.605  -9.686  -1.857  1.00 239.47 ? 123 SER E N  1 
ATOM 585  C CA . SER A 1 123 ? 16.248  -9.433  -2.320  1.00 239.47 ? 123 SER E CA 1 
ATOM 586  C C  . SER A 1 123 ? 15.589  -8.313  -1.526  1.00 239.47 ? 123 SER E C  1 
ATOM 587  O O  . SER A 1 123 ? 14.930  -7.443  -2.105  1.00 239.47 ? 123 SER E O  1 
ATOM 588  C CB . SER A 1 123 ? 15.416  -10.704 -2.236  1.00 30.00  ? 123 SER E CB 1 
ATOM 589  N N  . VAL A 1 124 ? 15.775  -8.311  -0.200  1.00 232.44 ? 124 VAL E N  1 
ATOM 590  C CA . VAL A 1 124 ? 14.955  -7.485  0.685   1.00 232.44 ? 124 VAL E CA 1 
ATOM 591  C C  . VAL A 1 124 ? 15.318  -6.010  0.547   1.00 232.44 ? 124 VAL E C  1 
ATOM 592  O O  . VAL A 1 124 ? 14.547  -5.129  0.945   1.00 232.44 ? 124 VAL E O  1 
ATOM 593  C CB . VAL A 1 124 ? 15.108  -7.939  2.129   1.00 30.00  ? 124 VAL E CB 1 
ATOM 594  N N  . MET A 1 125 ? 16.480  -5.711  -0.034  1.00 235.14 ? 125 MET E N  1 
ATOM 595  C CA . MET A 1 125 ? 16.801  -4.327  -0.347  1.00 235.14 ? 125 MET E CA 1 
ATOM 596  C C  . MET A 1 125 ? 15.936  -3.776  -1.471  1.00 235.14 ? 125 MET E C  1 
ATOM 597  O O  . MET A 1 125 ? 15.613  -2.586  -1.458  1.00 235.14 ? 125 MET E O  1 
ATOM 598  C CB . MET A 1 125 ? 18.273  -4.200  -0.706  1.00 30.00  ? 125 MET E CB 1 
ATOM 599  N N  . ALA A 1 126 ? 15.537  -4.615  -2.427  1.00 233.96 ? 126 ALA E N  1 
ATOM 600  C CA . ALA A 1 126 ? 14.806  -4.113  -3.584  1.00 233.96 ? 126 ALA E CA 1 
ATOM 601  C C  . ALA A 1 126 ? 13.308  -4.052  -3.315  1.00 233.96 ? 126 ALA E C  1 
ATOM 602  O O  . ALA A 1 126 ? 12.605  -3.209  -3.882  1.00 233.96 ? 126 ALA E O  1 
ATOM 603  C CB . ALA A 1 126 ? 15.090  -4.975  -4.804  1.00 30.00  ? 126 ALA E CB 1 
ATOM 604  N N  . VAL A 1 127 ? 12.799  -4.944  -2.468  1.00 236.61 ? 127 VAL E N  1 
ATOM 605  C CA . VAL A 1 127 ? 11.358  -5.007  -2.254  1.00 236.61 ? 127 VAL E CA 1 
ATOM 606  C C  . VAL A 1 127 ? 10.893  -3.895  -1.317  1.00 236.61 ? 127 VAL E C  1 
ATOM 607  O O  . VAL A 1 127 ? 9.758   -3.418  -1.426  1.00 236.61 ? 127 VAL E O  1 
ATOM 608  C CB . VAL A 1 127 ? 10.962  -6.368  -1.703  1.00 30.00  ? 127 VAL E CB 1 
ATOM 609  N N  . HIS A 1 128 ? 11.754  -3.428  -0.415  1.00 217.84 ? 128 HIS E N  1 
ATOM 610  C CA . HIS A 1 128 ? 11.463  -2.181  0.273   1.00 217.84 ? 128 HIS E CA 1 
ATOM 611  C C  . HIS A 1 128 ? 11.585  -1.013  -0.691  1.00 217.84 ? 128 HIS E C  1 
ATOM 612  O O  . HIS A 1 128 ? 10.786  -0.073  -0.645  1.00 217.84 ? 128 HIS E O  1 
ATOM 613  C CB . HIS A 1 128 ? 12.390  -1.995  1.465   1.00 30.00  ? 128 HIS E CB 1 
ATOM 614  N N  . ARG A 1 129 ? 12.566  -1.085  -1.595  1.00 218.38 ? 129 ARG E N  1 
ATOM 615  C CA . ARG A 1 129 ? 12.817  -0.046  -2.582  1.00 218.38 ? 129 ARG E CA 1 
ATOM 616  C C  . ARG A 1 129 ? 11.648  0.152   -3.535  1.00 218.38 ? 129 ARG E C  1 
ATOM 617  O O  . ARG A 1 129 ? 11.414  1.282   -3.967  1.00 218.38 ? 129 ARG E O  1 
ATOM 618  C CB . ARG A 1 129 ? 14.081  -0.368  -3.366  1.00 30.00  ? 129 ARG E CB 1 
ATOM 619  N N  . ALA A 1 130 ? 10.921  -0.911  -3.876  1.00 216.03 ? 130 ALA E N  1 
ATOM 620  C CA . ALA A 1 130 ? 9.740   -0.742  -4.714  1.00 216.03 ? 130 ALA E CA 1 
ATOM 621  C C  . ALA A 1 130 ? 8.628   -0.037  -3.961  1.00 216.03 ? 130 ALA E C  1 
ATOM 622  O O  . ALA A 1 130 ? 7.951   0.831   -4.522  1.00 216.03 ? 130 ALA E O  1 
ATOM 623  C CB . ALA A 1 130 ? 9.261   -2.090  -5.232  1.00 30.00  ? 130 ALA E CB 1 
ATOM 624  N N  . TYR A 1 131 ? 8.431   -0.391  -2.694  1.00 206.68 ? 131 TYR E N  1 
ATOM 625  C CA . TYR A 1 131 ? 7.555   0.379   -1.830  1.00 206.68 ? 131 TYR E CA 1 
ATOM 626  C C  . TYR A 1 131 ? 8.117   1.761   -1.545  1.00 206.68 ? 131 TYR E C  1 
ATOM 627  O O  . TYR A 1 131 ? 7.348   2.681   -1.252  1.00 206.68 ? 131 TYR E O  1 
ATOM 628  C CB . TYR A 1 131 ? 7.308   -0.370  -0.529  1.00 30.00  ? 131 TYR E CB 1 
ATOM 629  N N  . GLU A 1 132 ? 9.438   1.924   -1.619  1.00 218.06 ? 132 GLU E N  1 
ATOM 630  C CA . GLU A 1 132 ? 10.021  3.256   -1.536  1.00 218.06 ? 132 GLU E CA 1 
ATOM 631  C C  . GLU A 1 132 ? 9.758   4.052   -2.809  1.00 218.06 ? 132 GLU E C  1 
ATOM 632  O O  . GLU A 1 132 ? 9.142   5.123   -2.760  1.00 218.06 ? 132 GLU E O  1 
ATOM 633  C CB . GLU A 1 132 ? 11.515  3.166   -1.264  1.00 30.00  ? 132 GLU E CB 1 
ATOM 634  N N  . THR A 1 133 ? 10.199  3.536   -3.961  1.00 224.46 ? 133 THR E N  1 
ATOM 635  C CA . THR A 1 133 ? 10.185  4.299   -5.205  1.00 224.46 ? 133 THR E CA 1 
ATOM 636  C C  . THR A 1 133 ? 8.796   4.450   -5.813  1.00 224.46 ? 133 THR E C  1 
ATOM 637  O O  . THR A 1 133 ? 8.655   5.205   -6.783  1.00 224.46 ? 133 THR E O  1 
ATOM 638  C CB . THR A 1 133 ? 11.122  3.652   -6.214  1.00 30.00  ? 133 THR E CB 1 
ATOM 639  N N  . SER A 1 134 ? 7.790   3.768   -5.255  1.00 218.24 ? 134 SER E N  1 
ATOM 640  C CA . SER A 1 134 ? 6.386   3.815   -5.678  1.00 218.24 ? 134 SER E CA 1 
ATOM 641  C C  . SER A 1 134 ? 6.211   3.495   -7.155  1.00 218.24 ? 134 SER E C  1 
ATOM 642  O O  . SER A 1 134 ? 6.162   2.330   -7.541  1.00 218.24 ? 134 SER E O  1 
ATOM 643  C CB . SER A 1 134 ? 5.793   5.180   -5.364  1.00 30.00  ? 134 SER E CB 1 
ATOM 644  N N  . ASN A 1 149 ? 0.131   19.729  -22.352 1.00 271.75 ? 149 ASN E N  1 
ATOM 645  C CA . ASN A 1 149 ? 0.421   20.274  -21.032 1.00 271.75 ? 149 ASN E CA 1 
ATOM 646  C C  . ASN A 1 149 ? -0.290  19.479  -19.954 1.00 271.75 ? 149 ASN E C  1 
ATOM 647  O O  . ASN A 1 149 ? 0.234   19.290  -18.857 1.00 271.75 ? 149 ASN E O  1 
ATOM 648  C CB . ASN A 1 149 ? 0.027   21.742  -20.963 1.00 30.00  ? 149 ASN E CB 1 
ATOM 649  N N  . LYS A 1 150 ? -1.492  19.007  -20.276 1.00 289.95 ? 150 LYS E N  1 
ATOM 650  C CA . LYS A 1 150 ? -2.297  18.226  -19.345 1.00 289.95 ? 150 LYS E CA 1 
ATOM 651  C C  . LYS A 1 150 ? -1.978  16.742  -19.405 1.00 289.95 ? 150 LYS E C  1 
ATOM 652  O O  . LYS A 1 150 ? -2.805  15.928  -18.983 1.00 289.95 ? 150 LYS E O  1 
ATOM 653  C CB . LYS A 1 150 ? -3.776  18.456  -19.616 1.00 30.00  ? 150 LYS E CB 1 
ATOM 654  N N  . GLN A 1 151 ? -0.817  16.376  -19.940 1.00 284.85 ? 151 GLN E N  1 
ATOM 655  C CA . GLN A 1 151 ? -0.374  14.993  -19.932 1.00 284.85 ? 151 GLN E CA 1 
ATOM 656  C C  . GLN A 1 151 ? -0.086  14.548  -18.506 1.00 284.85 ? 151 GLN E C  1 
ATOM 657  O O  . GLN A 1 151 ? 0.608   15.232  -17.749 1.00 284.85 ? 151 GLN E O  1 
ATOM 658  C CB . GLN A 1 151 ? 0.855   14.816  -20.811 1.00 30.00  ? 151 GLN E CB 1 
ATOM 659  N N  . LEU A 1 152 ? -0.662  13.409  -18.140 1.00 301.45 ? 152 LEU E N  1 
ATOM 660  C CA . LEU A 1 152 ? -0.628  12.952  -16.761 1.00 301.45 ? 152 LEU E CA 1 
ATOM 661  C C  . LEU A 1 152 ? 0.757   12.455  -16.386 1.00 301.45 ? 152 LEU E C  1 
ATOM 662  O O  . LEU A 1 152 ? 1.441   11.806  -17.183 1.00 301.45 ? 152 LEU E O  1 
ATOM 663  C CB . LEU A 1 152 ? -1.665  11.862  -16.537 1.00 30.00  ? 152 LEU E CB 1 
ATOM 664  N N  . ARG A 1 153 ? 1.173   12.772  -15.164 1.00 299.43 ? 153 ARG E N  1 
ATOM 665  C CA . ARG A 1 153 ? 2.274   12.047  -14.555 1.00 299.43 ? 153 ARG E CA 1 
ATOM 666  C C  . ARG A 1 153 ? 1.800   10.623  -14.280 1.00 299.43 ? 153 ARG E C  1 
ATOM 667  O O  . ARG A 1 153 ? 1.135   10.357  -13.274 1.00 299.43 ? 153 ARG E O  1 
ATOM 668  C CB . ARG A 1 153 ? 2.747   12.730  -13.280 1.00 30.00  ? 153 ARG E CB 1 
ATOM 669  N N  . LEU A 1 154 ? 2.137   9.715   -15.193 1.00 313.49 ? 154 LEU E N  1 
ATOM 670  C CA . LEU A 1 154 ? 1.515   8.400   -15.267 1.00 313.49 ? 154 LEU E CA 1 
ATOM 671  C C  . LEU A 1 154 ? 2.314   7.374   -14.478 1.00 313.49 ? 154 LEU E C  1 
ATOM 672  O O  . LEU A 1 154 ? 3.508   7.181   -14.728 1.00 313.49 ? 154 LEU E O  1 
ATOM 673  C CB . LEU A 1 154 ? 1.368   7.962   -16.716 1.00 30.00  ? 154 LEU E CB 1 
ATOM 674  N N  . LEU A 1 155 ? 1.648   6.711   -13.537 1.00 318.57 ? 155 LEU E N  1 
ATOM 675  C CA . LEU A 1 155 ? 2.239   5.600   -12.813 1.00 318.57 ? 155 LEU E CA 1 
ATOM 676  C C  . LEU A 1 155 ? 2.452   4.424   -13.767 1.00 318.57 ? 155 LEU E C  1 
ATOM 677  O O  . LEU A 1 155 ? 1.721   4.279   -14.749 1.00 318.57 ? 155 LEU E O  1 
ATOM 678  C CB . LEU A 1 155 ? 1.366   5.193   -11.637 1.00 30.00  ? 155 LEU E CB 1 
ATOM 679  N N  . PRO A 1 156 ? 3.473   3.603   -13.534 1.00 320.96 ? 156 PRO E N  1 
ATOM 680  C CA . PRO A 1 156 ? 3.551   2.319   -14.239 1.00 320.96 ? 156 PRO E CA 1 
ATOM 681  C C  . PRO A 1 156 ? 2.411   1.402   -13.825 1.00 320.96 ? 156 PRO E C  1 
ATOM 682  O O  . PRO A 1 156 ? 1.898   1.486   -12.706 1.00 320.96 ? 156 PRO E O  1 
ATOM 683  C CB . PRO A 1 156 ? 4.894   1.652   -13.983 1.00 30.00  ? 156 PRO E CB 1 
ATOM 684  N N  . GLN A 1 157 ? 2.027   0.522   -14.761 1.00 323.82 ? 157 GLN E N  1 
ATOM 685  C CA . GLN A 1 157 ? 0.824   -0.320  -14.686 1.00 323.82 ? 157 GLN E CA 1 
ATOM 686  C C  . GLN A 1 157 ? -0.440  0.516   -14.498 1.00 323.82 ? 157 GLN E C  1 
ATOM 687  O O  . GLN A 1 157 ? -1.336  0.152   -13.735 1.00 323.82 ? 157 GLN E O  1 
ATOM 688  C CB . GLN A 1 157 ? 0.959   -1.333  -13.559 1.00 30.00  ? 157 GLN E CB 1 
ATOM 689  N N  . GLU A 1 158 ? -0.509  1.645   -15.196 1.00 335.83 ? 158 GLU E N  1 
ATOM 690  C CA . GLU A 1 158 ? -1.649  2.548   -15.169 1.00 335.83 ? 158 GLU E CA 1 
ATOM 691  C C  . GLU A 1 158 ? -1.811  3.145   -16.559 1.00 335.83 ? 158 GLU E C  1 
ATOM 692  O O  . GLU A 1 158 ? -0.819  3.448   -17.229 1.00 335.83 ? 158 GLU E O  1 
ATOM 693  C CB . GLU A 1 158 ? -1.470  3.633   -14.118 1.00 30.00  ? 158 GLU E CB 1 
ATOM 694  N N  . HIS A 1 159 ? -3.054  3.286   -17.007 1.00 337.61 ? 159 HIS E N  1 
ATOM 695  C CA . HIS A 1 159 ? -3.330  3.878   -18.303 1.00 337.61 ? 159 HIS E CA 1 
ATOM 696  C C  . HIS A 1 159 ? -4.463  4.883   -18.188 1.00 337.61 ? 159 HIS E C  1 
ATOM 697  O O  . HIS A 1 159 ? -5.197  4.906   -17.200 1.00 337.61 ? 159 HIS E O  1 
ATOM 698  C CB . HIS A 1 159 ? -3.665  2.802   -19.324 1.00 30.00  ? 159 HIS E CB 1 
ATOM 699  N N  . VAL A 1 160 ? -4.572  5.729   -19.203 1.00 333.70 ? 160 VAL E N  1 
ATOM 700  C CA . VAL A 1 160 ? -5.627  6.729   -19.282 1.00 333.70 ? 160 VAL E CA 1 
ATOM 701  C C  . VAL A 1 160 ? -6.771  6.161   -20.105 1.00 333.70 ? 160 VAL E C  1 
ATOM 702  O O  . VAL A 1 160 ? -6.554  5.630   -21.201 1.00 333.70 ? 160 VAL E O  1 
ATOM 703  C CB . VAL A 1 160 ? -5.107  8.026   -19.884 1.00 30.00  ? 160 VAL E CB 1 
ATOM 704  N N  . TYR A 1 161 ? -7.991  6.274   -19.585 1.00 335.16 ? 161 TYR E N  1 
ATOM 705  C CA . TYR A 1 161 ? -9.151  5.684   -20.237 1.00 335.16 ? 161 TYR E CA 1 
ATOM 706  C C  . TYR A 1 161 ? -10.245 6.680   -20.583 1.00 335.16 ? 161 TYR E C  1 
ATOM 707  O O  . TYR A 1 161 ? -11.234 6.287   -21.204 1.00 335.16 ? 161 TYR E O  1 
ATOM 708  C CB . TYR A 1 161 ? -9.723  4.580   -19.360 1.00 30.00  ? 161 TYR E CB 1 
ATOM 709  N N  . ASP A 1 162 ? -10.096 7.951   -20.206 1.00 327.29 ? 162 ASP E N  1 
ATOM 710  C CA . ASP A 1 162 ? -11.047 8.983   -20.598 1.00 327.29 ? 162 ASP E CA 1 
ATOM 711  C C  . ASP A 1 162 ? -10.380 10.349  -20.522 1.00 327.29 ? 162 ASP E C  1 
ATOM 712  O O  . ASP A 1 162 ? -9.537  10.599  -19.656 1.00 327.29 ? 162 ASP E O  1 
ATOM 713  C CB . ASP A 1 162 ? -12.288 8.936   -19.720 1.00 30.00  ? 162 ASP E CB 1 
ATOM 714  N N  . LYS A 1 163 ? -10.770 11.230  -21.443 1.00 323.39 ? 163 LYS E N  1 
ATOM 715  C CA . LYS A 1 163 ? -10.249 12.592  -21.534 1.00 323.39 ? 163 LYS E CA 1 
ATOM 716  C C  . LYS A 1 163 ? -11.432 13.545  -21.557 1.00 323.39 ? 163 LYS E C  1 
ATOM 717  O O  . LYS A 1 163 ? -12.202 13.540  -22.520 1.00 323.39 ? 163 LYS E O  1 
ATOM 718  C CB . LYS A 1 163 ? -9.373  12.766  -22.764 1.00 30.00  ? 163 LYS E CB 1 
ATOM 719  N N  . ILE A 1 164 ? -11.580 14.364  -20.519 1.00 325.18 ? 164 ILE E N  1 
ATOM 720  C CA . ILE A 1 164 ? -12.743 15.240  -20.387 1.00 325.18 ? 164 ILE E CA 1 
ATOM 721  C C  . ILE A 1 164 ? -12.257 16.664  -20.172 1.00 325.18 ? 164 ILE E C  1 
ATOM 722  O O  . ILE A 1 164 ? -11.546 16.939  -19.198 1.00 325.18 ? 164 ILE E O  1 
ATOM 723  C CB . ILE A 1 164 ? -13.642 14.789  -19.246 1.00 30.00  ? 164 ILE E CB 1 
ATOM 724  N N  . ASN A 1 165 ? -12.652 17.568  -21.060 1.00 317.72 ? 165 ASN E N  1 
ATOM 725  C CA . ASN A 1 165 ? -12.380 18.985  -20.892 1.00 317.72 ? 165 ASN E CA 1 
ATOM 726  C C  . ASN A 1 165 ? -13.612 19.684  -20.330 1.00 317.72 ? 165 ASN E C  1 
ATOM 727  O O  . ASN A 1 165 ? -14.741 19.219  -20.503 1.00 317.72 ? 165 ASN E O  1 
ATOM 728  C CB . ASN A 1 165 ? -11.955 19.613  -22.211 1.00 30.00  ? 165 ASN E CB 1 
ATOM 729  N N  . GLY A 1 166 ? -13.383 20.802  -19.646 1.00 319.74 ? 166 GLY E N  1 
ATOM 730  C CA . GLY A 1 166 ? -14.474 21.617  -19.145 1.00 319.74 ? 166 GLY E CA 1 
ATOM 731  C C  . GLY A 1 166 ? -15.267 21.038  -17.990 1.00 319.74 ? 166 GLY E C  1 
ATOM 732  O O  . GLY A 1 166 ? -16.425 20.654  -18.164 1.00 319.74 ? 166 GLY E O  1 
ATOM 733  N N  . VAL A 1 167 ? -14.661 20.955  -16.808 1.00 314.94 ? 167 VAL E N  1 
ATOM 734  C CA . VAL A 1 167 ? -15.328 20.458  -15.611 1.00 314.94 ? 167 VAL E CA 1 
ATOM 735  C C  . VAL A 1 167 ? -15.106 21.460  -14.481 1.00 314.94 ? 167 VAL E C  1 
ATOM 736  O O  . VAL A 1 167 ? -14.007 22.004  -14.328 1.00 314.94 ? 167 VAL E O  1 
ATOM 737  C CB . VAL A 1 167 ? -14.816 19.078  -15.230 1.00 30.00  ? 167 VAL E CB 1 
ATOM 738  N N  . TRP A 1 168 ? -16.163 21.750  -13.726 1.00 308.81 ? 168 TRP E N  1 
ATOM 739  C CA . TRP A 1 168 ? -16.084 22.700  -12.620 1.00 308.81 ? 168 TRP E CA 1 
ATOM 740  C C  . TRP A 1 168 ? -16.084 21.942  -11.297 1.00 308.81 ? 168 TRP E C  1 
ATOM 741  O O  . TRP A 1 168 ? -17.117 21.798  -10.647 1.00 308.81 ? 168 TRP E O  1 
ATOM 742  C CB . TRP A 1 168 ? -17.235 23.694  -12.677 1.00 30.00  ? 168 TRP E CB 1 
ATOM 743  N N  . ASN A 1 169 ? -14.907 21.480  -10.893 1.00 310.12 ? 169 ASN E N  1 
ATOM 744  C CA . ASN A 1 169 ? -14.693 20.936  -9.557  1.00 310.12 ? 169 ASN E CA 1 
ATOM 745  C C  . ASN A 1 169 ? -14.879 22.078  -8.563  1.00 310.12 ? 169 ASN E C  1 
ATOM 746  O O  . ASN A 1 169 ? -14.214 23.112  -8.669  1.00 310.12 ? 169 ASN E O  1 
ATOM 747  C CB . ASN A 1 169 ? -13.316 20.305  -9.428  1.00 30.00  ? 169 ASN E CB 1 
ATOM 748  N N  . LEU A 1 170 ? -15.777 21.897  -7.599  1.00 311.33 ? 170 LEU E N  1 
ATOM 749  C CA . LEU A 1 170 ? -16.146 22.968  -6.675  1.00 311.33 ? 170 LEU E CA 1 
ATOM 750  C C  . LEU A 1 170 ? -15.555 22.669  -5.304  1.00 311.33 ? 170 LEU E C  1 
ATOM 751  O O  . LEU A 1 170 ? -16.124 21.907  -4.521  1.00 311.33 ? 170 LEU E O  1 
ATOM 752  C CB . LEU A 1 170 ? -17.657 23.122  -6.595  1.00 30.00  ? 170 LEU E CB 1 
ATOM 753  N N  . SER A 1 171 ? -14.425 23.293  -4.996  1.00 308.86 ? 171 SER E N  1 
ATOM 754  C CA . SER A 1 171 ? -13.763 23.060  -3.725  1.00 308.86 ? 171 SER E CA 1 
ATOM 755  C C  . SER A 1 171 ? -14.478 23.797  -2.595  1.00 308.86 ? 171 SER E C  1 
ATOM 756  O O  . SER A 1 171 ? -15.484 24.484  -2.793  1.00 308.86 ? 171 SER E O  1 
ATOM 757  C CB . SER A 1 171 ? -12.303 23.485  -3.800  1.00 30.00  ? 171 SER E CB 1 
ATOM 758  N N  . SER A 1 172 ? -13.934 23.656  -1.383  1.00 314.33 ? 172 SER E N  1 
ATOM 759  C CA . SER A 1 172 ? -14.422 24.440  -0.255  1.00 314.33 ? 172 SER E CA 1 
ATOM 760  C C  . SER A 1 172 ? -14.077 25.913  -0.415  1.00 314.33 ? 172 SER E C  1 
ATOM 761  O O  . SER A 1 172 ? -14.802 26.777  0.091   1.00 314.33 ? 172 SER E O  1 
ATOM 762  C CB . SER A 1 172 ? -13.855 23.900  1.050   1.00 30.00  ? 172 SER E CB 1 
ATOM 763  N N  . ASP A 1 173 ? -12.979 26.218  -1.106  1.00 305.67 ? 173 ASP E N  1 
ATOM 764  C CA . ASP A 1 173 ? -12.628 27.608  -1.359  1.00 305.67 ? 173 ASP E CA 1 
ATOM 765  C C  . ASP A 1 173 ? -13.494 28.191  -2.475  1.00 305.67 ? 173 ASP E C  1 
ATOM 766  O O  . ASP A 1 173 ? -14.299 29.097  -2.233  1.00 305.67 ? 173 ASP E O  1 
ATOM 767  C CB . ASP A 1 173 ? -11.153 27.732  -1.707  1.00 30.00  ? 173 ASP E CB 1 
ATOM 768  N N  . GLN A 1 174 ? -13.368 27.650  -3.688  1.00 288.27 ? 174 GLN E N  1 
ATOM 769  C CA . GLN A 1 174 ? -14.221 28.011  -4.815  1.00 288.27 ? 174 GLN E CA 1 
ATOM 770  C C  . GLN A 1 174 ? -14.075 26.948  -5.894  1.00 288.27 ? 174 GLN E C  1 
ATOM 771  O O  . GLN A 1 174 ? -13.334 25.976  -5.740  1.00 288.27 ? 174 GLN E O  1 
ATOM 772  C CB . GLN A 1 174 ? -13.866 29.391  -5.350  1.00 30.00  ? 174 GLN E CB 1 
ATOM 773  N N  . GLY A 1 175 ? -14.806 27.141  -6.990  1.00 293.21 ? 175 GLY E N  1 
ATOM 774  C CA . GLY A 1 175 ? -14.657 26.304  -8.165  1.00 293.21 ? 175 GLY E CA 1 
ATOM 775  C C  . GLY A 1 175 ? -14.203 27.118  -9.361  1.00 293.21 ? 175 GLY E C  1 
ATOM 776  O O  . GLY A 1 175 ? -14.428 28.329  -9.416  1.00 293.21 ? 175 GLY E O  1 
ATOM 777  N N  . ASN A 1 176 ? -13.566 26.447  -10.320 1.00 295.61 ? 176 ASN E N  1 
ATOM 778  C CA . ASN A 1 176 ? -13.071 27.098  -11.524 1.00 295.61 ? 176 ASN E CA 1 
ATOM 779  C C  . ASN A 1 176 ? -13.118 26.156  -12.718 1.00 295.61 ? 176 ASN E C  1 
ATOM 780  O O  . ASN A 1 176 ? -13.595 25.021  -12.625 1.00 295.61 ? 176 ASN E O  1 
ATOM 781  C CB . ASN A 1 176 ? -11.656 27.610  -11.306 1.00 30.00  ? 176 ASN E CB 1 
ATOM 782  N N  . LEU A 1 177 ? -12.613 26.656  -13.845 1.00 300.69 ? 177 LEU E N  1 
ATOM 783  C CA . LEU A 1 177 ? -12.489 25.891  -15.078 1.00 300.69 ? 177 LEU E CA 1 
ATOM 784  C C  . LEU A 1 177 ? -11.464 24.783  -14.890 1.00 300.69 ? 177 LEU E C  1 
ATOM 785  O O  . LEU A 1 177 ? -10.391 25.011  -14.322 1.00 300.69 ? 177 LEU E O  1 
ATOM 786  C CB . LEU A 1 177 ? -12.104 26.795  -16.240 1.00 30.00  ? 177 LEU E CB 1 
ATOM 787  N N  . GLY A 1 178 ? -11.792 23.596  -15.364 1.00 310.33 ? 178 GLY E N  1 
ATOM 788  C CA . GLY A 1 178 ? -10.895 22.480  -15.203 1.00 310.33 ? 178 GLY E CA 1 
ATOM 789  C C  . GLY A 1 178 ? -10.930 21.498  -16.348 1.00 310.33 ? 178 GLY E C  1 
ATOM 790  O O  . GLY A 1 178 ? -11.609 21.707  -17.355 1.00 310.33 ? 178 GLY E O  1 
ATOM 791  N N  . THR A 1 179 ? -10.179 20.414  -16.174 1.00 314.25 ? 179 THR E N  1 
ATOM 792  C CA . THR A 1 179 ? -10.043 19.348  -17.157 1.00 314.25 ? 179 THR E CA 1 
ATOM 793  C C  . THR A 1 179 ? -9.845  18.040  -16.408 1.00 314.25 ? 179 THR E C  1 
ATOM 794  O O  . THR A 1 179 ? -8.939  17.934  -15.576 1.00 314.25 ? 179 THR E O  1 
ATOM 795  C CB . THR A 1 179 ? -8.888  19.620  -18.109 1.00 30.00  ? 179 THR E CB 1 
ATOM 796  N N  . PHE A 1 180 ? -10.682 17.049  -16.695 1.00 322.45 ? 180 PHE E N  1 
ATOM 797  C CA . PHE A 1 180 ? -10.705 15.813  -15.929 1.00 322.45 ? 180 PHE E CA 1 
ATOM 798  C C  . PHE A 1 180 ? -10.140 14.664  -16.747 1.00 322.45 ? 180 PHE E C  1 
ATOM 799  O O  . PHE A 1 180 ? -10.249 14.653  -17.976 1.00 322.45 ? 180 PHE E O  1 
ATOM 800  C CB . PHE A 1 180 ? -12.120 15.497  -15.468 1.00 30.00  ? 180 PHE E CB 1 
ATOM 801  N N  . PHE A 1 181 ? -9.536  13.705  -16.057 1.00 319.01 ? 181 PHE E N  1 
ATOM 802  C CA . PHE A 1 181 ? -9.042  12.473  -16.648 1.00 319.01 ? 181 PHE E CA 1 
ATOM 803  C C  . PHE A 1 181 ? -9.538  11.304  -15.810 1.00 319.01 ? 181 PHE E C  1 
ATOM 804  O O  . PHE A 1 181 ? -9.725  11.429  -14.597 1.00 319.01 ? 181 PHE E O  1 
ATOM 805  C CB . PHE A 1 181 ? -7.523  12.479  -16.739 1.00 30.00  ? 181 PHE E CB 1 
ATOM 806  N N  . ILE A 1 182 ? -9.743  10.160  -16.453 1.00 329.36 ? 182 ILE E N  1 
ATOM 807  C CA . ILE A 1 182 ? -10.099 8.930   -15.756 1.00 329.36 ? 182 ILE E CA 1 
ATOM 808  C C  . ILE A 1 182 ? -9.033  7.899   -16.081 1.00 329.36 ? 182 ILE E C  1 
ATOM 809  O O  . ILE A 1 182 ? -8.802  7.583   -17.255 1.00 329.36 ? 182 ILE E O  1 
ATOM 810  C CB . ILE A 1 182 ? -11.483 8.445   -16.158 1.00 30.00  ? 182 ILE E CB 1 
ATOM 811  N N  . THR A 1 183 ? -8.375  7.393   -15.048 1.00 327.01 ? 183 THR E N  1 
ATOM 812  C CA . THR A 1 183 ? -7.282  6.449   -15.194 1.00 327.01 ? 183 THR E CA 1 
ATOM 813  C C  . THR A 1 183 ? -7.629  5.152   -14.490 1.00 327.01 ? 183 THR E C  1 
ATOM 814  O O  . THR A 1 183 ? -8.713  4.990   -13.928 1.00 327.01 ? 183 THR E O  1 
ATOM 815  C CB . THR A 1 183 ? -5.987  7.032   -14.649 1.00 30.00  ? 183 THR E CB 1 
ATOM 816  N N  . ASN A 1 184 ? -6.678  4.230   -14.516 1.00 312.58 ? 184 ASN E N  1 
ATOM 817  C CA . ASN A 1 184 ? -6.800  2.991   -13.773 1.00 312.58 ? 184 ASN E CA 1 
ATOM 818  C C  . ASN A 1 184 ? -6.799  3.198   -12.271 1.00 312.58 ? 184 ASN E C  1 
ATOM 819  O O  . ASN A 1 184 ? -7.671  2.655   -11.587 1.00 312.58 ? 184 ASN E O  1 
ATOM 820  C CB . ASN A 1 184 ? -5.682  2.038   -14.168 1.00 30.00  ? 184 ASN E CB 1 
ATOM 821  N N  . VAL A 1 185 ? -5.854  3.966   -11.741 1.00 318.78 ? 185 VAL E N  1 
ATOM 822  C CA . VAL A 1 185 ? -5.623  4.039   -10.305 1.00 318.78 ? 185 VAL E CA 1 
ATOM 823  C C  . VAL A 1 185 ? -5.759  5.463   -9.783  1.00 318.78 ? 185 VAL E C  1 
ATOM 824  O O  . VAL A 1 185 ? -6.619  5.749   -8.944  1.00 318.78 ? 185 VAL E O  1 
ATOM 825  C CB . VAL A 1 185 ? -4.249  3.481   -9.965  1.00 30.00  ? 185 VAL E CB 1 
ATOM 826  N N  . ARG A 1 186 ? -4.918  6.375   -10.268 1.00 313.88 ? 186 ARG E N  1 
ATOM 827  C CA . ARG A 1 186 ? -4.876  7.732   -9.750  1.00 313.88 ? 186 ARG E CA 1 
ATOM 828  C C  . ARG A 1 186 ? -5.845  8.594   -10.544 1.00 313.88 ? 186 ARG E C  1 
ATOM 829  O O  . ARG A 1 186 ? -5.549  9.022   -11.662 1.00 313.88 ? 186 ARG E O  1 
ATOM 830  C CB . ARG A 1 186 ? -3.465  8.297   -9.813  1.00 30.00  ? 186 ARG E CB 1 
ATOM 831  N N  . ILE A 1 187 ? -7.008  8.847   -9.947  1.00 313.01 ? 187 ILE E N  1 
ATOM 832  C CA . ILE A 1 187 ? -8.082  9.605   -10.579 1.00 313.01 ? 187 ILE E CA 1 
ATOM 833  C C  . ILE A 1 187 ? -7.850  11.080  -10.283 1.00 313.01 ? 187 ILE E C  1 
ATOM 834  O O  . ILE A 1 187 ? -8.132  11.552  -9.175  1.00 313.01 ? 187 ILE E O  1 
ATOM 835  C CB . ILE A 1 187 ? -9.446  9.148   -10.084 1.00 30.00  ? 187 ILE E CB 1 
ATOM 836  N N  . VAL A 1 188 ? -7.346  11.811  -11.273 1.00 318.69 ? 188 VAL E N  1 
ATOM 837  C CA . VAL A 1 188 ? -6.834  13.159  -11.071 1.00 318.69 ? 188 VAL E CA 1 
ATOM 838  C C  . VAL A 1 188 ? -7.776  14.171  -11.706 1.00 318.69 ? 188 VAL E C  1 
ATOM 839  O O  . VAL A 1 188 ? -8.687  13.814  -12.457 1.00 318.69 ? 188 VAL E O  1 
ATOM 840  C CB . VAL A 1 188 ? -5.431  13.294  -11.642 1.00 30.00  ? 188 VAL E CB 1 
ATOM 841  N N  . TRP A 1 189 ? -7.550  15.446  -11.392 1.00 302.23 ? 189 TRP E N  1 
ATOM 842  C CA . TRP A 1 189 ? -8.268  16.545  -12.025 1.00 302.23 ? 189 TRP E CA 1 
ATOM 843  C C  . TRP A 1 189 ? -7.330  17.726  -12.195 1.00 302.23 ? 189 TRP E C  1 
ATOM 844  O O  . TRP A 1 189 ? -6.666  18.136  -11.241 1.00 302.23 ? 189 TRP E O  1 
ATOM 845  C CB . TRP A 1 189 ? -9.492  16.934  -11.209 1.00 30.00  ? 189 TRP E CB 1 
ATOM 846  N N  . HIS A 1 190 ? -7.296  18.284  -13.401 1.00 294.47 ? 190 HIS E N  1 
ATOM 847  C CA . HIS A 1 190 ? -6.473  19.443  -13.701 1.00 294.47 ? 190 HIS E CA 1 
ATOM 848  C C  . HIS A 1 190 ? -7.363  20.670  -13.767 1.00 294.47 ? 190 HIS E C  1 
ATOM 849  O O  . HIS A 1 190 ? -8.519  20.579  -14.180 1.00 294.47 ? 190 HIS E O  1 
ATOM 850  C CB . HIS A 1 190 ? -5.710  19.250  -15.002 1.00 30.00  ? 190 HIS E CB 1 
ATOM 851  N N  . ALA A 1 191 ? -6.825  21.813  -13.356 1.00 298.97 ? 191 ALA E N  1 
ATOM 852  C CA . ALA A 1 191 ? -7.481  23.090  -13.568 1.00 298.97 ? 191 ALA E CA 1 
ATOM 853  C C  . ALA A 1 191 ? -6.551  23.986  -14.364 1.00 298.97 ? 191 ALA E C  1 
ATOM 854  O O  . ALA A 1 191 ? -5.405  24.207  -13.965 1.00 298.97 ? 191 ALA E O  1 
ATOM 855  C CB . ALA A 1 191 ? -7.865  23.735  -12.244 1.00 30.00  ? 191 ALA E CB 1 
ATOM 856  N N  . ASN A 1 192 ? -7.037  24.488  -15.494 1.00 298.49 ? 192 ASN E N  1 
ATOM 857  C CA . ASN A 1 192 ? -6.285  25.475  -16.261 1.00 298.49 ? 192 ASN E CA 1 
ATOM 858  C C  . ASN A 1 192 ? -6.794  26.875  -15.932 1.00 298.49 ? 192 ASN E C  1 
ATOM 859  O O  . ASN A 1 192 ? -7.367  27.583  -16.761 1.00 298.49 ? 192 ASN E O  1 
ATOM 860  C CB . ASN A 1 192 ? -6.392  25.195  -17.753 1.00 30.00  ? 192 ASN E CB 1 
ATOM 861  N N  . MET A 1 193 ? -6.569  27.270  -14.681 1.00 340.73 ? 193 MET E N  1 
ATOM 862  C CA . MET A 1 193 ? -6.841  28.639  -14.247 1.00 340.73 ? 193 MET E CA 1 
ATOM 863  C C  . MET A 1 193 ? -5.559  29.127  -13.578 1.00 340.73 ? 193 MET E C  1 
ATOM 864  O O  . MET A 1 193 ? -5.434  29.086  -12.353 1.00 340.73 ? 193 MET E O  1 
ATOM 865  C CB . MET A 1 193 ? -8.034  28.708  -13.306 1.00 30.00  ? 193 MET E CB 1 
ATOM 866  N N  . ASN A 1 194 ? -4.602  29.550  -14.406 1.00 371.52 ? 194 ASN E N  1 
ATOM 867  C CA . ASN A 1 194 ? -3.439  30.353  -14.033 1.00 371.52 ? 194 ASN E CA 1 
ATOM 868  C C  . ASN A 1 194 ? -2.444  29.731  -13.051 1.00 371.52 ? 194 ASN E C  1 
ATOM 869  O O  . ASN A 1 194 ? -1.416  30.352  -12.765 1.00 371.52 ? 194 ASN E O  1 
ATOM 870  C CB . ASN A 1 194 ? -3.922  31.680  -13.468 1.00 30.00  ? 194 ASN E CB 1 
ATOM 871  N N  . ASP A 1 195 ? -2.692  28.522  -12.526 1.00 341.15 ? 195 ASP E N  1 
ATOM 872  C CA . ASP A 1 195 ? -1.761  28.018  -11.521 1.00 341.15 ? 195 ASP E CA 1 
ATOM 873  C C  . ASP A 1 195 ? -1.348  26.559  -11.681 1.00 341.15 ? 195 ASP E C  1 
ATOM 874  O O  . ASP A 1 195 ? -0.401  26.148  -10.998 1.00 341.15 ? 195 ASP E O  1 
ATOM 875  C CB . ASP A 1 195 ? -2.360  28.222  -10.138 1.00 30.00  ? 195 ASP E CB 1 
ATOM 876  N N  . SER A 1 196 ? -1.997  25.778  -12.554 1.00 322.86 ? 196 SER E N  1 
ATOM 877  C CA . SER A 1 196 ? -1.740  24.344  -12.753 1.00 322.86 ? 196 SER E CA 1 
ATOM 878  C C  . SER A 1 196 ? -1.848  23.573  -11.432 1.00 322.86 ? 196 SER E C  1 
ATOM 879  O O  . SER A 1 196 ? -0.860  23.107  -10.859 1.00 322.86 ? 196 SER E O  1 
ATOM 880  C CB . SER A 1 196 ? -0.371  24.133  -13.382 1.00 30.00  ? 196 SER E CB 1 
ATOM 881  N N  . PHE A 1 197 ? -3.084  23.512  -10.941 1.00 312.87 ? 197 PHE E N  1 
ATOM 882  C CA . PHE A 1 197 ? -3.418  22.806  -9.711  1.00 312.87 ? 197 PHE E CA 1 
ATOM 883  C C  . PHE A 1 197 ? -3.075  21.321  -9.783  1.00 312.87 ? 197 PHE E C  1 
ATOM 884  O O  . PHE A 1 197 ? -3.152  20.675  -10.830 1.00 312.87 ? 197 PHE E O  1 
ATOM 885  C CB . PHE A 1 197 ? -4.893  22.989  -9.388  1.00 30.00  ? 197 PHE E CB 1 
ATOM 886  N N  . ASN A 1 198 ? -2.691  20.785  -8.629  1.00 306.68 ? 198 ASN E N  1 
ATOM 887  C CA . ASN A 1 198 ? -2.606  19.349  -8.442  1.00 306.68 ? 198 ASN E CA 1 
ATOM 888  C C  . ASN A 1 198 ? -3.692  18.932  -7.461  1.00 306.68 ? 198 ASN E C  1 
ATOM 889  O O  . ASN A 1 198 ? -3.671  19.311  -6.287  1.00 306.68 ? 198 ASN E O  1 
ATOM 890  C CB . ASN A 1 198 ? -1.227  18.939  -7.946  1.00 30.00  ? 198 ASN E CB 1 
ATOM 891  N N  . VAL A 1 199 ? -4.681  18.197  -7.962  1.00 318.73 ? 199 VAL E N  1 
ATOM 892  C CA . VAL A 1 199 ? -5.690  17.571  -7.113  1.00 318.73 ? 199 VAL E CA 1 
ATOM 893  C C  . VAL A 1 199 ? -5.862  16.149  -7.623  1.00 318.73 ? 199 VAL E C  1 
ATOM 894  O O  . VAL A 1 199 ? -6.275  15.942  -8.770  1.00 318.73 ? 199 VAL E O  1 
ATOM 895  C CB . VAL A 1 199 ? -7.002  18.341  -7.140  1.00 30.00  ? 199 VAL E CB 1 
ATOM 896  N N  . SER A 1 200 ? -5.526  15.171  -6.788  1.00 330.06 ? 200 SER E N  1 
ATOM 897  C CA . SER A 1 200 ? -5.468  13.785  -7.242  1.00 330.06 ? 200 SER E CA 1 
ATOM 898  C C  . SER A 1 200 ? -5.934  12.879  -6.117  1.00 330.06 ? 200 SER E C  1 
ATOM 899  O O  . SER A 1 200 ? -5.493  13.037  -4.973  1.00 330.06 ? 200 SER E O  1 
ATOM 900  C CB . SER A 1 200 ? -4.064  13.417  -7.696  1.00 30.00  ? 200 SER E CB 1 
ATOM 901  N N  . ILE A 1 201 ? -6.821  11.944  -6.435  1.00 327.01 ? 201 ILE E N  1 
ATOM 902  C CA . ILE A 1 201 ? -7.190  10.892  -5.495  1.00 327.01 ? 201 ILE E CA 1 
ATOM 903  C C  . ILE A 1 201 ? -6.901  9.540   -6.135  1.00 327.01 ? 201 ILE E C  1 
ATOM 904  O O  . ILE A 1 201 ? -6.986  9.398   -7.363  1.00 327.01 ? 201 ILE E O  1 
ATOM 905  C CB . ILE A 1 201 ? -8.652  11.006  -5.093  1.00 30.00  ? 201 ILE E CB 1 
ATOM 906  N N  . PRO A 1 202 ? -6.521  8.537   -5.360  1.00 324.81 ? 202 PRO E N  1 
ATOM 907  C CA . PRO A 1 202 ? -6.432  7.182   -5.894  1.00 324.81 ? 202 PRO E CA 1 
ATOM 908  C C  . PRO A 1 202 ? -7.788  6.501   -5.819  1.00 324.81 ? 202 PRO E C  1 
ATOM 909  O O  . PRO A 1 202 ? -8.669  6.886   -5.049  1.00 324.81 ? 202 PRO E O  1 
ATOM 910  C CB . PRO A 1 202 ? -5.381  6.376   -5.145  1.00 30.00  ? 202 PRO E CB 1 
ATOM 911  N N  . TYR A 1 203 ? -7.943  5.469   -6.639  1.00 320.75 ? 203 TYR E N  1 
ATOM 912  C CA . TYR A 1 203 ? -9.198  4.738   -6.637  1.00 320.75 ? 203 TYR E CA 1 
ATOM 913  C C  . TYR A 1 203 ? -9.369  3.886   -5.387  1.00 320.75 ? 203 TYR E C  1 
ATOM 914  O O  . TYR A 1 203 ? -10.505 3.598   -4.999  1.00 320.75 ? 203 TYR E O  1 
ATOM 915  C CB . TYR A 1 203 ? -9.299  3.870   -7.882  1.00 30.00  ? 203 TYR E CB 1 
ATOM 916  N N  . LEU A 1 204 ? -8.272  3.494   -4.737  1.00 310.59 ? 204 LEU E N  1 
ATOM 917  C CA . LEU A 1 204 ? -8.376  2.654   -3.554  1.00 310.59 ? 204 LEU E CA 1 
ATOM 918  C C  . LEU A 1 204 ? -8.824  3.434   -2.334  1.00 310.59 ? 204 LEU E C  1 
ATOM 919  O O  . LEU A 1 204 ? -9.326  2.836   -1.379  1.00 310.59 ? 204 LEU E O  1 
ATOM 920  C CB . LEU A 1 204 ? -7.044  1.970   -3.280  1.00 30.00  ? 204 LEU E CB 1 
ATOM 921  N N  . GLN A 1 205 ? -8.645  4.750   -2.340  1.00 315.97 ? 205 GLN E N  1 
ATOM 922  C CA . GLN A 1 205 ? -9.211  5.557   -1.275  1.00 315.97 ? 205 GLN E CA 1 
ATOM 923  C C  . GLN A 1 205 ? -10.699 5.778   -1.478  1.00 315.97 ? 205 GLN E C  1 
ATOM 924  O O  . GLN A 1 205 ? -11.407 6.084   -0.513  1.00 315.97 ? 205 GLN E O  1 
ATOM 925  C CB . GLN A 1 205 ? -8.484  6.891   -1.178  1.00 30.00  ? 205 GLN E CB 1 
ATOM 926  N N  . ILE A 1 206 ? -11.181 5.629   -2.705  1.00 310.51 ? 206 ILE E N  1 
ATOM 927  C CA . ILE A 1 206 ? -12.602 5.765   -2.998  1.00 310.51 ? 206 ILE E CA 1 
ATOM 928  C C  . ILE A 1 206 ? -13.335 4.541   -2.471  1.00 310.51 ? 206 ILE E C  1 
ATOM 929  O O  . ILE A 1 206 ? -12.989 3.402   -2.807  1.00 310.51 ? 206 ILE E O  1 
ATOM 930  C CB . ILE A 1 206 ? -12.835 5.942   -4.491  1.00 30.00  ? 206 ILE E CB 1 
ATOM 931  N N  . ARG A 1 207 ? -14.349 4.771   -1.647  1.00 310.65 ? 207 ARG E N  1 
ATOM 932  C CA . ARG A 1 207 ? -15.184 3.696   -1.129  1.00 310.65 ? 207 ARG E CA 1 
ATOM 933  C C  . ARG A 1 207 ? -16.527 3.591   -1.828  1.00 310.65 ? 207 ARG E C  1 
ATOM 934  O O  . ARG A 1 207 ? -16.904 2.504   -2.267  1.00 310.65 ? 207 ARG E O  1 
ATOM 935  C CB . ARG A 1 207 ? -15.392 3.879   0.367   1.00 30.00  ? 207 ARG E CB 1 
ATOM 936  N N  . SER A 1 208 ? -17.257 4.697   -1.947  1.00 304.32 ? 208 SER E N  1 
ATOM 937  C CA . SER A 1 208 ? -18.550 4.704   -2.611  1.00 304.32 ? 208 SER E CA 1 
ATOM 938  C C  . SER A 1 208 ? -18.683 6.000   -3.393  1.00 304.32 ? 208 SER E C  1 
ATOM 939  O O  . SER A 1 208 ? -17.868 6.915   -3.254  1.00 304.32 ? 208 SER E O  1 
ATOM 940  C CB . SER A 1 208 ? -19.683 4.549   -1.608  1.00 30.00  ? 208 SER E CB 1 
ATOM 941  N N  . ILE A 1 209 ? -19.711 6.061   -4.234  1.00 272.78 ? 209 ILE E N  1 
ATOM 942  C CA . ILE A 1 209 ? -19.977 7.211   -5.091  1.00 272.78 ? 209 ILE E CA 1 
ATOM 943  C C  . ILE A 1 209 ? -21.472 7.488   -5.082  1.00 272.78 ? 209 ILE E C  1 
ATOM 944  O O  . ILE A 1 209 ? -22.288 6.565   -4.978  1.00 272.78 ? 209 ILE E O  1 
ATOM 945  C CB . ILE A 1 209 ? -19.472 6.967   -6.506  1.00 30.00  ? 209 ILE E CB 1 
ATOM 946  N N  . LYS A 1 210 ? -21.835 8.766   -5.144  1.00 263.26 ? 210 LYS E N  1 
ATOM 947  C CA . LYS A 1 210 ? -23.220 9.174   -5.332  1.00 263.26 ? 210 LYS E CA 1 
ATOM 948  C C  . LYS A 1 210 ? -23.285 10.249  -6.401  1.00 263.26 ? 210 LYS E C  1 
ATOM 949  O O  . LYS A 1 210 ? -22.319 10.987  -6.613  1.00 263.26 ? 210 LYS E O  1 
ATOM 950  C CB . LYS A 1 210 ? -23.823 9.667   -4.026  1.00 30.00  ? 210 LYS E CB 1 
ATOM 951  N N  . ILE A 1 211 ? -24.427 10.332  -7.068  1.00 266.84 ? 211 ILE E N  1 
ATOM 952  C CA . ILE A 1 211 ? -24.677 11.372  -8.057  1.00 266.84 ? 211 ILE E CA 1 
ATOM 953  C C  . ILE A 1 211 ? -25.499 12.469  -7.402  1.00 266.84 ? 211 ILE E C  1 
ATOM 954  O O  . ILE A 1 211 ? -26.456 12.187  -6.676  1.00 266.84 ? 211 ILE E O  1 
ATOM 955  C CB . ILE A 1 211 ? -25.385 10.808  -9.279  1.00 30.00  ? 211 ILE E CB 1 
ATOM 956  N N  . ARG A 1 212 ? -25.128 13.719  -7.652  1.00 275.66 ? 212 ARG E N  1 
ATOM 957  C CA . ARG A 1 212 ? -25.927 14.860  -7.235  1.00 275.66 ? 212 ARG E CA 1 
ATOM 958  C C  . ARG A 1 212 ? -26.341 15.639  -8.474  1.00 275.66 ? 212 ARG E C  1 
ATOM 959  O O  . ARG A 1 212 ? -25.617 16.536  -8.921  1.00 275.66 ? 212 ARG E O  1 
ATOM 960  C CB . ARG A 1 212 ? -25.159 15.741  -6.263  1.00 30.00  ? 212 ARG E CB 1 
ATOM 961  N N  . ASP A 1 213 ? -27.499 15.286  -9.032  1.00 313.45 ? 213 ASP E N  1 
ATOM 962  C CA . ASP A 1 213 ? -28.053 16.039  -10.149 1.00 313.45 ? 213 ASP E CA 1 
ATOM 963  C C  . ASP A 1 213 ? -28.525 17.423  -9.734  1.00 313.45 ? 213 ASP E C  1 
ATOM 964  O O  . ASP A 1 213 ? -28.110 18.414  -10.347 1.00 313.45 ? 213 ASP E O  1 
ATOM 965  C CB . ASP A 1 213 ? -29.197 15.263  -10.785 1.00 30.00  ? 213 ASP E CB 1 
ATOM 966  N N  . SER A 1 214 ? -29.350 17.516  -8.699  1.00 313.39 ? 214 SER E N  1 
ATOM 967  C CA . SER A 1 214 ? -29.902 18.787  -8.261  1.00 313.39 ? 214 SER E CA 1 
ATOM 968  C C  . SER A 1 214 ? -28.961 19.583  -7.376  1.00 313.39 ? 214 SER E C  1 
ATOM 969  O O  . SER A 1 214 ? -28.794 20.784  -7.606  1.00 313.39 ? 214 SER E O  1 
ATOM 970  C CB . SER A 1 214 ? -31.218 18.554  -7.536  1.00 30.00  ? 214 SER E CB 1 
ATOM 971  N N  . LYS A 1 215 ? -28.356 18.954  -6.370  1.00 296.53 ? 215 LYS E N  1 
ATOM 972  C CA . LYS A 1 215 ? -27.382 19.633  -5.535  1.00 296.53 ? 215 LYS E CA 1 
ATOM 973  C C  . LYS A 1 215 ? -26.145 19.964  -6.352  1.00 296.53 ? 215 LYS E C  1 
ATOM 974  O O  . LYS A 1 215 ? -25.485 19.069  -6.892  1.00 296.53 ? 215 LYS E O  1 
ATOM 975  C CB . LYS A 1 215 ? -27.021 18.783  -4.326  1.00 30.00  ? 215 LYS E CB 1 
ATOM 976  N N  . PHE A 1 216 ? -25.903 21.268  -6.504  1.00 300.69 ? 216 PHE E N  1 
ATOM 977  C CA . PHE A 1 216 ? -24.730 21.855  -7.152  1.00 300.69 ? 216 PHE E CA 1 
ATOM 978  C C  . PHE A 1 216 ? -24.654 21.524  -8.638  1.00 300.69 ? 216 PHE E C  1 
ATOM 979  O O  . PHE A 1 216 ? -23.575 21.598  -9.236  1.00 300.69 ? 216 PHE E O  1 
ATOM 980  C CB . PHE A 1 216 ? -23.462 21.395  -6.449  1.00 30.00  ? 216 PHE E CB 1 
ATOM 981  N N  . GLY A 1 217 ? -25.783 21.174  -9.251  1.00 302.76 ? 217 GLY E N  1 
ATOM 982  C CA . GLY A 1 217 ? -25.824 21.094  -10.694 1.00 302.76 ? 217 GLY E CA 1 
ATOM 983  C C  . GLY A 1 217 ? -25.108 19.936  -11.355 1.00 302.76 ? 217 GLY E C  1 
ATOM 984  O O  . GLY A 1 217 ? -23.981 20.119  -11.826 1.00 302.76 ? 217 GLY E O  1 
ATOM 985  N N  . LEU A 1 218 ? -25.707 18.739  -11.308 1.00 297.05 ? 218 LEU E N  1 
ATOM 986  C CA . LEU A 1 218 ? -25.331 17.593  -12.147 1.00 297.05 ? 218 LEU E CA 1 
ATOM 987  C C  . LEU A 1 218 ? -23.902 17.133  -11.838 1.00 297.05 ? 218 LEU E C  1 
ATOM 988  O O  . LEU A 1 218 ? -22.985 17.228  -12.651 1.00 297.05 ? 218 LEU E O  1 
ATOM 989  C CB . LEU A 1 218 ? -25.471 17.944  -13.620 1.00 30.00  ? 218 LEU E CB 1 
ATOM 990  N N  . ALA A 1 219 ? -23.733 16.679  -10.602 1.00 286.61 ? 219 ALA E N  1 
ATOM 991  C CA . ALA A 1 219 ? -22.405 16.440  -10.069 1.00 286.61 ? 219 ALA E CA 1 
ATOM 992  C C  . ALA A 1 219 ? -22.347 15.042  -9.468  1.00 286.61 ? 219 ALA E C  1 
ATOM 993  O O  . ALA A 1 219 ? -23.367 14.362  -9.322  1.00 286.61 ? 219 ALA E O  1 
ATOM 994  C CB . ALA A 1 219 ? -22.038 17.493  -9.034  1.00 30.00  ? 219 ALA E CB 1 
ATOM 995  N N  . LEU A 1 220 ? -21.132 14.611  -9.141  1.00 287.72 ? 220 LEU E N  1 
ATOM 996  C CA . LEU A 1 220 ? -20.876 13.407  -8.372  1.00 287.72 ? 220 LEU E CA 1 
ATOM 997  C C  . LEU A 1 220 ? -20.074 13.780  -7.138  1.00 287.72 ? 220 LEU E C  1 
ATOM 998  O O  . LEU A 1 220 ? -19.242 14.688  -7.170  1.00 287.72 ? 220 LEU E O  1 
ATOM 999  C CB . LEU A 1 220 ? -20.144 12.369  -9.209  1.00 30.00  ? 220 LEU E CB 1 
ATOM 1000 N N  . VAL A 1 221 ? -20.311 13.056  -6.050  1.00 297.86 ? 221 VAL E N  1 
ATOM 1001 C CA . VAL A 1 221 ? -19.596 13.272  -4.800  1.00 297.86 ? 221 VAL E CA 1 
ATOM 1002 C C  . VAL A 1 221 ? -18.857 11.993  -4.439  1.00 297.86 ? 221 VAL E C  1 
ATOM 1003 O O  . VAL A 1 221 ? -19.266 10.897  -4.842  1.00 297.86 ? 221 VAL E O  1 
ATOM 1004 C CB . VAL A 1 221 ? -20.548 13.691  -3.689  1.00 30.00  ? 221 VAL E CB 1 
ATOM 1005 N N  . ILE A 1 222 ? -17.752 12.137  -3.714  1.00 311.32 ? 222 ILE E N  1 
ATOM 1006 C CA . ILE A 1 222 ? -16.823 11.044  -3.465  1.00 311.32 ? 222 ILE E CA 1 
ATOM 1007 C C  . ILE A 1 222 ? -16.795 10.750  -1.973  1.00 311.32 ? 222 ILE E C  1 
ATOM 1008 O O  . ILE A 1 222 ? -16.468 11.625  -1.163  1.00 311.32 ? 222 ILE E O  1 
ATOM 1009 C CB . ILE A 1 222 ? -15.432 11.382  -3.983  1.00 30.00  ? 222 ILE E CB 1 
ATOM 1010 N N  . GLU A 1 223 ? -17.134 9.515   -1.614  1.00 314.64 ? 223 GLU E N  1 
ATOM 1011 C CA . GLU A 1 223 ? -17.104 9.052   -0.233  1.00 314.64 ? 223 GLU E CA 1 
ATOM 1012 C C  . GLU A 1 223 ? -15.769 8.364   0.016   1.00 314.64 ? 223 GLU E C  1 
ATOM 1013 O O  . GLU A 1 223 ? -15.539 7.245   -0.453  1.00 314.64 ? 223 GLU E O  1 
ATOM 1014 C CB . GLU A 1 223 ? -18.268 8.116   0.058   1.00 30.00  ? 223 GLU E CB 1 
ATOM 1015 N N  . SER A 1 224 ? -14.893 9.034   0.754   1.00 328.53 ? 224 SER E N  1 
ATOM 1016 C CA . SER A 1 224 ? -13.575 8.516   1.088   1.00 328.53 ? 224 SER E CA 1 
ATOM 1017 C C  . SER A 1 224 ? -13.621 7.913   2.485   1.00 328.53 ? 224 SER E C  1 
ATOM 1018 O O  . SER A 1 224 ? -14.203 8.503   3.401   1.00 328.53 ? 224 SER E O  1 
ATOM 1019 C CB . SER A 1 224 ? -12.520 9.609   0.999   1.00 30.00  ? 224 SER E CB 1 
ATOM 1020 N N  . SER A 1 225 ? -13.002 6.744   2.645   1.00 339.60 ? 225 SER E N  1 
ATOM 1021 C CA . SER A 1 225 ? -12.958 6.093   3.946   1.00 339.60 ? 225 SER E CA 1 
ATOM 1022 C C  . SER A 1 225 ? -11.929 6.706   4.878   1.00 339.60 ? 225 SER E C  1 
ATOM 1023 O O  . SER A 1 225 ? -12.299 7.254   5.925   1.00 339.60 ? 225 SER E O  1 
ATOM 1024 C CB . SER A 1 225 ? -12.682 4.607   3.773   1.00 30.00  ? 225 SER E CB 1 
ATOM 1025 N N  . GLN A 1 226 ? -10.650 6.627   4.519   1.00 334.36 ? 226 GLN E N  1 
ATOM 1026 C CA . GLN A 1 226 ? -9.588  7.113   5.389   1.00 334.36 ? 226 GLN E CA 1 
ATOM 1027 C C  . GLN A 1 226 ? -9.593  8.630   5.492   1.00 334.36 ? 226 GLN E C  1 
ATOM 1028 O O  . GLN A 1 226 ? -9.504  9.177   6.597   1.00 334.36 ? 226 GLN E O  1 
ATOM 1029 C CB . GLN A 1 226 ? -8.236  6.622   4.893   1.00 30.00  ? 226 GLN E CB 1 
ATOM 1030 N N  . GLN A 1 227 ? -9.704  9.320   4.355   1.00 333.75 ? 227 GLN E N  1 
ATOM 1031 C CA . GLN A 1 227 ? -9.639  10.776  4.351   1.00 333.75 ? 227 GLN E CA 1 
ATOM 1032 C C  . GLN A 1 227 ? -10.856 11.418  4.999   1.00 333.75 ? 227 GLN E C  1 
ATOM 1033 O O  . GLN A 1 227 ? -10.725 12.522  5.542   1.00 333.75 ? 227 GLN E O  1 
ATOM 1034 C CB . GLN A 1 227 ? -9.476  11.286  2.928   1.00 30.00  ? 227 GLN E CB 1 
ATOM 1035 N N  . SER A 1 228 ? -12.008 10.739  4.958   1.00 332.73 ? 228 SER E N  1 
ATOM 1036 C CA . SER A 1 228 ? -13.264 11.183  5.574   1.00 332.73 ? 228 SER E CA 1 
ATOM 1037 C C  . SER A 1 228 ? -13.669 12.570  5.078   1.00 332.73 ? 228 SER E C  1 
ATOM 1038 O O  . SER A 1 228 ? -14.056 13.451  5.848   1.00 332.73 ? 228 SER E O  1 
ATOM 1039 C CB . SER A 1 228 ? -13.141 11.176  7.090   1.00 30.00  ? 228 SER E CB 1 
ATOM 1040 N N  . GLY A 1 229 ? -13.546 12.764  3.765   1.00 323.17 ? 229 GLY E N  1 
ATOM 1041 C CA . GLY A 1 229 ? -13.896 14.018  3.138   1.00 323.17 ? 229 GLY E CA 1 
ATOM 1042 C C  . GLY A 1 229 ? -14.689 13.773  1.872   1.00 323.17 ? 229 GLY E C  1 
ATOM 1043 O O  . GLY A 1 229 ? -14.876 12.634  1.445   1.00 323.17 ? 229 GLY E O  1 
ATOM 1044 N N  . GLY A 1 230 ? -15.151 14.867  1.277   1.00 311.71 ? 230 GLY E N  1 
ATOM 1045 C CA . GLY A 1 230 ? -15.944 14.768  0.071   1.00 311.71 ? 230 GLY E CA 1 
ATOM 1046 C C  . GLY A 1 230 ? -15.468 15.698  -1.021  1.00 311.71 ? 230 GLY E C  1 
ATOM 1047 O O  . GLY A 1 230 ? -15.375 16.912  -0.818  1.00 311.71 ? 230 GLY E O  1 
ATOM 1048 N N  . TYR A 1 231 ? -15.168 15.138  -2.188  1.00 320.01 ? 231 TYR E N  1 
ATOM 1049 C CA . TYR A 1 231 ? -14.704 15.901  -3.336  1.00 320.01 ? 231 TYR E CA 1 
ATOM 1050 C C  . TYR A 1 231 ? -15.743 15.802  -4.439  1.00 320.01 ? 231 TYR E C  1 
ATOM 1051 O O  . TYR A 1 231 ? -16.201 14.705  -4.770  1.00 320.01 ? 231 TYR E O  1 
ATOM 1052 C CB . TYR A 1 231 ? -13.348 15.402  -3.813  1.00 30.00  ? 231 TYR E CB 1 
ATOM 1053 N N  . VAL A 1 232 ? -16.123 16.949  -4.992  1.00 315.76 ? 232 VAL E N  1 
ATOM 1054 C CA . VAL A 1 232 ? -17.197 17.037  -5.967  1.00 315.76 ? 232 VAL E CA 1 
ATOM 1055 C C  . VAL A 1 232 ? -16.565 17.368  -7.319  1.00 315.76 ? 232 VAL E C  1 
ATOM 1056 O O  . VAL A 1 232 ? -15.370 17.633  -7.415  1.00 315.76 ? 232 VAL E O  1 
ATOM 1057 C CB . VAL A 1 232 ? -18.229 18.079  -5.564  1.00 30.00  ? 232 VAL E CB 1 
ATOM 1058 N N  . LEU A 1 233 ? -17.373 17.297  -8.376  1.00 320.79 ? 233 LEU E N  1 
ATOM 1059 C CA . LEU A 1 233 ? -16.991 17.836  -9.674  1.00 320.79 ? 233 LEU E CA 1 
ATOM 1060 C C  . LEU A 1 233 ? -18.163 18.640  -10.220 1.00 320.79 ? 233 LEU E C  1 
ATOM 1061 O O  . LEU A 1 233 ? -19.104 18.935  -9.479  1.00 320.79 ? 233 LEU E O  1 
ATOM 1062 C CB . LEU A 1 233 ? -16.589 16.727  -10.633 1.00 30.00  ? 233 LEU E CB 1 
ATOM 1063 N N  . GLY A 1 234 ? -18.123 19.020  -11.493 1.00 320.82 ? 234 GLY E N  1 
ATOM 1064 C CA . GLY A 1 234 ? -19.208 19.815  -12.034 1.00 320.82 ? 234 GLY E CA 1 
ATOM 1065 C C  . GLY A 1 234 ? -19.418 19.644  -13.519 1.00 320.82 ? 234 GLY E C  1 
ATOM 1066 O O  . GLY A 1 234 ? -18.477 19.752  -14.311 1.00 320.82 ? 234 GLY E O  1 
ATOM 1067 N N  . PHE A 1 235 ? -20.666 19.373  -13.904 1.00 330.62 ? 235 PHE E N  1 
ATOM 1068 C CA . PHE A 1 235 ? -20.985 19.029  -15.281 1.00 330.62 ? 235 PHE E CA 1 
ATOM 1069 C C  . PHE A 1 235 ? -22.232 19.720  -15.812 1.00 330.62 ? 235 PHE E C  1 
ATOM 1070 O O  . PHE A 1 235 ? -22.661 19.400  -16.926 1.00 330.62 ? 235 PHE E O  1 
ATOM 1071 C CB . PHE A 1 235 ? -21.138 17.521  -15.411 1.00 30.00  ? 235 PHE E CB 1 
ATOM 1072 N N  . LYS A 1 236 ? -22.812 20.668  -15.073 1.00 335.05 ? 236 LYS E N  1 
ATOM 1073 C CA . LYS A 1 236 ? -23.919 21.499  -15.546 1.00 335.05 ? 236 LYS E CA 1 
ATOM 1074 C C  . LYS A 1 236 ? -23.430 22.673  -16.385 1.00 335.05 ? 236 LYS E C  1 
ATOM 1075 O O  . LYS A 1 236 ? -24.206 23.567  -16.733 1.00 335.05 ? 236 LYS E O  1 
ATOM 1076 C CB . LYS A 1 236 ? -24.741 21.999  -14.368 1.00 30.00  ? 236 LYS E CB 1 
ATOM 1077 N N  . ILE A 1 237 ? -22.142 22.694  -16.722 1.00 349.44 ? 237 ILE E N  1 
ATOM 1078 C CA . ILE A 1 237 ? -21.553 23.843  -17.390 1.00 349.44 ? 237 ILE E CA 1 
ATOM 1079 C C  . ILE A 1 237 ? -21.699 23.731  -18.907 1.00 349.44 ? 237 ILE E C  1 
ATOM 1080 O O  . ILE A 1 237 ? -21.657 24.753  -19.608 1.00 349.44 ? 237 ILE E O  1 
ATOM 1081 C CB . ILE A 1 237 ? -20.089 23.988  -17.006 1.00 30.00  ? 237 ILE E CB 1 
ATOM 1082 N N  . ASP A 1 238 ? -21.937 22.532  -19.428 1.00 350.73 ? 238 ASP E N  1 
ATOM 1083 C CA . ASP A 1 238 ? -22.172 22.336  -20.852 1.00 350.73 ? 238 ASP E CA 1 
ATOM 1084 C C  . ASP A 1 238 ? -23.111 21.151  -21.019 1.00 350.73 ? 238 ASP E C  1 
ATOM 1085 O O  . ASP A 1 238 ? -23.255 20.337  -20.097 1.00 350.73 ? 238 ASP E O  1 
ATOM 1086 C CB . ASP A 1 238 ? -20.866 22.116  -21.601 1.00 30.00  ? 238 ASP E CB 1 
ATOM 1087 N N  . PRO A 1 239 ? -23.777 21.029  -22.177 1.00 342.00 ? 239 PRO E N  1 
ATOM 1088 C CA . PRO A 1 239 ? -24.396 19.743  -22.518 1.00 342.00 ? 239 PRO E CA 1 
ATOM 1089 C C  . PRO A 1 239 ? -23.305 18.713  -22.743 1.00 342.00 ? 239 PRO E C  1 
ATOM 1090 O O  . PRO A 1 239 ? -22.585 18.760  -23.745 1.00 342.00 ? 239 PRO E O  1 
ATOM 1091 C CB . PRO A 1 239 ? -25.286 19.875  -23.744 1.00 30.00  ? 239 PRO E CB 1 
ATOM 1092 N N  . VAL A 1 240 ? -23.179 17.776  -21.811 1.00 324.56 ? 240 VAL E N  1 
ATOM 1093 C CA . VAL A 1 240 ? -21.922 17.073  -21.616 1.00 324.56 ? 240 VAL E CA 1 
ATOM 1094 C C  . VAL A 1 240 ? -21.964 15.616  -22.068 1.00 324.56 ? 240 VAL E C  1 
ATOM 1095 O O  . VAL A 1 240 ? -20.961 15.142  -22.627 1.00 324.56 ? 240 VAL E O  1 
ATOM 1096 C CB . VAL A 1 240 ? -21.512 17.148  -20.154 1.00 30.00  ? 240 VAL E CB 1 
ATOM 1097 N N  . GLU A 1 241 ? -23.093 14.912  -21.898 1.00 319.78 ? 241 GLU E N  1 
ATOM 1098 C CA . GLU A 1 241 ? -23.326 13.501  -22.281 1.00 319.78 ? 241 GLU E CA 1 
ATOM 1099 C C  . GLU A 1 241 ? -22.247 12.532  -21.765 1.00 319.78 ? 241 GLU E C  1 
ATOM 1100 O O  . GLU A 1 241 ? -22.086 11.412  -22.258 1.00 319.78 ? 241 GLU E O  1 
ATOM 1101 C CB . GLU A 1 241 ? -23.434 13.392  -23.794 1.00 30.00  ? 241 GLU E CB 1 
ATOM 1102 N N  . LYS A 1 242 ? -21.560 12.932  -20.695 1.00 286.89 ? 242 LYS E N  1 
ATOM 1103 C CA . LYS A 1 242 ? -20.455 12.159  -20.155 1.00 286.89 ? 242 LYS E CA 1 
ATOM 1104 C C  . LYS A 1 242 ? -20.634 11.788  -18.691 1.00 286.89 ? 242 LYS E C  1 
ATOM 1105 O O  . LYS A 1 242 ? -19.785 11.073  -18.147 1.00 286.89 ? 242 LYS E O  1 
ATOM 1106 C CB . LYS A 1 242 ? -19.153 12.924  -20.338 1.00 30.00  ? 242 LYS E CB 1 
ATOM 1107 N N  . LEU A 1 243 ? -21.700 12.252  -18.032 1.00 274.64 ? 243 LEU E N  1 
ATOM 1108 C CA . LEU A 1 243 ? -21.883 11.888  -16.633 1.00 274.64 ? 243 LEU E CA 1 
ATOM 1109 C C  . LEU A 1 243 ? -22.343 10.444  -16.506 1.00 274.64 ? 243 LEU E C  1 
ATOM 1110 O O  . LEU A 1 243 ? -21.972 9.754   -15.551 1.00 274.64 ? 243 LEU E O  1 
ATOM 1111 C CB . LEU A 1 243 ? -22.875 12.826  -15.963 1.00 30.00  ? 243 LEU E CB 1 
ATOM 1112 N N  . GLN A 1 244 ? -23.136 9.962   -17.461 1.00 265.30 ? 244 GLN E N  1 
ATOM 1113 C CA . GLN A 1 244 ? -23.498 8.553   -17.430 1.00 265.30 ? 244 GLN E CA 1 
ATOM 1114 C C  . GLN A 1 244 ? -22.365 7.686   -17.954 1.00 265.30 ? 244 GLN E C  1 
ATOM 1115 O O  . GLN A 1 244 ? -22.306 6.492   -17.645 1.00 265.30 ? 244 GLN E O  1 
ATOM 1116 C CB . GLN A 1 244 ? -24.768 8.314   -18.235 1.00 30.00  ? 244 GLN E CB 1 
ATOM 1117 N N  . GLU A 1 245 ? -21.466 8.266   -18.750 1.00 280.49 ? 245 GLU E N  1 
ATOM 1118 C CA . GLU A 1 245 ? -20.199 7.616   -19.064 1.00 280.49 ? 245 GLU E CA 1 
ATOM 1119 C C  . GLU A 1 245 ? -19.330 7.468   -17.822 1.00 280.49 ? 245 GLU E C  1 
ATOM 1120 O O  . GLU A 1 245 ? -18.661 6.440   -17.651 1.00 280.49 ? 245 GLU E O  1 
ATOM 1121 C CB . GLU A 1 245 ? -19.458 8.393   -20.141 1.00 30.00  ? 245 GLU E CB 1 
ATOM 1122 N N  . SER A 1 246 ? -19.364 8.464   -16.937 1.00 277.60 ? 246 SER E N  1 
ATOM 1123 C CA . SER A 1 246 ? -18.470 8.514   -15.790 1.00 277.60 ? 246 SER E CA 1 
ATOM 1124 C C  . SER A 1 246 ? -18.772 7.437   -14.760 1.00 277.60 ? 246 SER E C  1 
ATOM 1125 O O  . SER A 1 246 ? -17.858 6.716   -14.348 1.00 277.60 ? 246 SER E O  1 
ATOM 1126 C CB . SER A 1 246 ? -18.536 9.889   -15.141 1.00 30.00  ? 246 SER E CB 1 
ATOM 1127 N N  . VAL A 1 247 ? -20.038 7.309   -14.355 1.00 264.26 ? 247 VAL E N  1 
ATOM 1128 C CA . VAL A 1 247 ? -20.387 6.505   -13.189 1.00 264.26 ? 247 VAL E CA 1 
ATOM 1129 C C  . VAL A 1 247 ? -20.205 5.018   -13.485 1.00 264.26 ? 247 VAL E C  1 
ATOM 1130 O O  . VAL A 1 247 ? -19.910 4.222   -12.585 1.00 264.26 ? 247 VAL E O  1 
ATOM 1131 C CB . VAL A 1 247 ? -21.816 6.792   -12.750 1.00 30.00  ? 247 VAL E CB 1 
ATOM 1132 N N  . LYS A 1 248 ? -20.286 4.636   -14.759 1.00 261.46 ? 248 LYS E N  1 
ATOM 1133 C CA . LYS A 1 248 ? -20.052 3.245   -15.128 1.00 261.46 ? 248 LYS E CA 1 
ATOM 1134 C C  . LYS A 1 248 ? -18.586 2.859   -14.991 1.00 261.46 ? 248 LYS E C  1 
ATOM 1135 O O  . LYS A 1 248 ? -18.277 1.795   -14.441 1.00 261.46 ? 248 LYS E O  1 
ATOM 1136 C CB . LYS A 1 248 ? -20.533 2.990   -16.548 1.00 30.00  ? 248 LYS E CB 1 
ATOM 1137 N N  . GLU A 1 249 ? -17.679 3.699   -15.494 1.00 256.55 ? 249 GLU E N  1 
ATOM 1138 C CA . GLU A 1 249 ? -16.252 3.412   -15.440 1.00 256.55 ? 249 GLU E CA 1 
ATOM 1139 C C  . GLU A 1 249 ? -15.712 3.390   -14.020 1.00 256.55 ? 249 GLU E C  1 
ATOM 1140 O O  . GLU A 1 249 ? -14.846 2.568   -13.704 1.00 256.55 ? 249 GLU E O  1 
ATOM 1141 C CB . GLU A 1 249 ? -15.485 4.427   -16.273 1.00 30.00  ? 249 GLU E CB 1 
ATOM 1142 N N  . ILE A 1 250 ? -16.208 4.271   -13.156 1.00 269.37 ? 250 ILE E N  1 
ATOM 1143 C CA . ILE A 1 250 ? -15.596 4.423   -11.844 1.00 269.37 ? 250 ILE E CA 1 
ATOM 1144 C C  . ILE A 1 250 ? -16.224 3.482   -10.824 1.00 269.37 ? 250 ILE E C  1 
ATOM 1145 O O  . ILE A 1 250 ? -15.604 3.155   -9.808  1.00 269.37 ? 250 ILE E O  1 
ATOM 1146 C CB . ILE A 1 250 ? -15.707 5.865   -11.374 1.00 30.00  ? 250 ILE E CB 1 
ATOM 1147 N N  . ASN A 1 251 ? -17.451 3.020   -11.064 1.00 266.57 ? 251 ASN E N  1 
ATOM 1148 C CA . ASN A 1 251 ? -17.991 2.003   -10.174 1.00 266.57 ? 251 ASN E CA 1 
ATOM 1149 C C  . ASN A 1 251 ? -17.421 0.635   -10.503 1.00 266.57 ? 251 ASN E C  1 
ATOM 1150 O O  . ASN A 1 251 ? -17.250 -0.198  -9.606  1.00 266.57 ? 251 ASN E O  1 
ATOM 1151 C CB . ASN A 1 251 ? -19.511 1.982   -10.252 1.00 30.00  ? 251 ASN E CB 1 
ATOM 1152 N N  . SER A 1 252 ? -17.122 0.390   -11.776 1.00 263.93 ? 252 SER E N  1 
ATOM 1153 C CA . SER A 1 252 ? -16.547 -0.884  -12.188 1.00 263.93 ? 252 SER E CA 1 
ATOM 1154 C C  . SER A 1 252 ? -15.098 -1.010  -11.740 1.00 263.93 ? 252 SER E C  1 
ATOM 1155 O O  . SER A 1 252 ? -14.748 -1.914  -10.973 1.00 263.93 ? 252 SER E O  1 
ATOM 1156 C CB . SER A 1 252 ? -16.652 -1.047  -13.697 1.00 30.00  ? 252 SER E CB 1 
ATOM 1157 N N  . LEU A 1 253 ? -14.248 -0.108  -12.209 1.00 264.88 ? 253 LEU E N  1 
ATOM 1158 C CA . LEU A 1 253 ? -12.834 -0.157  -11.905 1.00 264.88 ? 253 LEU E CA 1 
ATOM 1159 C C  . LEU A 1 253 ? -12.592 0.315   -10.483 1.00 264.88 ? 253 LEU E C  1 
ATOM 1160 O O  . LEU A 1 253 ? -13.442 0.978   -9.893  1.00 264.88 ? 253 LEU E O  1 
ATOM 1161 C CB . LEU A 1 253 ? -12.042 0.684   -12.895 1.00 30.00  ? 253 LEU E CB 1 
# 
